data_8G3R
#
_entry.id   8G3R
#
_cell.length_a   1.00
_cell.length_b   1.00
_cell.length_c   1.00
_cell.angle_alpha   90.00
_cell.angle_beta   90.00
_cell.angle_gamma   90.00
#
_symmetry.space_group_name_H-M   'P 1'
#
loop_
_entity.id
_entity.type
_entity.pdbx_description
1 polymer Neuraminidase
2 polymer 'FNI17 Fab light chain'
3 polymer 'FNI17 Fab heavy chain'
4 branched 2-acetamido-2-deoxy-beta-D-glucopyranose-(1-4)-2-acetamido-2-deoxy-beta-D-glucopyranose
5 branched alpha-D-mannopyranose-(1-2)-alpha-D-mannopyranose-(1-3)-[alpha-D-mannopyranose-(1-3)-[alpha-D-mannopyranose-(1-6)]alpha-D-mannopyranose-(1-6)]beta-D-mannopyranose-(1-4)-2-acetamido-2-deoxy-beta-D-glucopyranose-(1-4)-2-acetamido-2-deoxy-beta-D-glucopyranose
6 branched 2-acetamido-2-deoxy-beta-D-glucopyranose-(1-4)-[alpha-L-fucopyranose-(1-6)]2-acetamido-2-deoxy-beta-D-glucopyranose
7 non-polymer 'CALCIUM ION'
#
loop_
_entity_poly.entity_id
_entity_poly.type
_entity_poly.pdbx_seq_one_letter_code
_entity_poly.pdbx_strand_id
1 'polypeptide(L)'
;METDTLLLWVLLLWVPGSTGDHHHHHHGSGLNDIFEAQKIEWHEGSIINETADDIVYRLTVIIDDRYESLKNLITLRADR
LEMIINDNVSTILASGLVPRGSGSAEYRNWSKPQCDITGFAPFSKDNSIRLSAGGDIWVTREPYVSCDPDKCYQFALGQG
TTLNNVHSNNTVRDRTPYRTLLMNELGVPFHLGTKQVCIAWSSSSCHDGKAWLHVCITGDDKNATASFIYNGRLVDSVVS
WSKEILRTQESECVCINGTCTVVMTDGNATGKADTKILFIEEGKIVHTSTLSGSAQHVEECSCYPRYPGVRCVCRDNWKG
SNRPIVDINIKDHSIVSSYVCSGLVGDTPRKNDSSSSSHCLDPNNEEGGHGVKGWAFDDGNDVWMGRTINETSRLGYETF
KVIEGWSNPKSKLQINRQVIVDRGNRSGYSGIFSVEGKSCINRCFYVELIRGRKEETEVLWTSNSIVVFCGTSGTYGTGS
WPDGADLNLMPI
;
E,G,F,H
2 'polypeptide(L)'
;EIVMTQSPATLSVSPGERATLSCRASQSVGSSLVWYQQKPGQAPRLLIYGASTRATGVPARFSGSGSGTEFTLTISSLQS
EDFAVYYCQHYNNWPPWTFGQGTKVEIKRTVAAPSVFIFPPSDEQLKSGTASVVCLLNNFYPREAKVQWKVDNALQSGNS
QESVTEQDSKDSTYSLSSTLTLSKADYEKHKVYACEVTHQGLSSPVTKSFNRGEC
;
B
3 'polypeptide(L)'
;QVQLVQSGAEVKRPGSSVKVSCKPSGGTFSNNVISWVRQAPGQGLEWMGGIIPTSGIANYAQKFQGRVAIIADKSTSTVY
MALSSLRSEDSAVYFCARARSDYFNRDLGWEDYYFENWGQGTLVTVSSASTKGPSVFPLAPSSKSTSGGTAALGCLVKDY
FPEPVTVSWNSGALTSGVHTFPAVLQSSGLYSLSSVVTVPSSSLGTQTYICNVNHKPSNTKVDKRVEPKSC
;
C
#
# COMPACT_ATOMS: atom_id res chain seq x y z
N ALA A 105 18.80 -19.88 -9.97
CA ALA A 105 18.51 -20.31 -8.58
C ALA A 105 18.61 -21.84 -8.46
N GLU A 106 19.14 -22.33 -7.35
CA GLU A 106 19.23 -23.78 -7.03
C GLU A 106 17.94 -24.26 -6.33
N TYR A 107 17.73 -25.56 -6.25
CA TYR A 107 16.70 -26.11 -5.34
C TYR A 107 17.10 -25.91 -3.87
N ARG A 108 16.12 -25.61 -3.04
CA ARG A 108 16.24 -25.69 -1.56
C ARG A 108 16.59 -27.12 -1.11
N ASN A 109 17.53 -27.24 -0.17
CA ASN A 109 17.82 -28.54 0.48
C ASN A 109 17.63 -28.48 2.01
N TRP A 110 17.50 -27.29 2.63
CA TRP A 110 17.27 -27.11 4.09
C TRP A 110 18.31 -27.84 4.98
N SER A 111 19.52 -28.10 4.49
CA SER A 111 20.48 -28.99 5.17
C SER A 111 21.27 -28.30 6.30
N LYS A 112 21.01 -27.04 6.61
CA LYS A 112 21.54 -26.36 7.82
C LYS A 112 20.92 -26.94 9.09
N PRO A 113 21.60 -26.91 10.26
CA PRO A 113 20.99 -27.30 11.53
C PRO A 113 19.82 -26.39 11.92
N GLN A 114 18.90 -26.90 12.74
CA GLN A 114 17.83 -26.06 13.34
C GLN A 114 18.47 -25.04 14.27
N CYS A 115 18.01 -23.79 14.22
CA CYS A 115 18.48 -22.70 15.10
C CYS A 115 18.23 -23.02 16.57
N ASP A 116 19.08 -22.49 17.46
CA ASP A 116 18.76 -22.44 18.91
C ASP A 116 17.54 -21.56 19.14
N ILE A 117 16.58 -22.05 19.90
CA ILE A 117 15.31 -21.33 20.15
C ILE A 117 15.18 -21.21 21.67
N THR A 118 15.03 -19.98 22.16
CA THR A 118 14.71 -19.66 23.56
C THR A 118 13.23 -19.36 23.68
N GLY A 119 12.56 -19.23 22.54
CA GLY A 119 11.15 -18.79 22.45
C GLY A 119 10.99 -18.07 21.13
N PHE A 120 9.97 -17.25 21.02
CA PHE A 120 9.55 -16.65 19.73
C PHE A 120 9.40 -15.14 19.91
N ALA A 121 9.81 -14.39 18.90
CA ALA A 121 9.71 -12.92 18.86
C ALA A 121 8.63 -12.52 17.87
N PRO A 122 7.88 -11.41 18.09
CA PRO A 122 6.86 -10.96 17.13
C PRO A 122 7.47 -10.65 15.76
N PHE A 123 6.78 -11.06 14.70
CA PHE A 123 7.28 -10.92 13.30
C PHE A 123 6.30 -10.15 12.43
N SER A 124 5.00 -10.45 12.45
CA SER A 124 4.05 -9.80 11.52
C SER A 124 2.63 -9.89 12.05
N LYS A 125 1.80 -8.93 11.72
CA LYS A 125 0.35 -8.94 12.02
C LYS A 125 -0.33 -8.18 10.89
N ASP A 126 -1.51 -8.63 10.44
CA ASP A 126 -2.14 -8.06 9.21
C ASP A 126 -3.21 -7.04 9.56
N ASN A 127 -3.84 -7.14 10.74
CA ASN A 127 -4.94 -6.23 11.18
C ASN A 127 -6.10 -6.24 10.19
N SER A 128 -6.31 -7.31 9.45
CA SER A 128 -7.19 -7.29 8.26
C SER A 128 -8.67 -7.11 8.65
N ILE A 129 -9.15 -7.60 9.79
CA ILE A 129 -10.58 -7.35 10.17
C ILE A 129 -10.74 -5.87 10.54
N ARG A 130 -9.79 -5.27 11.23
CA ARG A 130 -9.82 -3.82 11.57
C ARG A 130 -9.81 -2.98 10.28
N LEU A 131 -8.96 -3.35 9.32
CA LEU A 131 -8.88 -2.67 8.00
C LEU A 131 -10.15 -2.89 7.18
N SER A 132 -10.82 -4.04 7.26
CA SER A 132 -12.09 -4.36 6.58
C SER A 132 -13.20 -3.36 6.90
N ALA A 133 -13.18 -2.75 8.08
CA ALA A 133 -14.25 -1.83 8.53
C ALA A 133 -14.18 -0.48 7.80
N GLY A 134 -13.14 -0.23 7.00
CA GLY A 134 -12.98 1.01 6.22
C GLY A 134 -12.05 0.75 5.07
N GLY A 135 -12.44 -0.15 4.18
CA GLY A 135 -11.53 -0.73 3.17
C GLY A 135 -12.13 -1.95 2.51
N ASP A 136 -11.73 -2.23 1.27
CA ASP A 136 -12.19 -3.43 0.52
C ASP A 136 -11.20 -4.55 0.79
N ILE A 137 -11.50 -5.38 1.79
CA ILE A 137 -10.60 -6.49 2.21
C ILE A 137 -11.35 -7.80 1.98
N TRP A 138 -10.66 -8.78 1.41
CA TRP A 138 -11.17 -10.16 1.20
C TRP A 138 -11.63 -10.85 2.49
N VAL A 139 -12.79 -11.51 2.46
CA VAL A 139 -13.17 -12.51 3.48
C VAL A 139 -12.31 -13.76 3.28
N THR A 140 -11.71 -14.25 4.34
CA THR A 140 -10.76 -15.39 4.29
C THR A 140 -10.97 -16.34 5.46
N ARG A 141 -10.40 -17.53 5.34
CA ARG A 141 -10.10 -18.43 6.48
C ARG A 141 -8.96 -19.34 6.05
N GLU A 142 -8.45 -20.13 6.99
CA GLU A 142 -7.38 -21.12 6.79
C GLU A 142 -6.16 -20.42 6.16
N PRO A 143 -5.62 -19.37 6.82
CA PRO A 143 -4.40 -18.73 6.36
C PRO A 143 -3.17 -19.61 6.61
N TYR A 144 -2.09 -19.27 5.94
CA TYR A 144 -0.76 -19.80 6.29
C TYR A 144 0.34 -18.92 5.70
N VAL A 145 1.55 -19.16 6.13
CA VAL A 145 2.73 -18.38 5.68
C VAL A 145 3.68 -19.36 5.03
N SER A 146 4.26 -18.94 3.92
CA SER A 146 5.38 -19.67 3.28
C SER A 146 6.29 -18.64 2.66
N CYS A 147 7.58 -18.92 2.58
CA CYS A 147 8.57 -17.93 2.10
C CYS A 147 9.24 -18.48 0.85
N ASP A 148 9.48 -17.62 -0.13
CA ASP A 148 10.52 -17.91 -1.16
C ASP A 148 11.88 -17.60 -0.53
N PRO A 149 13.01 -17.83 -1.22
CA PRO A 149 14.33 -17.54 -0.62
C PRO A 149 14.57 -16.09 -0.19
N ASP A 150 13.79 -15.13 -0.68
CA ASP A 150 13.95 -13.69 -0.37
C ASP A 150 12.89 -13.20 0.62
N LYS A 151 11.61 -13.51 0.39
CA LYS A 151 10.46 -12.87 1.07
C LYS A 151 9.48 -13.92 1.62
N CYS A 152 8.76 -13.58 2.67
CA CYS A 152 7.63 -14.40 3.14
C CYS A 152 6.32 -13.90 2.50
N TYR A 153 5.38 -14.82 2.32
CA TYR A 153 4.07 -14.56 1.72
C TYR A 153 3.00 -15.06 2.67
N GLN A 154 1.92 -14.32 2.74
CA GLN A 154 0.71 -14.80 3.43
C GLN A 154 -0.21 -15.38 2.36
N PHE A 155 -0.83 -16.49 2.71
CA PHE A 155 -1.81 -17.21 1.90
C PHE A 155 -3.08 -17.29 2.70
N ALA A 156 -4.21 -17.30 2.03
CA ALA A 156 -5.47 -17.69 2.67
C ALA A 156 -6.47 -18.19 1.63
N LEU A 157 -7.49 -18.88 2.07
CA LEU A 157 -8.58 -19.27 1.17
C LEU A 157 -9.62 -18.17 1.21
N GLY A 158 -9.77 -17.44 0.12
CA GLY A 158 -10.82 -16.42 -0.02
C GLY A 158 -12.19 -17.06 -0.04
N GLN A 159 -13.21 -16.25 0.19
CA GLN A 159 -14.62 -16.69 0.05
C GLN A 159 -15.25 -16.04 -1.18
N GLY A 160 -14.46 -15.62 -2.18
CA GLY A 160 -14.94 -14.97 -3.42
C GLY A 160 -15.72 -13.69 -3.13
N THR A 161 -15.35 -12.96 -2.08
CA THR A 161 -16.09 -11.76 -1.62
C THR A 161 -15.16 -10.89 -0.75
N THR A 162 -15.43 -9.60 -0.68
CA THR A 162 -14.84 -8.71 0.34
C THR A 162 -15.76 -8.73 1.54
N LEU A 163 -15.31 -8.18 2.67
CA LEU A 163 -16.10 -8.28 3.94
C LEU A 163 -17.29 -7.32 3.89
N ASN A 164 -17.09 -6.07 3.50
CA ASN A 164 -18.21 -5.11 3.40
C ASN A 164 -18.85 -5.30 2.01
N ASN A 165 -19.72 -6.30 1.91
CA ASN A 165 -20.21 -6.85 0.62
C ASN A 165 -21.42 -7.73 0.95
N VAL A 166 -22.44 -7.76 0.11
CA VAL A 166 -23.62 -8.65 0.35
C VAL A 166 -23.18 -10.12 0.29
N HIS A 167 -22.17 -10.46 -0.49
CA HIS A 167 -21.70 -11.86 -0.64
C HIS A 167 -20.95 -12.37 0.61
N SER A 168 -20.68 -11.54 1.62
CA SER A 168 -19.95 -11.98 2.84
C SER A 168 -20.91 -12.74 3.78
N ASN A 169 -22.21 -12.66 3.58
CA ASN A 169 -23.20 -13.49 4.32
C ASN A 169 -22.94 -14.98 4.13
N ASN A 170 -23.17 -15.80 5.16
CA ASN A 170 -23.03 -17.29 5.12
C ASN A 170 -21.61 -17.75 4.78
N THR A 171 -20.57 -16.97 5.04
CA THR A 171 -19.16 -17.36 4.75
C THR A 171 -18.59 -18.27 5.85
N VAL A 172 -19.42 -18.77 6.76
CA VAL A 172 -19.10 -19.90 7.67
C VAL A 172 -18.93 -21.21 6.89
N ARG A 173 -19.61 -21.36 5.74
CA ARG A 173 -19.45 -22.55 4.85
C ARG A 173 -18.01 -22.66 4.38
N ASP A 174 -17.43 -23.85 4.49
CA ASP A 174 -15.98 -24.02 4.23
C ASP A 174 -15.70 -24.41 2.79
N ARG A 175 -16.65 -25.01 2.06
CA ARG A 175 -16.42 -25.46 0.66
C ARG A 175 -17.48 -24.85 -0.26
N THR A 176 -17.05 -24.03 -1.22
CA THR A 176 -17.91 -23.38 -2.24
C THR A 176 -17.12 -23.29 -3.54
N PRO A 177 -17.77 -23.14 -4.72
CA PRO A 177 -17.03 -23.00 -5.97
C PRO A 177 -16.24 -21.68 -6.09
N TYR A 178 -16.54 -20.70 -5.21
CA TYR A 178 -16.00 -19.32 -5.29
C TYR A 178 -14.71 -19.18 -4.49
N ARG A 179 -14.33 -20.17 -3.69
CA ARG A 179 -13.10 -20.10 -2.86
C ARG A 179 -11.89 -20.21 -3.75
N THR A 180 -10.90 -19.37 -3.50
CA THR A 180 -9.65 -19.27 -4.28
C THR A 180 -8.51 -19.09 -3.29
N LEU A 181 -7.31 -19.51 -3.66
CA LEU A 181 -6.14 -19.26 -2.83
C LEU A 181 -5.62 -17.84 -3.09
N LEU A 182 -5.68 -16.98 -2.08
CA LEU A 182 -5.10 -15.60 -2.14
C LEU A 182 -3.62 -15.66 -1.76
N MET A 183 -2.78 -14.89 -2.41
CA MET A 183 -1.34 -14.82 -2.13
C MET A 183 -0.86 -13.35 -2.14
N ASN A 184 -0.21 -12.90 -1.07
CA ASN A 184 0.42 -11.57 -0.95
C ASN A 184 1.79 -11.74 -0.30
N GLU A 185 2.69 -10.79 -0.46
CA GLU A 185 3.82 -10.63 0.47
C GLU A 185 3.27 -10.49 1.90
N LEU A 186 3.97 -11.08 2.87
CA LEU A 186 3.51 -11.06 4.28
C LEU A 186 3.43 -9.62 4.78
N GLY A 187 2.31 -9.25 5.35
CA GLY A 187 2.11 -7.88 5.87
C GLY A 187 1.34 -7.00 4.91
N VAL A 188 1.26 -7.35 3.63
CA VAL A 188 0.28 -6.69 2.72
C VAL A 188 -1.07 -7.35 2.96
N PRO A 189 -2.10 -6.65 3.45
CA PRO A 189 -3.39 -7.27 3.70
C PRO A 189 -4.06 -7.69 2.38
N PHE A 190 -5.09 -8.53 2.45
CA PHE A 190 -5.78 -9.03 1.23
C PHE A 190 -6.77 -7.96 0.74
N HIS A 191 -6.25 -6.96 0.02
CA HIS A 191 -7.00 -5.88 -0.69
C HIS A 191 -7.34 -6.36 -2.12
N LEU A 192 -8.11 -5.59 -2.90
CA LEU A 192 -8.60 -6.01 -4.24
C LEU A 192 -7.48 -6.22 -5.27
N GLY A 193 -6.27 -5.73 -5.08
CA GLY A 193 -5.14 -6.03 -5.98
C GLY A 193 -4.49 -7.39 -5.72
N THR A 194 -4.95 -8.14 -4.73
CA THR A 194 -4.46 -9.50 -4.38
C THR A 194 -4.67 -10.49 -5.51
N LYS A 195 -3.65 -11.27 -5.83
CA LYS A 195 -3.71 -12.38 -6.80
C LYS A 195 -4.41 -13.60 -6.20
N GLN A 196 -5.51 -14.02 -6.81
CA GLN A 196 -6.10 -15.38 -6.65
C GLN A 196 -5.23 -16.34 -7.46
N VAL A 197 -4.49 -17.25 -6.85
CA VAL A 197 -3.50 -18.06 -7.61
C VAL A 197 -4.14 -19.33 -8.16
N CYS A 198 -5.28 -19.77 -7.61
CA CYS A 198 -5.98 -20.99 -8.09
C CYS A 198 -7.36 -21.11 -7.45
N ILE A 199 -8.21 -21.97 -8.00
CA ILE A 199 -9.52 -22.29 -7.38
C ILE A 199 -9.27 -23.32 -6.27
N ALA A 200 -9.73 -23.07 -5.05
CA ALA A 200 -9.34 -23.90 -3.89
C ALA A 200 -10.27 -23.67 -2.71
N TRP A 201 -10.84 -24.76 -2.16
CA TRP A 201 -11.37 -24.72 -0.79
C TRP A 201 -10.47 -25.49 0.18
N SER A 202 -9.36 -26.05 -0.29
CA SER A 202 -8.28 -26.59 0.58
C SER A 202 -6.98 -26.42 -0.19
N SER A 203 -5.89 -26.05 0.48
CA SER A 203 -4.61 -25.85 -0.26
C SER A 203 -3.36 -26.08 0.55
N SER A 204 -2.28 -26.12 -0.17
CA SER A 204 -0.92 -26.09 0.39
C SER A 204 -0.04 -25.42 -0.65
N SER A 205 0.98 -24.68 -0.25
CA SER A 205 1.90 -24.00 -1.19
C SER A 205 3.28 -24.14 -0.62
N CYS A 206 4.26 -24.15 -1.51
CA CYS A 206 5.67 -24.08 -1.09
C CYS A 206 6.52 -23.67 -2.27
N HIS A 207 7.70 -23.15 -1.98
CA HIS A 207 8.66 -22.72 -2.99
C HIS A 207 9.81 -23.71 -2.92
N ASP A 208 10.22 -24.27 -4.04
CA ASP A 208 11.25 -25.32 -4.06
C ASP A 208 12.65 -24.69 -4.18
N GLY A 209 12.77 -23.36 -4.17
CA GLY A 209 14.03 -22.66 -4.48
C GLY A 209 14.08 -22.12 -5.89
N LYS A 210 13.31 -22.68 -6.83
CA LYS A 210 13.16 -22.16 -8.21
C LYS A 210 11.78 -21.53 -8.41
N ALA A 211 10.70 -22.16 -7.94
CA ALA A 211 9.33 -21.65 -8.19
C ALA A 211 8.34 -22.10 -7.13
N TRP A 212 7.19 -21.44 -7.14
CA TRP A 212 6.02 -21.85 -6.31
C TRP A 212 5.33 -23.10 -6.87
N LEU A 213 5.00 -24.00 -5.96
CA LEU A 213 3.99 -25.07 -6.13
C LEU A 213 2.77 -24.68 -5.33
N HIS A 214 1.60 -24.68 -5.95
CA HIS A 214 0.31 -24.61 -5.23
C HIS A 214 -0.42 -25.93 -5.46
N VAL A 215 -0.93 -26.51 -4.39
CA VAL A 215 -1.79 -27.71 -4.43
C VAL A 215 -3.17 -27.21 -4.09
N CYS A 216 -4.10 -27.31 -5.02
CA CYS A 216 -5.37 -26.59 -4.98
C CYS A 216 -6.52 -27.59 -5.12
N ILE A 217 -7.38 -27.71 -4.13
CA ILE A 217 -8.47 -28.71 -4.17
C ILE A 217 -9.81 -27.97 -4.29
N THR A 218 -10.62 -28.37 -5.26
CA THR A 218 -11.99 -27.80 -5.43
C THR A 218 -12.90 -28.85 -6.06
N GLY A 219 -14.15 -28.51 -6.23
CA GLY A 219 -15.17 -29.37 -6.86
C GLY A 219 -16.12 -29.94 -5.85
N ASP A 220 -16.81 -31.01 -6.23
CA ASP A 220 -17.83 -31.66 -5.36
C ASP A 220 -17.14 -32.30 -4.15
N ASP A 221 -17.82 -32.33 -3.01
CA ASP A 221 -17.34 -33.03 -1.79
C ASP A 221 -17.02 -34.49 -2.13
N LYS A 222 -17.93 -35.16 -2.84
CA LYS A 222 -17.77 -36.61 -3.12
C LYS A 222 -16.87 -36.83 -4.33
N ASN A 223 -16.37 -35.81 -5.02
CA ASN A 223 -15.59 -36.03 -6.25
C ASN A 223 -14.69 -34.83 -6.53
N ALA A 224 -13.86 -34.45 -5.57
CA ALA A 224 -13.00 -33.26 -5.66
C ALA A 224 -11.81 -33.51 -6.58
N THR A 225 -11.24 -32.45 -7.12
CA THR A 225 -9.99 -32.49 -7.93
C THR A 225 -8.91 -31.74 -7.14
N ALA A 226 -7.73 -32.30 -7.01
CA ALA A 226 -6.52 -31.53 -6.64
C ALA A 226 -5.78 -31.15 -7.92
N SER A 227 -5.59 -29.86 -8.17
CA SER A 227 -4.72 -29.31 -9.26
C SER A 227 -3.35 -29.01 -8.67
N PHE A 228 -2.30 -29.34 -9.40
CA PHE A 228 -0.88 -29.04 -9.03
C PHE A 228 -0.41 -27.96 -9.98
N ILE A 229 -0.22 -26.75 -9.47
CA ILE A 229 0.22 -25.58 -10.27
C ILE A 229 1.66 -25.25 -9.89
N TYR A 230 2.56 -25.30 -10.86
CA TYR A 230 3.97 -25.05 -10.62
C TYR A 230 4.50 -24.06 -11.66
N ASN A 231 5.23 -23.07 -11.18
CA ASN A 231 5.77 -21.96 -12.00
C ASN A 231 4.65 -21.37 -12.88
N GLY A 232 3.50 -21.11 -12.28
CA GLY A 232 2.39 -20.42 -12.93
C GLY A 232 1.56 -21.28 -13.88
N ARG A 233 1.82 -22.58 -14.04
CA ARG A 233 1.00 -23.43 -14.96
C ARG A 233 0.56 -24.75 -14.30
N LEU A 234 -0.63 -25.22 -14.68
CA LEU A 234 -1.18 -26.51 -14.21
C LEU A 234 -0.36 -27.64 -14.80
N VAL A 235 0.30 -28.45 -13.96
CA VAL A 235 1.21 -29.54 -14.40
C VAL A 235 0.53 -30.88 -14.19
N ASP A 236 -0.35 -31.01 -13.20
CA ASP A 236 -0.92 -32.32 -12.83
C ASP A 236 -2.23 -32.14 -12.11
N SER A 237 -2.96 -33.24 -11.98
CA SER A 237 -4.18 -33.27 -11.14
C SER A 237 -4.44 -34.71 -10.68
N VAL A 238 -5.18 -34.82 -9.59
CA VAL A 238 -5.63 -36.15 -9.09
C VAL A 238 -7.06 -36.01 -8.60
N VAL A 239 -7.87 -37.02 -8.83
CA VAL A 239 -9.26 -37.04 -8.26
C VAL A 239 -9.23 -37.59 -6.83
N SER A 240 -10.19 -37.15 -6.02
CA SER A 240 -10.63 -37.79 -4.75
C SER A 240 -10.63 -39.33 -4.87
N TRP A 241 -9.81 -40.01 -4.06
CA TRP A 241 -9.67 -41.49 -4.07
C TRP A 241 -10.73 -42.17 -3.20
N SER A 242 -11.23 -41.53 -2.15
CA SER A 242 -12.21 -42.13 -1.21
C SER A 242 -13.59 -41.48 -1.33
N LYS A 243 -13.73 -40.46 -2.17
CA LYS A 243 -15.00 -39.82 -2.52
C LYS A 243 -15.64 -39.18 -1.29
N GLU A 244 -14.84 -38.58 -0.41
CA GLU A 244 -15.38 -37.97 0.82
C GLU A 244 -14.45 -36.85 1.29
N ILE A 245 -14.52 -35.74 0.58
CA ILE A 245 -13.77 -34.47 0.82
C ILE A 245 -12.26 -34.75 0.83
N LEU A 246 -11.66 -34.83 -0.34
CA LEU A 246 -10.20 -34.77 -0.48
C LEU A 246 -9.74 -33.46 0.17
N ARG A 247 -8.72 -33.48 1.02
CA ARG A 247 -8.26 -32.26 1.73
C ARG A 247 -6.76 -32.35 1.99
N THR A 248 -6.15 -31.20 2.20
CA THR A 248 -4.68 -31.15 2.39
C THR A 248 -4.36 -30.25 3.59
N GLN A 249 -3.13 -29.76 3.66
CA GLN A 249 -2.53 -29.29 4.92
C GLN A 249 -3.13 -27.97 5.45
N GLU A 250 -3.58 -27.06 4.60
CA GLU A 250 -3.89 -25.63 4.95
C GLU A 250 -2.64 -24.94 5.52
N SER A 251 -1.44 -25.35 5.09
CA SER A 251 -0.15 -24.74 5.47
C SER A 251 0.92 -25.14 4.45
N GLU A 252 2.14 -24.67 4.62
CA GLU A 252 3.18 -24.90 3.62
C GLU A 252 3.54 -26.39 3.47
N CYS A 253 3.75 -26.80 2.23
CA CYS A 253 4.41 -28.07 1.87
C CYS A 253 5.91 -27.87 2.00
N VAL A 254 6.71 -28.91 1.83
CA VAL A 254 8.16 -28.83 2.07
C VAL A 254 8.87 -29.48 0.90
N CYS A 255 9.89 -28.82 0.36
CA CYS A 255 10.63 -29.32 -0.81
C CYS A 255 12.09 -29.52 -0.43
N ILE A 256 12.66 -30.68 -0.74
CA ILE A 256 14.12 -30.92 -0.59
C ILE A 256 14.62 -31.43 -1.93
N ASN A 257 15.68 -30.80 -2.46
CA ASN A 257 16.29 -31.17 -3.76
C ASN A 257 15.22 -31.25 -4.88
N GLY A 258 14.23 -30.37 -4.87
CA GLY A 258 13.25 -30.26 -5.96
C GLY A 258 12.11 -31.25 -5.87
N THR A 259 12.08 -32.10 -4.85
CA THR A 259 10.91 -32.98 -4.54
C THR A 259 10.12 -32.33 -3.41
N CYS A 260 8.88 -31.97 -3.66
CA CYS A 260 7.97 -31.40 -2.66
C CYS A 260 7.04 -32.50 -2.14
N THR A 261 6.81 -32.54 -0.85
CA THR A 261 5.87 -33.51 -0.24
C THR A 261 4.68 -32.78 0.33
N VAL A 262 3.51 -33.33 0.06
CA VAL A 262 2.26 -32.80 0.62
C VAL A 262 1.47 -33.98 1.17
N VAL A 263 0.82 -33.77 2.30
CA VAL A 263 -0.02 -34.82 2.94
C VAL A 263 -1.47 -34.51 2.58
N MET A 264 -2.17 -35.51 2.07
CA MET A 264 -3.57 -35.40 1.63
C MET A 264 -4.39 -36.52 2.24
N THR A 265 -5.62 -36.22 2.60
CA THR A 265 -6.52 -37.20 3.25
C THR A 265 -7.88 -37.14 2.54
N ASP A 266 -8.52 -38.30 2.46
CA ASP A 266 -9.89 -38.43 1.90
C ASP A 266 -10.62 -39.43 2.79
N GLY A 267 -11.91 -39.25 3.05
CA GLY A 267 -12.61 -40.17 3.96
C GLY A 267 -13.14 -39.48 5.20
N ASN A 268 -13.52 -40.27 6.19
CA ASN A 268 -14.32 -39.82 7.36
C ASN A 268 -13.67 -38.67 8.14
N ALA A 269 -14.46 -37.67 8.53
CA ALA A 269 -14.02 -36.59 9.44
C ALA A 269 -13.81 -37.16 10.86
N THR A 270 -14.68 -38.06 11.33
CA THR A 270 -14.62 -38.64 12.70
C THR A 270 -14.80 -40.14 12.57
N GLY A 271 -13.75 -40.81 12.11
CA GLY A 271 -13.73 -42.23 11.73
C GLY A 271 -12.53 -42.50 10.85
N LYS A 272 -12.34 -43.73 10.39
CA LYS A 272 -11.14 -44.07 9.56
C LYS A 272 -11.18 -43.34 8.20
N ALA A 273 -10.02 -42.83 7.77
CA ALA A 273 -9.83 -42.08 6.51
C ALA A 273 -8.57 -42.56 5.80
N ASP A 274 -8.44 -42.25 4.52
CA ASP A 274 -7.30 -42.69 3.68
C ASP A 274 -6.35 -41.52 3.47
N THR A 275 -5.18 -41.57 4.09
CA THR A 275 -4.15 -40.51 4.01
C THR A 275 -3.04 -40.98 3.09
N LYS A 276 -2.64 -40.12 2.17
CA LYS A 276 -1.51 -40.39 1.26
C LYS A 276 -0.53 -39.22 1.28
N ILE A 277 0.72 -39.51 1.02
CA ILE A 277 1.79 -38.50 0.91
C ILE A 277 2.21 -38.49 -0.55
N LEU A 278 2.06 -37.35 -1.21
CA LEU A 278 2.39 -37.19 -2.64
C LEU A 278 3.78 -36.55 -2.76
N PHE A 279 4.60 -37.09 -3.63
CA PHE A 279 5.96 -36.58 -3.93
C PHE A 279 5.89 -35.93 -5.30
N ILE A 280 6.23 -34.65 -5.38
CA ILE A 280 5.90 -33.78 -6.54
C ILE A 280 7.19 -33.12 -7.02
N GLU A 281 7.50 -33.25 -8.30
CA GLU A 281 8.73 -32.67 -8.90
C GLU A 281 8.32 -31.75 -10.05
N GLU A 282 8.61 -30.46 -9.90
CA GLU A 282 8.20 -29.37 -10.82
C GLU A 282 6.71 -29.48 -11.16
N GLY A 283 5.88 -29.78 -10.18
CA GLY A 283 4.40 -29.88 -10.32
C GLY A 283 3.90 -31.26 -10.74
N LYS A 284 4.75 -32.19 -11.17
CA LYS A 284 4.35 -33.56 -11.60
C LYS A 284 4.34 -34.50 -10.39
N ILE A 285 3.24 -35.23 -10.16
CA ILE A 285 3.20 -36.26 -9.09
C ILE A 285 4.09 -37.43 -9.55
N VAL A 286 5.21 -37.65 -8.86
CA VAL A 286 6.16 -38.74 -9.23
C VAL A 286 5.96 -39.98 -8.36
N HIS A 287 5.42 -39.83 -7.15
CA HIS A 287 5.16 -40.97 -6.25
C HIS A 287 4.01 -40.67 -5.29
N THR A 288 3.34 -41.70 -4.83
CA THR A 288 2.27 -41.60 -3.81
C THR A 288 2.45 -42.74 -2.80
N SER A 289 2.71 -42.39 -1.55
CA SER A 289 2.87 -43.33 -0.42
C SER A 289 1.62 -43.31 0.42
N THR A 290 1.10 -44.47 0.79
CA THR A 290 0.01 -44.57 1.78
C THR A 290 0.59 -44.29 3.18
N LEU A 291 -0.18 -43.68 4.06
CA LEU A 291 0.20 -43.51 5.50
C LEU A 291 0.43 -44.89 6.14
N SER A 292 1.62 -45.04 6.73
CA SER A 292 2.08 -46.24 7.49
C SER A 292 2.52 -45.82 8.90
N GLY A 293 2.69 -46.77 9.82
CA GLY A 293 2.91 -46.49 11.25
C GLY A 293 1.61 -46.42 12.03
N SER A 294 1.64 -45.87 13.25
CA SER A 294 0.54 -46.05 14.23
C SER A 294 -0.37 -44.82 14.35
N ALA A 295 -0.17 -43.75 13.58
CA ALA A 295 -1.12 -42.61 13.56
C ALA A 295 -2.45 -43.09 12.96
N GLN A 296 -3.55 -42.99 13.70
CA GLN A 296 -4.84 -43.58 13.26
C GLN A 296 -5.71 -42.57 12.51
N HIS A 297 -5.56 -41.28 12.74
CA HIS A 297 -6.31 -40.25 11.98
C HIS A 297 -5.40 -39.05 11.75
N VAL A 298 -5.21 -38.63 10.51
CA VAL A 298 -4.22 -37.59 10.13
C VAL A 298 -4.88 -36.54 9.23
N GLU A 299 -5.13 -35.35 9.77
CA GLU A 299 -5.66 -34.15 9.05
C GLU A 299 -4.63 -33.01 9.15
N GLU A 300 -4.68 -32.08 8.20
CA GLU A 300 -4.14 -30.69 8.31
C GLU A 300 -2.71 -30.63 8.86
N CYS A 301 -1.84 -31.45 8.32
CA CYS A 301 -0.45 -31.55 8.80
C CYS A 301 0.27 -30.19 8.73
N SER A 302 1.05 -29.91 9.76
CA SER A 302 2.00 -28.77 9.80
C SER A 302 3.37 -29.37 9.63
N CYS A 303 4.00 -29.17 8.49
CA CYS A 303 5.22 -29.91 8.14
C CYS A 303 6.42 -28.97 8.13
N TYR A 304 7.58 -29.52 8.45
CA TYR A 304 8.83 -28.75 8.46
C TYR A 304 9.94 -29.61 7.92
N PRO A 305 10.92 -29.01 7.22
CA PRO A 305 12.11 -29.72 6.82
C PRO A 305 12.93 -30.07 8.07
N ARG A 306 13.42 -31.31 8.07
CA ARG A 306 14.23 -31.88 9.15
C ARG A 306 15.20 -32.79 8.47
N TYR A 307 16.11 -32.16 7.74
CA TYR A 307 16.96 -32.81 6.72
C TYR A 307 17.63 -34.05 7.31
N PRO A 308 17.67 -35.22 6.63
CA PRO A 308 17.24 -35.38 5.23
C PRO A 308 15.74 -35.47 4.96
N GLY A 309 14.88 -35.53 5.99
CA GLY A 309 13.46 -35.81 5.83
C GLY A 309 12.56 -34.61 6.02
N VAL A 310 11.27 -34.87 6.04
CA VAL A 310 10.22 -33.91 6.40
C VAL A 310 9.48 -34.50 7.59
N ARG A 311 9.18 -33.67 8.57
CA ARG A 311 8.40 -34.08 9.76
C ARG A 311 7.13 -33.26 9.79
N CYS A 312 6.03 -33.91 10.07
CA CYS A 312 4.69 -33.27 10.10
C CYS A 312 4.05 -33.53 11.44
N VAL A 313 3.53 -32.51 12.08
CA VAL A 313 2.69 -32.67 13.29
C VAL A 313 1.28 -32.28 12.87
N CYS A 314 0.32 -33.14 13.14
CA CYS A 314 -0.98 -33.10 12.41
C CYS A 314 -2.12 -33.06 13.41
N ARG A 315 -3.32 -33.18 12.91
CA ARG A 315 -4.56 -33.18 13.72
C ARG A 315 -5.15 -34.58 13.68
N ASP A 316 -5.51 -35.14 14.82
CA ASP A 316 -6.30 -36.38 14.91
C ASP A 316 -7.73 -35.94 15.23
N ASN A 317 -8.65 -36.21 14.33
CA ASN A 317 -10.02 -35.68 14.46
C ASN A 317 -10.95 -36.71 15.09
N TRP A 318 -10.42 -37.86 15.53
CA TRP A 318 -11.24 -39.05 15.87
C TRP A 318 -10.94 -39.54 17.29
N LYS A 319 -9.69 -39.82 17.60
CA LYS A 319 -9.26 -40.60 18.80
C LYS A 319 -8.29 -39.84 19.71
N GLY A 320 -7.37 -39.06 19.16
CA GLY A 320 -6.33 -38.35 19.93
C GLY A 320 -6.67 -36.91 20.24
N SER A 321 -6.42 -36.47 21.47
CA SER A 321 -6.09 -35.04 21.74
C SER A 321 -4.58 -34.84 21.79
N ASN A 322 -3.79 -35.90 21.83
CA ASN A 322 -2.38 -35.88 21.40
C ASN A 322 -2.33 -35.75 19.88
N ARG A 323 -1.25 -35.19 19.35
CA ARG A 323 -1.15 -34.89 17.90
C ARG A 323 -0.39 -35.99 17.20
N PRO A 324 -0.84 -36.47 16.02
CA PRO A 324 -0.03 -37.38 15.21
C PRO A 324 1.25 -36.73 14.69
N ILE A 325 2.27 -37.54 14.57
CA ILE A 325 3.53 -37.23 13.85
C ILE A 325 3.53 -38.10 12.59
N VAL A 326 3.88 -37.51 11.45
CA VAL A 326 4.21 -38.25 10.22
C VAL A 326 5.64 -37.90 9.87
N ASP A 327 6.49 -38.91 9.72
CA ASP A 327 7.88 -38.77 9.29
C ASP A 327 7.97 -39.27 7.85
N ILE A 328 8.50 -38.44 6.98
CA ILE A 328 8.47 -38.67 5.51
C ILE A 328 9.91 -38.75 5.05
N ASN A 329 10.30 -39.90 4.55
CA ASN A 329 11.61 -40.09 3.90
C ASN A 329 11.51 -39.59 2.46
N ILE A 330 12.35 -38.63 2.07
CA ILE A 330 12.29 -37.99 0.72
C ILE A 330 12.96 -38.90 -0.33
N LYS A 331 13.93 -39.72 0.05
CA LYS A 331 14.73 -40.52 -0.90
C LYS A 331 13.99 -41.79 -1.30
N ASP A 332 13.46 -42.54 -0.34
CA ASP A 332 12.86 -43.88 -0.61
C ASP A 332 11.34 -43.85 -0.41
N HIS A 333 10.78 -42.67 -0.16
CA HIS A 333 9.33 -42.38 -0.06
C HIS A 333 8.68 -43.12 1.11
N SER A 334 9.46 -43.69 2.03
CA SER A 334 8.90 -44.45 3.18
C SER A 334 8.28 -43.50 4.20
N ILE A 335 7.23 -43.97 4.85
CA ILE A 335 6.42 -43.19 5.81
C ILE A 335 6.44 -43.93 7.14
N VAL A 336 6.59 -43.17 8.22
CA VAL A 336 6.44 -43.66 9.61
C VAL A 336 5.49 -42.69 10.30
N SER A 337 4.74 -43.16 11.27
CA SER A 337 3.84 -42.25 12.03
C SER A 337 3.64 -42.77 13.44
N SER A 338 3.29 -41.83 14.32
CA SER A 338 3.19 -42.02 15.79
C SER A 338 2.50 -40.79 16.36
N TYR A 339 2.61 -40.53 17.66
CA TYR A 339 2.02 -39.36 18.31
C TYR A 339 3.09 -38.58 19.09
N VAL A 340 2.86 -37.29 19.25
CA VAL A 340 3.71 -36.40 20.09
C VAL A 340 3.58 -36.90 21.54
N CYS A 341 4.69 -37.29 22.14
CA CYS A 341 4.72 -38.03 23.42
C CYS A 341 4.17 -37.16 24.56
N SER A 342 4.54 -35.87 24.66
CA SER A 342 4.30 -35.02 25.87
C SER A 342 2.90 -35.20 26.48
N GLY A 343 2.85 -35.32 27.81
CA GLY A 343 1.61 -35.38 28.60
C GLY A 343 0.84 -34.07 28.52
N LEU A 344 1.51 -32.96 28.22
CA LEU A 344 0.86 -31.70 27.80
C LEU A 344 0.54 -31.81 26.31
N VAL A 345 -0.72 -31.96 25.96
CA VAL A 345 -1.14 -32.32 24.58
C VAL A 345 -1.56 -31.06 23.82
N GLY A 346 -1.38 -31.08 22.50
CA GLY A 346 -1.48 -29.87 21.66
C GLY A 346 -2.83 -29.64 21.01
N ASP A 347 -3.76 -30.58 21.03
CA ASP A 347 -5.04 -30.45 20.30
C ASP A 347 -6.10 -29.73 21.13
N THR A 348 -7.15 -29.27 20.46
CA THR A 348 -8.37 -28.73 21.10
C THR A 348 -9.54 -29.40 20.42
N PRO A 349 -10.47 -30.10 21.12
CA PRO A 349 -10.50 -30.19 22.57
C PRO A 349 -9.40 -31.09 23.15
N ARG A 350 -9.22 -31.00 24.46
CA ARG A 350 -8.30 -31.87 25.24
C ARG A 350 -8.74 -31.87 26.70
N LYS A 351 -8.18 -32.77 27.51
CA LYS A 351 -8.30 -32.69 28.99
C LYS A 351 -7.38 -31.58 29.51
N ASN A 352 -7.68 -31.07 30.71
CA ASN A 352 -6.83 -30.07 31.41
C ASN A 352 -5.44 -30.65 31.71
N ASP A 353 -4.47 -29.81 32.02
CA ASP A 353 -3.05 -30.24 32.18
C ASP A 353 -2.90 -31.25 33.34
N SER A 354 -3.69 -31.13 34.41
CA SER A 354 -3.59 -32.09 35.55
C SER A 354 -4.12 -33.49 35.17
N SER A 355 -5.15 -33.57 34.31
CA SER A 355 -5.84 -34.85 33.98
C SER A 355 -5.49 -35.40 32.59
N SER A 356 -4.87 -34.61 31.71
CA SER A 356 -4.43 -35.09 30.37
C SER A 356 -3.32 -36.13 30.49
N SER A 357 -3.21 -36.99 29.50
CA SER A 357 -2.10 -37.94 29.36
C SER A 357 -1.88 -38.23 27.88
N SER A 358 -0.82 -38.95 27.56
CA SER A 358 -0.44 -39.16 26.17
C SER A 358 0.30 -40.50 26.02
N HIS A 359 0.46 -40.90 24.78
CA HIS A 359 1.08 -42.17 24.38
C HIS A 359 1.97 -41.85 23.20
N CYS A 360 3.12 -42.49 23.08
CA CYS A 360 4.02 -42.23 21.93
C CYS A 360 3.50 -42.91 20.66
N LEU A 361 2.78 -44.02 20.79
CA LEU A 361 2.34 -44.80 19.60
C LEU A 361 0.86 -44.52 19.28
N ASP A 362 0.02 -44.31 20.28
CA ASP A 362 -1.45 -44.42 20.11
C ASP A 362 -2.14 -43.09 20.40
N PRO A 363 -3.35 -42.88 19.84
CA PRO A 363 -4.18 -41.79 20.31
C PRO A 363 -4.57 -42.03 21.78
N ASN A 364 -4.68 -40.95 22.54
CA ASN A 364 -4.84 -41.02 24.01
C ASN A 364 -6.30 -41.35 24.39
N ASN A 365 -7.28 -41.21 23.49
CA ASN A 365 -8.73 -41.42 23.74
C ASN A 365 -9.26 -40.44 24.81
N GLU A 366 -8.67 -39.26 24.94
CA GLU A 366 -9.15 -38.21 25.88
C GLU A 366 -9.65 -37.03 25.07
N GLU A 367 -10.96 -36.76 25.02
CA GLU A 367 -11.54 -35.70 24.13
C GLU A 367 -10.94 -35.87 22.71
N GLY A 368 -10.90 -37.10 22.22
CA GLY A 368 -10.19 -37.44 20.99
C GLY A 368 -10.83 -36.83 19.77
N GLY A 369 -12.16 -36.84 19.72
CA GLY A 369 -12.92 -36.38 18.53
C GLY A 369 -12.82 -34.89 18.35
N HIS A 370 -12.86 -34.46 17.10
CA HIS A 370 -12.63 -33.06 16.66
C HIS A 370 -11.18 -32.67 16.96
N GLY A 371 -10.80 -31.45 16.62
CA GLY A 371 -9.42 -31.01 16.72
C GLY A 371 -9.25 -29.61 16.23
N VAL A 372 -8.02 -29.16 16.18
CA VAL A 372 -7.66 -27.89 15.51
C VAL A 372 -6.34 -28.14 14.82
N LYS A 373 -6.10 -27.49 13.68
CA LYS A 373 -4.75 -27.51 13.10
C LYS A 373 -3.80 -26.79 14.07
N GLY A 374 -2.67 -27.41 14.32
CA GLY A 374 -1.64 -26.84 15.19
C GLY A 374 -0.30 -27.38 14.79
N TRP A 375 0.70 -27.20 15.64
CA TRP A 375 2.09 -27.52 15.29
C TRP A 375 2.86 -27.90 16.56
N ALA A 376 3.98 -28.58 16.35
CA ALA A 376 5.01 -28.83 17.37
C ALA A 376 6.32 -29.10 16.62
N PHE A 377 7.45 -28.93 17.26
CA PHE A 377 8.73 -29.42 16.68
C PHE A 377 9.63 -29.91 17.79
N ASP A 378 10.48 -30.87 17.47
CA ASP A 378 11.48 -31.43 18.41
C ASP A 378 12.65 -30.46 18.60
N ASP A 379 13.21 -30.48 19.80
CA ASP A 379 14.46 -29.80 20.15
C ASP A 379 15.27 -30.78 20.99
N GLY A 380 15.94 -31.74 20.35
CA GLY A 380 16.43 -32.95 21.02
C GLY A 380 15.28 -33.77 21.59
N ASN A 381 15.30 -34.06 22.88
CA ASN A 381 14.21 -34.78 23.58
C ASN A 381 13.09 -33.82 23.96
N ASP A 382 13.30 -32.51 23.91
CA ASP A 382 12.23 -31.54 24.27
C ASP A 382 11.31 -31.29 23.08
N VAL A 383 10.14 -30.74 23.34
CA VAL A 383 9.24 -30.33 22.24
C VAL A 383 8.86 -28.86 22.45
N TRP A 384 8.95 -28.06 21.40
CA TRP A 384 8.28 -26.74 21.33
C TRP A 384 6.93 -26.92 20.68
N MET A 385 5.90 -26.38 21.28
CA MET A 385 4.56 -26.52 20.71
C MET A 385 3.71 -25.30 21.04
N GLY A 386 2.75 -25.04 20.18
CA GLY A 386 1.70 -24.04 20.41
C GLY A 386 0.38 -24.74 20.60
N ARG A 387 -0.54 -24.07 21.29
CA ARG A 387 -1.91 -24.58 21.46
C ARG A 387 -2.83 -23.44 21.90
N THR A 388 -4.13 -23.65 21.81
CA THR A 388 -5.10 -22.69 22.39
C THR A 388 -4.95 -22.72 23.91
N ILE A 389 -5.22 -21.60 24.59
CA ILE A 389 -5.06 -21.57 26.07
C ILE A 389 -6.25 -22.31 26.69
N ASN A 390 -7.43 -22.12 26.14
CA ASN A 390 -8.66 -22.85 26.53
C ASN A 390 -8.56 -24.30 26.05
N GLU A 391 -9.02 -25.26 26.86
CA GLU A 391 -8.98 -26.70 26.50
C GLU A 391 -10.17 -27.09 25.62
N THR A 392 -11.28 -26.35 25.64
CA THR A 392 -12.56 -26.80 25.01
C THR A 392 -12.95 -25.95 23.80
N SER A 393 -12.37 -24.76 23.63
CA SER A 393 -12.66 -23.90 22.46
C SER A 393 -11.41 -23.14 22.00
N ARG A 394 -11.46 -22.57 20.81
CA ARG A 394 -10.28 -21.91 20.19
C ARG A 394 -10.18 -20.47 20.73
N LEU A 395 -9.82 -20.39 22.02
CA LEU A 395 -9.64 -19.12 22.73
C LEU A 395 -8.22 -19.06 23.29
N GLY A 396 -7.60 -17.90 23.12
CA GLY A 396 -6.18 -17.70 23.46
C GLY A 396 -5.26 -18.52 22.61
N TYR A 397 -3.98 -18.22 22.75
CA TYR A 397 -2.92 -19.03 22.15
C TYR A 397 -1.67 -18.89 23.01
N GLU A 398 -0.99 -20.00 23.24
CA GLU A 398 0.26 -20.07 24.04
C GLU A 398 1.26 -20.96 23.33
N THR A 399 2.54 -20.66 23.50
CA THR A 399 3.63 -21.58 23.16
C THR A 399 4.42 -21.88 24.43
N PHE A 400 5.07 -23.02 24.47
CA PHE A 400 6.02 -23.40 25.55
C PHE A 400 6.89 -24.54 25.07
N LYS A 401 7.97 -24.78 25.80
CA LYS A 401 8.78 -26.00 25.64
C LYS A 401 8.36 -26.99 26.71
N VAL A 402 8.20 -28.27 26.35
CA VAL A 402 8.03 -29.35 27.37
C VAL A 402 9.35 -30.10 27.46
N ILE A 403 9.93 -30.18 28.64
CA ILE A 403 11.23 -30.87 28.87
C ILE A 403 11.00 -32.37 28.70
N GLU A 404 11.83 -33.06 27.90
CA GLU A 404 11.66 -34.48 27.48
C GLU A 404 10.31 -34.72 26.78
N GLY A 405 9.57 -33.70 26.37
CA GLY A 405 8.21 -33.87 25.83
C GLY A 405 8.18 -34.50 24.45
N TRP A 406 9.30 -34.62 23.74
CA TRP A 406 9.32 -35.39 22.48
C TRP A 406 9.49 -36.90 22.74
N SER A 407 10.15 -37.30 23.83
CA SER A 407 10.59 -38.71 24.05
C SER A 407 9.82 -39.39 25.19
N ASN A 408 9.37 -38.65 26.19
CA ASN A 408 8.78 -39.21 27.44
C ASN A 408 7.29 -38.86 27.49
N PRO A 409 6.37 -39.84 27.44
CA PRO A 409 4.93 -39.56 27.45
C PRO A 409 4.35 -39.15 28.81
N LYS A 410 5.11 -39.31 29.89
CA LYS A 410 4.66 -38.93 31.25
C LYS A 410 5.05 -37.49 31.57
N SER A 411 5.91 -36.85 30.77
CA SER A 411 6.45 -35.50 31.07
C SER A 411 5.37 -34.41 30.96
N LYS A 412 5.26 -33.59 32.00
CA LYS A 412 4.42 -32.36 32.01
C LYS A 412 5.22 -31.15 32.48
N LEU A 413 6.53 -31.21 32.35
CA LEU A 413 7.45 -30.19 32.84
C LEU A 413 7.60 -29.11 31.77
N GLN A 414 6.74 -28.09 31.78
CA GLN A 414 6.89 -26.99 30.79
C GLN A 414 7.80 -25.87 31.32
N ILE A 415 8.43 -25.17 30.38
CA ILE A 415 9.20 -23.93 30.60
C ILE A 415 9.06 -23.00 29.39
N ASN A 416 9.39 -21.72 29.52
CA ASN A 416 9.44 -20.75 28.40
C ASN A 416 8.04 -20.56 27.81
N ARG A 417 7.04 -20.46 28.66
CA ARG A 417 5.69 -20.13 28.19
C ARG A 417 5.63 -18.69 27.68
N GLN A 418 4.95 -18.50 26.55
CA GLN A 418 4.59 -17.16 26.03
C GLN A 418 3.11 -17.17 25.68
N VAL A 419 2.38 -16.21 26.18
CA VAL A 419 1.05 -15.87 25.64
C VAL A 419 1.25 -15.16 24.31
N ILE A 420 0.58 -15.63 23.27
CA ILE A 420 0.58 -14.96 21.93
C ILE A 420 -0.73 -14.20 21.84
N VAL A 421 -1.83 -14.87 22.18
CA VAL A 421 -3.18 -14.27 22.23
C VAL A 421 -3.69 -14.59 23.62
N ASP A 422 -4.13 -13.61 24.38
CA ASP A 422 -4.65 -13.86 25.74
C ASP A 422 -5.96 -14.66 25.67
N ARG A 423 -6.29 -15.35 26.75
CA ARG A 423 -7.35 -16.37 26.79
C ARG A 423 -8.76 -15.79 26.52
N GLY A 424 -8.98 -14.49 26.61
CA GLY A 424 -10.29 -13.88 26.28
C GLY A 424 -10.49 -13.63 24.78
N ASN A 425 -9.46 -13.82 23.95
CA ASN A 425 -9.50 -13.45 22.52
C ASN A 425 -9.46 -14.72 21.65
N ARG A 426 -10.16 -14.69 20.52
CA ARG A 426 -10.27 -15.83 19.59
C ARG A 426 -8.96 -16.11 18.90
N SER A 427 -8.62 -17.38 18.82
CA SER A 427 -7.56 -17.89 17.93
C SER A 427 -8.23 -18.67 16.80
N GLY A 428 -7.67 -19.80 16.41
CA GLY A 428 -8.06 -20.52 15.19
C GLY A 428 -6.95 -21.49 14.85
N TYR A 429 -6.78 -21.78 13.56
CA TYR A 429 -5.69 -22.66 13.11
C TYR A 429 -4.35 -22.01 13.43
N SER A 430 -3.33 -22.83 13.45
CA SER A 430 -1.95 -22.35 13.54
C SER A 430 -1.06 -23.37 12.84
N GLY A 431 0.08 -22.94 12.36
CA GLY A 431 0.95 -23.81 11.59
C GLY A 431 2.35 -23.31 11.67
N ILE A 432 3.28 -24.19 11.37
CA ILE A 432 4.71 -23.87 11.33
C ILE A 432 5.07 -23.39 9.92
N PHE A 433 6.12 -22.59 9.80
CA PHE A 433 6.86 -22.42 8.54
C PHE A 433 8.32 -22.23 8.89
N SER A 434 9.17 -22.59 7.97
CA SER A 434 10.62 -22.63 8.20
C SER A 434 11.28 -21.57 7.34
N VAL A 435 12.21 -20.84 7.92
CA VAL A 435 12.92 -19.74 7.24
C VAL A 435 14.39 -20.10 7.30
N GLU A 436 15.04 -20.08 6.14
CA GLU A 436 16.49 -20.32 6.10
C GLU A 436 17.23 -19.05 6.51
N GLY A 437 18.07 -19.15 7.53
CA GLY A 437 18.97 -18.07 7.97
C GLY A 437 20.37 -18.26 7.46
N LYS A 438 21.31 -17.48 7.97
CA LYS A 438 22.72 -17.50 7.50
C LYS A 438 23.35 -18.87 7.77
N SER A 439 23.13 -19.43 8.95
CA SER A 439 23.83 -20.66 9.43
C SER A 439 22.86 -21.73 9.94
N CYS A 440 21.57 -21.44 10.07
CA CYS A 440 20.61 -22.38 10.69
C CYS A 440 19.19 -22.21 10.11
N ILE A 441 18.34 -23.19 10.30
CA ILE A 441 16.92 -23.14 9.84
C ILE A 441 16.08 -22.71 11.05
N ASN A 442 15.40 -21.59 10.92
CA ASN A 442 14.55 -21.07 11.99
C ASN A 442 13.14 -21.65 11.85
N ARG A 443 12.44 -21.77 12.97
CA ARG A 443 11.02 -22.18 12.99
C ARG A 443 10.20 -20.97 13.37
N CYS A 444 9.13 -20.75 12.65
CA CYS A 444 8.21 -19.63 12.85
C CYS A 444 6.81 -20.24 12.85
N PHE A 445 5.84 -19.53 13.37
CA PHE A 445 4.45 -20.00 13.30
C PHE A 445 3.54 -18.81 13.08
N TYR A 446 2.34 -19.11 12.60
CA TYR A 446 1.26 -18.13 12.44
C TYR A 446 0.10 -18.62 13.28
N VAL A 447 -0.74 -17.70 13.72
CA VAL A 447 -2.04 -18.02 14.36
C VAL A 447 -3.11 -17.33 13.54
N GLU A 448 -4.11 -18.09 13.11
CA GLU A 448 -5.34 -17.55 12.54
C GLU A 448 -6.17 -16.96 13.68
N LEU A 449 -6.68 -15.76 13.52
CA LEU A 449 -7.52 -15.10 14.54
C LEU A 449 -8.93 -15.01 13.94
N ILE A 450 -9.76 -16.03 14.18
CA ILE A 450 -11.08 -16.14 13.52
C ILE A 450 -12.03 -15.16 14.19
N ARG A 451 -12.81 -14.42 13.40
CA ARG A 451 -13.87 -13.52 13.91
C ARG A 451 -15.20 -13.82 13.22
N GLY A 452 -16.29 -13.53 13.90
CA GLY A 452 -17.65 -13.66 13.36
C GLY A 452 -18.27 -15.03 13.58
N ARG A 453 -19.21 -15.40 12.71
CA ARG A 453 -20.04 -16.63 12.83
C ARG A 453 -19.17 -17.89 12.83
N LYS A 454 -19.55 -18.97 13.54
CA LYS A 454 -20.78 -19.18 14.29
C LYS A 454 -20.77 -18.48 15.67
N GLU A 455 -19.59 -18.32 16.27
CA GLU A 455 -19.43 -17.99 17.72
C GLU A 455 -19.83 -16.54 18.02
N GLU A 456 -19.61 -15.62 17.09
CA GLU A 456 -19.96 -14.18 17.26
C GLU A 456 -21.12 -13.86 16.31
N THR A 457 -22.25 -13.46 16.85
CA THR A 457 -23.50 -13.24 16.08
C THR A 457 -23.79 -11.74 15.89
N GLU A 458 -22.83 -10.87 16.24
CA GLU A 458 -22.88 -9.42 15.92
C GLU A 458 -22.90 -9.20 14.40
N VAL A 459 -22.32 -10.14 13.64
CA VAL A 459 -22.05 -10.02 12.18
C VAL A 459 -22.60 -11.25 11.45
N LEU A 460 -22.74 -11.18 10.12
CA LEU A 460 -23.22 -12.30 9.28
C LEU A 460 -22.05 -13.07 8.69
N TRP A 461 -20.85 -12.52 8.71
CA TRP A 461 -19.67 -13.10 8.02
C TRP A 461 -18.80 -13.87 9.00
N THR A 462 -17.91 -14.69 8.45
CA THR A 462 -16.79 -15.33 9.17
C THR A 462 -15.52 -14.94 8.46
N SER A 463 -14.51 -14.46 9.15
CA SER A 463 -13.23 -14.11 8.51
C SER A 463 -12.10 -14.20 9.52
N ASN A 464 -10.87 -13.93 9.12
CA ASN A 464 -9.74 -14.03 10.07
C ASN A 464 -8.75 -12.88 9.87
N SER A 465 -8.04 -12.53 10.93
CA SER A 465 -6.70 -11.87 10.84
C SER A 465 -5.62 -12.93 11.03
N ILE A 466 -4.37 -12.51 10.93
CA ILE A 466 -3.20 -13.37 11.24
C ILE A 466 -2.28 -12.62 12.20
N VAL A 467 -1.58 -13.39 13.02
CA VAL A 467 -0.39 -12.89 13.76
C VAL A 467 0.70 -13.92 13.58
N VAL A 468 1.93 -13.47 13.45
CA VAL A 468 3.06 -14.33 13.05
C VAL A 468 4.23 -14.07 13.99
N PHE A 469 4.84 -15.14 14.47
CA PHE A 469 5.97 -15.12 15.43
C PHE A 469 7.08 -15.98 14.88
N CYS A 470 8.31 -15.58 15.11
CA CYS A 470 9.47 -16.38 14.66
C CYS A 470 10.36 -16.75 15.84
N GLY A 471 10.97 -17.93 15.78
CA GLY A 471 11.93 -18.39 16.79
C GLY A 471 13.06 -17.40 16.96
N THR A 472 13.49 -17.20 18.19
CA THR A 472 14.61 -16.31 18.52
C THR A 472 15.59 -17.09 19.40
N SER A 473 16.89 -16.91 19.17
CA SER A 473 17.97 -17.29 20.09
C SER A 473 18.25 -16.16 21.08
N GLY A 474 17.66 -14.98 20.88
CA GLY A 474 17.83 -13.81 21.76
C GLY A 474 16.84 -13.83 22.89
N THR A 475 16.47 -12.66 23.41
CA THR A 475 15.55 -12.52 24.54
C THR A 475 14.30 -11.75 24.10
N TYR A 476 13.25 -11.83 24.89
CA TYR A 476 11.92 -11.36 24.49
C TYR A 476 11.15 -11.08 25.77
N GLY A 477 10.06 -10.36 25.65
CA GLY A 477 9.27 -10.01 26.82
C GLY A 477 7.89 -10.63 26.75
N THR A 478 6.86 -9.85 27.03
CA THR A 478 5.48 -10.33 27.06
C THR A 478 4.58 -9.38 26.27
N GLY A 479 3.38 -9.88 25.97
CA GLY A 479 2.33 -9.13 25.28
C GLY A 479 1.19 -10.06 24.94
N SER A 480 0.17 -9.50 24.34
CA SER A 480 -0.91 -10.24 23.66
C SER A 480 -1.19 -9.49 22.37
N TRP A 481 -1.31 -10.19 21.25
CA TRP A 481 -1.55 -9.57 19.93
C TRP A 481 -2.79 -10.20 19.31
N PRO A 482 -3.99 -9.85 19.81
CA PRO A 482 -5.24 -10.38 19.27
C PRO A 482 -5.64 -9.68 17.97
N ASP A 483 -6.78 -10.07 17.43
CA ASP A 483 -7.35 -9.51 16.18
C ASP A 483 -7.56 -8.00 16.35
N GLY A 484 -8.30 -7.58 17.36
CA GLY A 484 -8.47 -6.18 17.72
C GLY A 484 -9.67 -5.47 17.07
N ALA A 485 -10.47 -6.13 16.24
CA ALA A 485 -11.67 -5.50 15.65
C ALA A 485 -12.84 -5.47 16.64
N ASP A 486 -13.65 -4.42 16.57
CA ASP A 486 -14.88 -4.28 17.39
C ASP A 486 -16.10 -4.66 16.53
N LEU A 487 -16.56 -5.91 16.62
CA LEU A 487 -17.62 -6.40 15.71
C LEU A 487 -18.96 -5.72 16.02
N ASN A 488 -19.10 -5.10 17.18
CA ASN A 488 -20.30 -4.32 17.53
C ASN A 488 -20.45 -3.10 16.62
N LEU A 489 -19.34 -2.56 16.11
CA LEU A 489 -19.29 -1.24 15.43
C LEU A 489 -19.26 -1.39 13.92
N MET A 490 -18.75 -2.49 13.39
CA MET A 490 -18.35 -2.57 11.97
C MET A 490 -19.40 -3.27 11.10
N PRO A 491 -19.21 -3.32 9.75
CA PRO A 491 -20.22 -3.86 8.82
C PRO A 491 -20.71 -5.28 9.15
N ILE A 492 -22.04 -5.42 9.16
CA ILE A 492 -22.74 -6.68 9.59
C ILE A 492 -22.68 -7.70 8.44
N ALA B 105 25.70 -6.19 -4.73
CA ALA B 105 25.73 -4.85 -4.09
C ALA B 105 26.77 -4.84 -2.96
N GLU B 106 27.47 -3.72 -2.78
CA GLU B 106 28.42 -3.51 -1.65
C GLU B 106 27.66 -2.98 -0.43
N TYR B 107 28.26 -3.06 0.76
CA TYR B 107 27.80 -2.26 1.91
C TYR B 107 28.04 -0.77 1.67
N ARG B 108 27.10 0.05 2.13
CA ARG B 108 27.29 1.52 2.28
C ARG B 108 28.44 1.83 3.22
N ASN B 109 29.27 2.81 2.85
CA ASN B 109 30.28 3.37 3.77
C ASN B 109 30.10 4.87 4.02
N TRP B 110 29.29 5.59 3.24
CA TRP B 110 29.02 7.05 3.38
C TRP B 110 30.30 7.91 3.41
N SER B 111 31.41 7.46 2.86
CA SER B 111 32.74 8.12 3.04
C SER B 111 32.96 9.38 2.19
N LYS B 112 32.04 9.78 1.35
CA LYS B 112 32.04 11.08 0.63
C LYS B 112 31.89 12.25 1.60
N PRO B 113 32.46 13.45 1.29
CA PRO B 113 32.23 14.65 2.10
C PRO B 113 30.76 15.08 2.13
N GLN B 114 30.34 15.78 3.18
CA GLN B 114 29.01 16.39 3.24
C GLN B 114 28.90 17.46 2.15
N CYS B 115 27.76 17.51 1.46
CA CYS B 115 27.46 18.50 0.39
C CYS B 115 27.49 19.93 0.96
N ASP B 116 27.84 20.90 0.12
CA ASP B 116 27.61 22.33 0.42
C ASP B 116 26.10 22.57 0.53
N ILE B 117 25.66 23.22 1.59
CA ILE B 117 24.22 23.49 1.81
C ILE B 117 24.07 25.00 1.97
N THR B 118 23.22 25.59 1.14
CA THR B 118 22.79 27.00 1.22
C THR B 118 21.41 27.07 1.86
N GLY B 119 20.79 25.93 2.06
CA GLY B 119 19.42 25.78 2.54
C GLY B 119 18.82 24.53 1.96
N PHE B 120 17.51 24.45 1.92
CA PHE B 120 16.78 23.21 1.56
C PHE B 120 15.75 23.53 0.48
N ALA B 121 15.59 22.62 -0.46
CA ALA B 121 14.60 22.74 -1.57
C ALA B 121 13.50 21.73 -1.33
N PRO B 122 12.23 22.00 -1.73
CA PRO B 122 11.14 21.04 -1.55
C PRO B 122 11.42 19.72 -2.32
N PHE B 123 11.12 18.60 -1.68
CA PHE B 123 11.40 17.25 -2.23
C PHE B 123 10.12 16.40 -2.35
N SER B 124 9.27 16.34 -1.32
CA SER B 124 8.12 15.41 -1.34
C SER B 124 7.06 15.85 -0.37
N LYS B 125 5.81 15.57 -0.68
CA LYS B 125 4.67 15.79 0.22
C LYS B 125 3.66 14.69 -0.07
N ASP B 126 3.00 14.13 0.94
CA ASP B 126 2.15 12.93 0.73
C ASP B 126 0.68 13.31 0.65
N ASN B 127 0.27 14.43 1.24
CA ASN B 127 -1.13 14.90 1.28
C ASN B 127 -2.06 13.83 1.87
N SER B 128 -1.58 13.00 2.80
CA SER B 128 -2.30 11.82 3.30
C SER B 128 -3.65 12.15 3.94
N ILE B 129 -3.74 13.20 4.73
CA ILE B 129 -5.02 13.53 5.42
C ILE B 129 -6.02 14.04 4.37
N ARG B 130 -5.58 14.83 3.39
CA ARG B 130 -6.47 15.32 2.30
C ARG B 130 -7.00 14.12 1.48
N LEU B 131 -6.12 13.17 1.15
CA LEU B 131 -6.51 11.94 0.42
C LEU B 131 -7.43 11.05 1.27
N SER B 132 -7.25 10.98 2.60
CA SER B 132 -8.07 10.14 3.50
C SER B 132 -9.53 10.56 3.52
N ALA B 133 -9.85 11.79 3.16
CA ALA B 133 -11.25 12.27 3.11
C ALA B 133 -12.05 11.66 1.95
N GLY B 134 -11.39 10.95 1.02
CA GLY B 134 -12.04 10.30 -0.12
C GLY B 134 -11.22 9.16 -0.61
N GLY B 135 -10.95 8.19 0.26
CA GLY B 135 -10.15 6.99 -0.04
C GLY B 135 -9.58 6.35 1.21
N ASP B 136 -9.21 5.09 1.14
CA ASP B 136 -8.81 4.27 2.32
C ASP B 136 -7.34 4.48 2.63
N ILE B 137 -7.05 5.35 3.59
CA ILE B 137 -5.66 5.71 3.96
C ILE B 137 -5.45 5.31 5.42
N TRP B 138 -4.31 4.71 5.71
CA TRP B 138 -3.88 4.33 7.09
C TRP B 138 -3.81 5.53 8.04
N VAL B 139 -4.32 5.38 9.26
CA VAL B 139 -4.00 6.28 10.39
C VAL B 139 -2.56 6.00 10.83
N THR B 140 -1.75 7.04 10.97
CA THR B 140 -0.32 6.89 11.30
C THR B 140 0.13 7.96 12.29
N ARG B 141 1.29 7.75 12.90
CA ARG B 141 2.09 8.82 13.52
C ARG B 141 3.55 8.37 13.47
N GLU B 142 4.46 9.25 13.88
CA GLU B 142 5.91 9.01 13.97
C GLU B 142 6.41 8.53 12.61
N PRO B 143 6.21 9.32 11.52
CA PRO B 143 6.78 8.98 10.23
C PRO B 143 8.29 9.20 10.21
N TYR B 144 8.93 8.61 9.22
CA TYR B 144 10.31 8.98 8.88
C TYR B 144 10.64 8.54 7.45
N VAL B 145 11.75 9.02 6.95
CA VAL B 145 12.18 8.71 5.57
C VAL B 145 13.53 8.04 5.68
N SER B 146 13.73 7.01 4.88
CA SER B 146 15.03 6.35 4.73
C SER B 146 15.13 5.87 3.28
N CYS B 147 16.32 5.83 2.72
CA CYS B 147 16.49 5.51 1.29
C CYS B 147 17.38 4.28 1.17
N ASP B 148 17.05 3.39 0.24
CA ASP B 148 18.04 2.41 -0.27
C ASP B 148 18.93 3.15 -1.28
N PRO B 149 19.96 2.51 -1.87
CA PRO B 149 20.82 3.20 -2.84
C PRO B 149 20.13 3.81 -4.06
N ASP B 150 18.91 3.38 -4.39
CA ASP B 150 18.13 3.84 -5.58
C ASP B 150 17.01 4.80 -5.17
N LYS B 151 16.19 4.44 -4.18
CA LYS B 151 14.88 5.08 -3.92
C LYS B 151 14.73 5.44 -2.44
N CYS B 152 13.99 6.49 -2.15
CA CYS B 152 13.57 6.82 -0.79
C CYS B 152 12.22 6.19 -0.45
N TYR B 153 12.06 5.84 0.81
CA TYR B 153 10.84 5.19 1.35
C TYR B 153 10.32 6.02 2.49
N GLN B 154 9.01 6.12 2.57
CA GLN B 154 8.37 6.70 3.75
C GLN B 154 7.96 5.54 4.66
N PHE B 155 8.15 5.76 5.94
CA PHE B 155 7.83 4.81 7.01
C PHE B 155 6.89 5.52 7.94
N ALA B 156 6.01 4.78 8.57
CA ALA B 156 5.25 5.32 9.71
C ALA B 156 4.76 4.18 10.58
N LEU B 157 4.40 4.50 11.80
CA LEU B 157 3.75 3.51 12.67
C LEU B 157 2.25 3.62 12.45
N GLY B 158 1.66 2.59 11.85
CA GLY B 158 0.20 2.50 11.67
C GLY B 158 -0.52 2.41 13.01
N GLN B 159 -1.80 2.63 13.02
CA GLN B 159 -2.67 2.38 14.19
C GLN B 159 -3.60 1.19 13.92
N GLY B 160 -3.22 0.27 13.01
CA GLY B 160 -4.05 -0.91 12.65
C GLY B 160 -5.43 -0.53 12.15
N THR B 161 -5.57 0.60 11.47
CA THR B 161 -6.88 1.15 11.03
C THR B 161 -6.65 2.15 9.89
N THR B 162 -7.66 2.31 9.03
CA THR B 162 -7.71 3.43 8.07
C THR B 162 -8.42 4.59 8.76
N LEU B 163 -8.38 5.78 8.16
CA LEU B 163 -8.90 7.00 8.82
C LEU B 163 -10.42 6.99 8.75
N ASN B 164 -11.04 6.72 7.60
CA ASN B 164 -12.52 6.66 7.51
C ASN B 164 -12.94 5.24 7.93
N ASN B 165 -13.00 5.00 9.23
CA ASN B 165 -13.08 3.66 9.85
C ASN B 165 -13.52 3.84 11.30
N VAL B 166 -14.33 2.94 11.85
CA VAL B 166 -14.73 3.04 13.28
C VAL B 166 -13.51 2.87 14.18
N HIS B 167 -12.50 2.10 13.78
CA HIS B 167 -11.29 1.84 14.59
C HIS B 167 -10.36 3.07 14.67
N SER B 168 -10.62 4.16 13.95
CA SER B 168 -9.78 5.38 13.97
C SER B 168 -10.05 6.20 15.24
N ASN B 169 -11.17 5.96 15.92
CA ASN B 169 -11.48 6.60 17.23
C ASN B 169 -10.39 6.28 18.26
N ASN B 170 -10.07 7.23 19.15
CA ASN B 170 -9.09 7.06 20.25
C ASN B 170 -7.68 6.68 19.76
N THR B 171 -7.26 7.14 18.58
CA THR B 171 -5.89 6.85 18.04
C THR B 171 -4.83 7.81 18.60
N VAL B 172 -5.07 8.42 19.76
CA VAL B 172 -4.06 9.27 20.47
C VAL B 172 -2.93 8.39 21.06
N ARG B 173 -3.26 7.19 21.52
CA ARG B 173 -2.29 6.31 22.25
C ARG B 173 -1.16 5.93 21.32
N ASP B 174 0.05 6.03 21.83
CA ASP B 174 1.29 5.70 21.10
C ASP B 174 1.61 4.20 21.16
N ARG B 175 1.10 3.43 22.12
CA ARG B 175 1.39 1.98 22.23
C ARG B 175 0.11 1.16 22.26
N THR B 176 -0.05 0.29 21.28
CA THR B 176 -1.18 -0.70 21.19
C THR B 176 -0.64 -1.94 20.49
N PRO B 177 -1.27 -3.14 20.64
CA PRO B 177 -0.81 -4.34 19.96
C PRO B 177 -0.97 -4.30 18.43
N TYR B 178 -1.78 -3.35 17.92
CA TYR B 178 -2.20 -3.27 16.50
C TYR B 178 -1.26 -2.38 15.69
N ARG B 179 -0.32 -1.68 16.32
CA ARG B 179 0.61 -0.77 15.61
C ARG B 179 1.61 -1.61 14.84
N THR B 180 1.87 -1.21 13.61
CA THR B 180 2.78 -1.94 12.68
C THR B 180 3.61 -0.89 11.95
N LEU B 181 4.80 -1.23 11.54
CA LEU B 181 5.62 -0.32 10.71
C LEU B 181 5.15 -0.42 9.25
N LEU B 182 4.60 0.66 8.71
CA LEU B 182 4.21 0.78 7.29
C LEU B 182 5.41 1.22 6.46
N MET B 183 5.61 0.64 5.28
CA MET B 183 6.72 1.04 4.39
C MET B 183 6.22 1.17 2.95
N ASN B 184 6.41 2.34 2.34
CA ASN B 184 6.07 2.63 0.93
C ASN B 184 7.25 3.35 0.29
N GLU B 185 7.35 3.34 -1.03
CA GLU B 185 8.20 4.35 -1.72
C GLU B 185 7.72 5.74 -1.34
N LEU B 186 8.66 6.68 -1.20
CA LEU B 186 8.31 8.06 -0.79
C LEU B 186 7.38 8.69 -1.84
N GLY B 187 6.27 9.24 -1.39
CA GLY B 187 5.30 9.86 -2.30
C GLY B 187 4.13 8.94 -2.63
N VAL B 188 4.27 7.64 -2.43
CA VAL B 188 3.08 6.73 -2.46
C VAL B 188 2.42 6.84 -1.09
N PRO B 189 1.18 7.34 -0.97
CA PRO B 189 0.55 7.49 0.33
C PRO B 189 0.26 6.12 0.96
N PHE B 190 -0.07 6.07 2.26
CA PHE B 190 -0.34 4.78 2.93
C PHE B 190 -1.77 4.34 2.63
N HIS B 191 -1.98 3.74 1.47
CA HIS B 191 -3.25 3.10 1.00
C HIS B 191 -3.27 1.61 1.43
N LEU B 192 -4.35 0.87 1.19
CA LEU B 192 -4.52 -0.53 1.67
C LEU B 192 -3.53 -1.53 1.05
N GLY B 193 -2.86 -1.22 -0.06
CA GLY B 193 -1.80 -2.09 -0.59
C GLY B 193 -0.45 -1.93 0.10
N THR B 194 -0.35 -1.05 1.09
CA THR B 194 0.91 -0.79 1.87
C THR B 194 1.34 -2.04 2.65
N LYS B 195 2.61 -2.37 2.60
CA LYS B 195 3.20 -3.46 3.41
C LYS B 195 3.40 -3.01 4.87
N GLN B 196 2.78 -3.74 5.79
CA GLN B 196 3.16 -3.75 7.23
C GLN B 196 4.43 -4.60 7.36
N VAL B 197 5.59 -4.04 7.67
CA VAL B 197 6.86 -4.84 7.62
C VAL B 197 7.10 -5.54 8.96
N CYS B 198 6.48 -5.10 10.05
CA CYS B 198 6.68 -5.72 11.39
C CYS B 198 5.67 -5.17 12.39
N ILE B 199 5.52 -5.86 13.53
CA ILE B 199 4.69 -5.34 14.64
C ILE B 199 5.54 -4.33 15.42
N ALA B 200 5.05 -3.11 15.63
CA ALA B 200 5.89 -2.03 16.20
C ALA B 200 5.05 -0.89 16.71
N TRP B 201 5.26 -0.50 17.97
CA TRP B 201 4.83 0.85 18.43
C TRP B 201 6.04 1.79 18.59
N SER B 202 7.23 1.34 18.28
CA SER B 202 8.43 2.18 18.16
C SER B 202 9.35 1.52 17.15
N SER B 203 10.03 2.27 16.29
CA SER B 203 10.88 1.65 15.27
C SER B 203 12.03 2.51 14.78
N SER B 204 12.90 1.85 14.06
CA SER B 204 13.96 2.50 13.27
C SER B 204 14.23 1.57 12.10
N SER B 205 14.59 2.10 10.94
CA SER B 205 14.88 1.29 9.73
C SER B 205 16.06 1.90 9.04
N CYS B 206 16.84 1.08 8.37
CA CYS B 206 17.91 1.57 7.51
C CYS B 206 18.31 0.48 6.54
N HIS B 207 18.94 0.88 5.45
CA HIS B 207 19.43 -0.03 4.42
C HIS B 207 20.94 0.01 4.51
N ASP B 208 21.58 -1.14 4.57
CA ASP B 208 23.05 -1.20 4.76
C ASP B 208 23.77 -1.18 3.41
N GLY B 209 23.04 -1.03 2.30
CA GLY B 209 23.61 -1.19 0.94
C GLY B 209 23.31 -2.55 0.32
N LYS B 210 23.03 -3.58 1.13
CA LYS B 210 22.56 -4.91 0.67
C LYS B 210 21.08 -5.11 0.98
N ALA B 211 20.61 -4.77 2.17
CA ALA B 211 19.22 -5.06 2.58
C ALA B 211 18.73 -4.09 3.66
N TRP B 212 17.41 -4.09 3.86
CA TRP B 212 16.76 -3.38 4.96
C TRP B 212 16.98 -4.10 6.30
N LEU B 213 17.29 -3.31 7.33
CA LEU B 213 17.13 -3.65 8.76
C LEU B 213 15.94 -2.87 9.28
N HIS B 214 15.00 -3.55 9.91
CA HIS B 214 13.95 -2.90 10.73
C HIS B 214 14.17 -3.30 12.18
N VAL B 215 14.14 -2.32 13.06
CA VAL B 215 14.18 -2.52 14.53
C VAL B 215 12.78 -2.21 15.00
N CYS B 216 12.11 -3.20 15.54
CA CYS B 216 10.66 -3.17 15.75
C CYS B 216 10.36 -3.47 17.21
N ILE B 217 9.76 -2.54 17.94
CA ILE B 217 9.52 -2.73 19.39
C ILE B 217 8.02 -2.85 19.62
N THR B 218 7.61 -3.89 20.33
CA THR B 218 6.16 -4.08 20.68
C THR B 218 6.06 -4.87 21.99
N GLY B 219 4.83 -5.07 22.46
CA GLY B 219 4.54 -5.85 23.69
C GLY B 219 4.21 -4.95 24.85
N ASP B 220 4.32 -5.50 26.06
CA ASP B 220 3.93 -4.81 27.31
C ASP B 220 4.86 -3.64 27.58
N ASP B 221 4.35 -2.57 28.19
CA ASP B 221 5.16 -1.40 28.61
C ASP B 221 6.32 -1.86 29.50
N LYS B 222 6.02 -2.72 30.46
CA LYS B 222 6.98 -3.23 31.48
C LYS B 222 7.93 -4.27 30.87
N ASN B 223 7.64 -4.80 29.68
CA ASN B 223 8.34 -6.02 29.21
C ASN B 223 8.29 -6.09 27.69
N ALA B 224 8.74 -5.04 27.01
CA ALA B 224 8.68 -4.93 25.54
C ALA B 224 9.79 -5.78 24.91
N THR B 225 9.58 -6.20 23.68
CA THR B 225 10.56 -6.93 22.85
C THR B 225 10.96 -6.02 21.69
N ALA B 226 12.25 -5.90 21.43
CA ALA B 226 12.73 -5.39 20.13
C ALA B 226 13.06 -6.58 19.24
N SER B 227 12.40 -6.69 18.09
CA SER B 227 12.75 -7.65 16.99
C SER B 227 13.66 -6.96 15.99
N PHE B 228 14.69 -7.65 15.54
CA PHE B 228 15.64 -7.19 14.49
C PHE B 228 15.35 -8.01 13.24
N ILE B 229 14.76 -7.36 12.24
CA ILE B 229 14.37 -8.02 10.96
C ILE B 229 15.31 -7.54 9.87
N TYR B 230 16.03 -8.45 9.26
CA TYR B 230 17.01 -8.12 8.22
C TYR B 230 16.81 -9.02 7.02
N ASN B 231 16.78 -8.40 5.84
CA ASN B 231 16.50 -9.08 4.55
C ASN B 231 15.26 -9.97 4.70
N GLY B 232 14.20 -9.42 5.26
CA GLY B 232 12.89 -10.08 5.29
C GLY B 232 12.72 -11.14 6.38
N ARG B 233 13.72 -11.39 7.24
CA ARG B 233 13.58 -12.42 8.30
C ARG B 233 14.06 -11.94 9.67
N LEU B 234 13.39 -12.40 10.73
CA LEU B 234 13.78 -12.08 12.12
C LEU B 234 15.13 -12.75 12.42
N VAL B 235 16.14 -11.96 12.74
CA VAL B 235 17.51 -12.46 13.01
C VAL B 235 17.80 -12.42 14.51
N ASP B 236 17.20 -11.47 15.23
CA ASP B 236 17.56 -11.27 16.65
C ASP B 236 16.40 -10.62 17.40
N SER B 237 16.49 -10.67 18.72
CA SER B 237 15.55 -9.92 19.58
C SER B 237 16.20 -9.64 20.93
N VAL B 238 15.73 -8.59 21.57
CA VAL B 238 16.21 -8.25 22.95
C VAL B 238 15.00 -7.81 23.76
N VAL B 239 14.99 -8.19 25.02
CA VAL B 239 13.91 -7.70 25.95
C VAL B 239 14.31 -6.34 26.53
N SER B 240 13.30 -5.54 26.87
CA SER B 240 13.38 -4.36 27.77
C SER B 240 14.32 -4.64 28.96
N TRP B 241 15.41 -3.87 29.08
CA TRP B 241 16.45 -4.03 30.13
C TRP B 241 16.06 -3.30 31.41
N SER B 242 15.28 -2.22 31.37
CA SER B 242 14.90 -1.50 32.62
C SER B 242 13.40 -1.43 32.82
N LYS B 243 12.66 -2.19 32.04
CA LYS B 243 11.25 -2.59 32.27
C LYS B 243 10.34 -1.36 32.30
N GLU B 244 10.60 -0.37 31.45
CA GLU B 244 9.78 0.86 31.42
C GLU B 244 9.83 1.47 30.03
N ILE B 245 9.09 0.86 29.12
CA ILE B 245 8.90 1.27 27.70
C ILE B 245 10.25 1.35 26.98
N LEU B 246 10.76 0.22 26.55
CA LEU B 246 11.91 0.17 25.61
C LEU B 246 11.49 0.98 24.36
N ARG B 247 12.35 1.86 23.87
CA ARG B 247 11.96 2.76 22.74
C ARG B 247 13.18 3.12 21.93
N THR B 248 12.97 3.50 20.68
CA THR B 248 14.11 3.78 19.76
C THR B 248 13.82 5.08 19.00
N GLN B 249 14.48 5.26 17.86
CA GLN B 249 14.70 6.59 17.25
C GLN B 249 13.43 7.22 16.66
N GLU B 250 12.50 6.43 16.11
CA GLU B 250 11.38 6.89 15.23
C GLU B 250 11.94 7.61 14.00
N SER B 251 13.13 7.20 13.53
CA SER B 251 13.79 7.71 12.31
C SER B 251 14.87 6.72 11.87
N GLU B 252 15.55 7.02 10.78
CA GLU B 252 16.49 6.06 10.20
C GLU B 252 17.68 5.78 11.12
N CYS B 253 18.09 4.52 11.17
CA CYS B 253 19.37 4.07 11.73
C CYS B 253 20.44 4.30 10.66
N VAL B 254 21.70 4.07 10.98
CA VAL B 254 22.81 4.40 10.05
C VAL B 254 23.73 3.19 10.01
N CYS B 255 24.14 2.77 8.83
CA CYS B 255 25.02 1.60 8.65
C CYS B 255 26.30 2.04 7.96
N ILE B 256 27.46 1.65 8.49
CA ILE B 256 28.76 1.88 7.80
C ILE B 256 29.47 0.52 7.75
N ASN B 257 29.93 0.12 6.57
CA ASN B 257 30.62 -1.18 6.34
C ASN B 257 29.79 -2.35 6.90
N GLY B 258 28.46 -2.30 6.81
CA GLY B 258 27.58 -3.42 7.19
C GLY B 258 27.29 -3.50 8.67
N THR B 259 27.81 -2.58 9.48
CA THR B 259 27.42 -2.44 10.90
C THR B 259 26.42 -1.30 11.02
N CYS B 260 25.21 -1.59 11.43
CA CYS B 260 24.17 -0.59 11.68
C CYS B 260 24.13 -0.23 13.16
N THR B 261 23.92 1.04 13.48
CA THR B 261 23.81 1.50 14.87
C THR B 261 22.45 2.08 15.09
N VAL B 262 21.88 1.73 16.22
CA VAL B 262 20.56 2.25 16.62
C VAL B 262 20.68 2.63 18.10
N VAL B 263 20.06 3.75 18.46
CA VAL B 263 20.07 4.23 19.86
C VAL B 263 18.72 3.82 20.46
N MET B 264 18.79 3.16 21.61
CA MET B 264 17.60 2.61 22.29
C MET B 264 17.64 3.03 23.74
N THR B 265 16.51 3.34 24.31
CA THR B 265 16.45 3.78 25.71
C THR B 265 15.29 3.08 26.39
N ASP B 266 15.37 2.94 27.69
CA ASP B 266 14.39 2.27 28.55
C ASP B 266 14.32 3.06 29.86
N GLY B 267 13.37 2.86 30.72
CA GLY B 267 13.30 3.65 31.97
C GLY B 267 12.83 5.05 31.69
N ASN B 268 13.35 6.02 32.46
CA ASN B 268 13.10 7.47 32.25
C ASN B 268 14.23 8.07 31.39
N ALA B 269 15.01 7.27 30.69
CA ALA B 269 16.06 7.68 29.73
C ALA B 269 17.28 8.30 30.40
N THR B 270 17.58 8.03 31.67
CA THR B 270 18.77 8.53 32.41
C THR B 270 20.06 7.87 31.88
N GLY B 271 20.80 8.56 31.00
CA GLY B 271 22.25 8.31 30.81
C GLY B 271 22.62 6.83 30.73
N LYS B 272 23.61 6.41 31.53
CA LYS B 272 24.09 5.01 31.54
C LYS B 272 23.04 4.02 32.08
N ALA B 273 22.14 4.44 32.98
CA ALA B 273 21.12 3.54 33.57
C ALA B 273 20.18 2.97 32.47
N ASP B 274 19.98 3.70 31.37
CA ASP B 274 18.83 3.56 30.47
C ASP B 274 19.15 3.54 28.98
N THR B 275 20.12 4.29 28.46
CA THR B 275 20.32 4.41 27.00
C THR B 275 21.50 3.56 26.54
N LYS B 276 21.28 2.75 25.50
CA LYS B 276 22.32 1.89 24.92
C LYS B 276 22.36 2.11 23.41
N ILE B 277 23.53 1.89 22.84
CA ILE B 277 23.75 1.95 21.38
C ILE B 277 24.06 0.52 20.95
N LEU B 278 23.22 -0.03 20.08
CA LEU B 278 23.37 -1.41 19.60
C LEU B 278 24.07 -1.40 18.25
N PHE B 279 25.03 -2.29 18.08
CA PHE B 279 25.79 -2.48 16.82
C PHE B 279 25.29 -3.79 16.21
N ILE B 280 24.78 -3.71 14.98
CA ILE B 280 23.97 -4.79 14.37
C ILE B 280 24.56 -5.14 13.01
N GLU B 281 24.87 -6.41 12.77
CA GLU B 281 25.47 -6.88 11.51
C GLU B 281 24.57 -7.95 10.89
N GLU B 282 24.01 -7.66 9.73
CA GLU B 282 22.99 -8.48 9.01
C GLU B 282 21.88 -8.92 9.97
N GLY B 283 21.43 -8.00 10.83
CA GLY B 283 20.32 -8.24 11.79
C GLY B 283 20.74 -8.83 13.13
N LYS B 284 21.99 -9.28 13.29
CA LYS B 284 22.49 -9.86 14.56
C LYS B 284 23.07 -8.76 15.45
N ILE B 285 22.66 -8.66 16.70
CA ILE B 285 23.29 -7.74 17.68
C ILE B 285 24.70 -8.26 17.99
N VAL B 286 25.74 -7.54 17.56
CA VAL B 286 27.14 -7.96 17.79
C VAL B 286 27.75 -7.22 18.99
N HIS B 287 27.26 -6.04 19.34
CA HIS B 287 27.81 -5.26 20.47
C HIS B 287 26.75 -4.32 21.03
N THR B 288 26.90 -3.98 22.30
CA THR B 288 25.99 -3.02 22.98
C THR B 288 26.83 -2.12 23.89
N SER B 289 26.84 -0.84 23.58
CA SER B 289 27.57 0.20 24.35
C SER B 289 26.58 0.98 25.19
N THR B 290 26.89 1.21 26.45
CA THR B 290 26.10 2.10 27.31
C THR B 290 26.42 3.56 26.94
N LEU B 291 25.43 4.44 27.03
CA LEU B 291 25.65 5.89 26.77
C LEU B 291 26.67 6.47 27.77
N SER B 292 27.71 7.09 27.23
CA SER B 292 28.83 7.76 27.98
C SER B 292 28.96 9.21 27.53
N GLY B 293 29.66 10.04 28.30
CA GLY B 293 29.70 11.50 28.08
C GLY B 293 28.65 12.24 28.92
N SER B 294 28.37 13.51 28.61
CA SER B 294 27.63 14.43 29.52
C SER B 294 26.15 14.58 29.13
N ALA B 295 25.65 13.93 28.08
CA ALA B 295 24.20 13.97 27.77
C ALA B 295 23.47 13.21 28.87
N GLN B 296 22.55 13.87 29.58
CA GLN B 296 21.93 13.28 30.78
C GLN B 296 20.71 12.47 30.37
N HIS B 297 19.91 12.96 29.41
CA HIS B 297 18.69 12.26 28.94
C HIS B 297 18.65 12.27 27.41
N VAL B 298 18.50 11.10 26.79
CA VAL B 298 18.67 10.91 25.32
C VAL B 298 17.52 10.05 24.79
N GLU B 299 16.58 10.66 24.07
CA GLU B 299 15.47 9.97 23.37
C GLU B 299 15.42 10.32 21.90
N GLU B 300 14.75 9.49 21.11
CA GLU B 300 14.31 9.76 19.71
C GLU B 300 15.41 10.39 18.85
N CYS B 301 16.60 9.83 18.90
CA CYS B 301 17.75 10.37 18.18
C CYS B 301 17.48 10.47 16.68
N SER B 302 17.93 11.58 16.10
CA SER B 302 18.00 11.78 14.64
C SER B 302 19.47 11.62 14.26
N CYS B 303 19.82 10.55 13.59
CA CYS B 303 21.24 10.19 13.38
C CYS B 303 21.61 10.35 11.91
N TYR B 304 22.88 10.64 11.67
CA TYR B 304 23.40 10.78 10.30
C TYR B 304 24.79 10.21 10.24
N PRO B 305 25.19 9.63 9.09
CA PRO B 305 26.56 9.24 8.89
C PRO B 305 27.44 10.49 8.80
N ARG B 306 28.58 10.41 9.48
CA ARG B 306 29.58 11.48 9.54
C ARG B 306 30.91 10.76 9.61
N TYR B 307 31.23 10.14 8.48
CA TYR B 307 32.27 9.10 8.35
C TYR B 307 33.57 9.61 8.98
N PRO B 308 34.31 8.81 9.79
CA PRO B 308 34.05 7.38 10.02
C PRO B 308 32.92 7.02 11.01
N GLY B 309 32.32 7.99 11.68
CA GLY B 309 31.34 7.71 12.74
C GLY B 309 29.90 7.99 12.37
N VAL B 310 29.05 7.91 13.36
CA VAL B 310 27.63 8.32 13.28
C VAL B 310 27.42 9.40 14.32
N ARG B 311 26.69 10.45 13.97
CA ARG B 311 26.36 11.54 14.89
C ARG B 311 24.85 11.58 15.02
N CYS B 312 24.37 11.77 16.24
CA CYS B 312 22.93 11.77 16.54
C CYS B 312 22.58 13.03 17.31
N VAL B 313 21.56 13.72 16.90
CA VAL B 313 21.00 14.87 17.67
C VAL B 313 19.65 14.40 18.17
N CYS B 314 19.40 14.55 19.46
CA CYS B 314 18.36 13.76 20.16
C CYS B 314 17.44 14.70 20.94
N ARG B 315 16.55 14.11 21.72
CA ARG B 315 15.56 14.84 22.53
C ARG B 315 15.93 14.61 24.01
N ASP B 316 15.88 15.67 24.81
CA ASP B 316 15.98 15.64 26.28
C ASP B 316 14.61 15.99 26.83
N ASN B 317 13.98 15.06 27.52
CA ASN B 317 12.60 15.23 28.00
C ASN B 317 12.56 15.76 29.43
N TRP B 318 13.70 16.11 30.03
CA TRP B 318 13.77 16.38 31.50
C TRP B 318 14.42 17.73 31.79
N LYS B 319 15.59 17.99 31.22
CA LYS B 319 16.51 19.07 31.68
C LYS B 319 16.83 20.06 30.57
N GLY B 320 17.07 19.60 29.35
CA GLY B 320 17.49 20.44 28.22
C GLY B 320 16.32 20.91 27.35
N SER B 321 16.27 22.20 27.00
CA SER B 321 15.65 22.63 25.71
C SER B 321 16.73 22.79 24.63
N ASN B 322 18.01 22.75 24.99
CA ASN B 322 19.09 22.41 24.06
C ASN B 322 19.03 20.90 23.78
N ARG B 323 19.55 20.46 22.64
CA ARG B 323 19.41 19.05 22.21
C ARG B 323 20.67 18.29 22.55
N PRO B 324 20.59 17.04 23.09
CA PRO B 324 21.76 16.21 23.24
C PRO B 324 22.36 15.79 21.89
N ILE B 325 23.68 15.66 21.88
CA ILE B 325 24.45 15.04 20.78
C ILE B 325 24.98 13.71 21.33
N VAL B 326 24.90 12.66 20.53
CA VAL B 326 25.62 11.39 20.78
C VAL B 326 26.52 11.16 19.58
N ASP B 327 27.81 10.97 19.83
CA ASP B 327 28.79 10.58 18.80
C ASP B 327 29.13 9.11 19.01
N ILE B 328 29.01 8.34 17.94
CA ILE B 328 29.13 6.85 17.98
C ILE B 328 30.32 6.49 17.12
N ASN B 329 31.33 5.88 17.72
CA ASN B 329 32.48 5.31 16.98
C ASN B 329 32.08 3.91 16.48
N ILE B 330 32.08 3.68 15.19
CA ILE B 330 31.62 2.40 14.57
C ILE B 330 32.70 1.31 14.73
N LYS B 331 33.97 1.67 14.83
CA LYS B 331 35.08 0.69 14.83
C LYS B 331 35.28 0.12 16.23
N ASP B 332 35.36 0.98 17.25
CA ASP B 332 35.74 0.54 18.62
C ASP B 332 34.54 0.64 19.57
N HIS B 333 33.37 0.95 19.03
CA HIS B 333 32.06 0.98 19.73
C HIS B 333 32.01 2.06 20.81
N SER B 334 33.01 2.96 20.89
CA SER B 334 33.05 3.99 21.95
C SER B 334 32.01 5.08 21.68
N ILE B 335 31.47 5.61 22.77
CA ILE B 335 30.37 6.60 22.75
C ILE B 335 30.86 7.86 23.47
N VAL B 336 30.53 9.03 22.93
CA VAL B 336 30.67 10.31 23.64
C VAL B 336 29.37 11.08 23.46
N SER B 337 29.09 12.00 24.36
CA SER B 337 27.83 12.77 24.29
C SER B 337 28.00 14.12 24.98
N SER B 338 27.16 15.06 24.56
CA SER B 338 27.22 16.50 24.92
C SER B 338 25.93 17.15 24.45
N TYR B 339 25.87 18.48 24.33
CA TYR B 339 24.68 19.19 23.83
C TYR B 339 25.07 20.09 22.67
N VAL B 340 24.08 20.38 21.80
CA VAL B 340 24.22 21.36 20.69
C VAL B 340 24.48 22.72 21.32
N CYS B 341 25.61 23.33 21.00
CA CYS B 341 26.08 24.57 21.69
C CYS B 341 25.14 25.75 21.46
N SER B 342 24.65 25.94 20.24
CA SER B 342 23.81 27.07 19.74
C SER B 342 22.91 27.70 20.80
N GLY B 343 23.00 29.01 20.98
CA GLY B 343 22.13 29.75 21.92
C GLY B 343 20.71 29.80 21.43
N LEU B 344 20.50 29.64 20.12
CA LEU B 344 19.17 29.38 19.54
C LEU B 344 18.93 27.87 19.63
N VAL B 345 18.03 27.44 20.51
CA VAL B 345 17.91 25.99 20.88
C VAL B 345 16.79 25.34 20.05
N GLY B 346 16.91 24.04 19.83
CA GLY B 346 16.10 23.31 18.83
C GLY B 346 14.87 22.60 19.41
N ASP B 347 14.73 22.49 20.73
CA ASP B 347 13.62 21.71 21.34
C ASP B 347 12.36 22.55 21.49
N THR B 348 11.23 21.88 21.71
CA THR B 348 9.95 22.51 22.09
C THR B 348 9.42 21.72 23.27
N PRO B 349 9.10 22.32 24.43
CA PRO B 349 9.19 23.76 24.67
C PRO B 349 10.62 24.29 24.77
N ARG B 350 10.76 25.62 24.73
CA ARG B 350 12.03 26.34 24.92
C ARG B 350 11.73 27.78 25.30
N LYS B 351 12.74 28.52 25.76
CA LYS B 351 12.62 29.99 25.91
C LYS B 351 12.66 30.66 24.53
N ASN B 352 12.12 31.87 24.42
CA ASN B 352 12.24 32.71 23.19
C ASN B 352 13.71 33.05 22.90
N ASP B 353 14.00 33.47 21.69
CA ASP B 353 15.40 33.64 21.21
C ASP B 353 16.12 34.72 22.02
N SER B 354 15.46 35.79 22.45
CA SER B 354 16.13 36.86 23.23
C SER B 354 16.56 36.38 24.63
N SER B 355 15.85 35.43 25.24
CA SER B 355 16.11 34.97 26.63
C SER B 355 16.69 33.56 26.70
N SER B 356 16.67 32.77 25.62
CA SER B 356 17.22 31.39 25.62
C SER B 356 18.74 31.41 25.80
N SER B 357 19.29 30.34 26.31
CA SER B 357 20.75 30.14 26.41
C SER B 357 21.04 28.65 26.34
N SER B 358 22.31 28.30 26.26
CA SER B 358 22.71 26.91 26.00
C SER B 358 24.09 26.63 26.61
N HIS B 359 24.47 25.38 26.63
CA HIS B 359 25.72 24.88 27.22
C HIS B 359 26.25 23.80 26.29
N CYS B 360 27.55 23.71 26.09
CA CYS B 360 28.13 22.70 25.18
C CYS B 360 28.15 21.32 25.86
N LEU B 361 28.13 21.24 27.19
CA LEU B 361 28.23 19.95 27.90
C LEU B 361 26.90 19.57 28.56
N ASP B 362 26.12 20.53 29.05
CA ASP B 362 25.05 20.27 30.05
C ASP B 362 23.69 20.66 29.48
N PRO B 363 22.59 20.11 30.01
CA PRO B 363 21.28 20.65 29.71
C PRO B 363 21.15 22.07 30.29
N ASN B 364 20.45 22.93 29.58
CA ASN B 364 20.40 24.38 29.88
C ASN B 364 19.45 24.67 31.04
N ASN B 365 18.56 23.73 31.43
CA ASN B 365 17.55 23.89 32.50
C ASN B 365 16.55 25.01 32.17
N GLU B 366 16.33 25.34 30.91
CA GLU B 366 15.33 26.35 30.51
C GLU B 366 14.18 25.63 29.82
N GLU B 367 12.98 25.60 30.42
CA GLU B 367 11.83 24.85 29.84
C GLU B 367 12.29 23.43 29.44
N GLY B 368 13.09 22.79 30.28
CA GLY B 368 13.81 21.57 29.91
C GLY B 368 12.90 20.39 29.75
N GLY B 369 11.87 20.29 30.59
CA GLY B 369 10.91 19.18 30.58
C GLY B 369 10.09 19.10 29.31
N HIS B 370 9.77 17.88 28.90
CA HIS B 370 9.13 17.52 27.61
C HIS B 370 10.04 17.91 26.45
N GLY B 371 9.58 17.70 25.23
CA GLY B 371 10.43 17.88 24.05
C GLY B 371 9.69 17.54 22.79
N VAL B 372 10.41 17.60 21.69
CA VAL B 372 9.90 17.06 20.40
C VAL B 372 11.08 16.40 19.72
N LYS B 373 10.85 15.36 18.94
CA LYS B 373 11.92 14.83 18.09
C LYS B 373 12.27 15.90 17.05
N GLY B 374 13.54 16.17 16.88
CA GLY B 374 14.05 17.12 15.91
C GLY B 374 15.43 16.76 15.47
N TRP B 375 16.12 17.68 14.83
CA TRP B 375 17.43 17.36 14.19
C TRP B 375 18.31 18.61 14.16
N ALA B 376 19.59 18.40 13.99
CA ALA B 376 20.58 19.44 13.67
C ALA B 376 21.77 18.74 13.01
N PHE B 377 22.57 19.45 12.23
CA PHE B 377 23.87 18.91 11.78
C PHE B 377 24.91 20.02 11.72
N ASP B 378 26.15 19.65 11.93
CA ASP B 378 27.30 20.59 11.86
C ASP B 378 27.65 20.92 10.40
N ASP B 379 28.12 22.13 10.21
CA ASP B 379 28.71 22.62 8.94
C ASP B 379 29.96 23.42 9.31
N GLY B 380 31.07 22.73 9.58
CA GLY B 380 32.21 23.30 10.31
C GLY B 380 31.81 23.73 11.70
N ASN B 381 32.02 25.00 12.07
CA ASN B 381 31.60 25.53 13.39
C ASN B 381 30.14 25.94 13.37
N ASP B 382 29.51 26.04 12.20
CA ASP B 382 28.08 26.43 12.13
C ASP B 382 27.18 25.22 12.35
N VAL B 383 25.92 25.46 12.67
CA VAL B 383 24.94 24.36 12.76
C VAL B 383 23.75 24.69 11.86
N TRP B 384 23.31 23.72 11.08
CA TRP B 384 21.97 23.75 10.44
C TRP B 384 20.99 23.03 11.34
N MET B 385 19.85 23.62 11.60
CA MET B 385 18.87 22.96 12.48
C MET B 385 17.45 23.36 12.08
N GLY B 386 16.52 22.48 12.35
CA GLY B 386 15.08 22.74 12.22
C GLY B 386 14.46 22.82 13.58
N ARG B 387 13.34 23.52 13.68
CA ARG B 387 12.56 23.58 14.93
C ARG B 387 11.14 24.09 14.63
N THR B 388 10.25 23.94 15.58
CA THR B 388 8.90 24.53 15.47
C THR B 388 9.06 26.06 15.55
N ILE B 389 8.16 26.82 14.92
CA ILE B 389 8.27 28.32 14.97
C ILE B 389 7.80 28.79 16.32
N ASN B 390 6.73 28.20 16.83
CA ASN B 390 6.22 28.48 18.20
C ASN B 390 7.18 27.85 19.23
N GLU B 391 7.47 28.55 20.32
CA GLU B 391 8.39 28.06 21.38
C GLU B 391 7.68 27.06 22.31
N THR B 392 6.36 27.11 22.44
CA THR B 392 5.61 26.39 23.49
C THR B 392 4.70 25.30 22.93
N SER B 393 4.53 25.17 21.63
CA SER B 393 3.66 24.14 21.01
C SER B 393 4.15 23.79 19.61
N ARG B 394 3.70 22.67 19.06
CA ARG B 394 4.22 22.16 17.76
C ARG B 394 3.44 22.84 16.63
N LEU B 395 3.71 24.13 16.47
CA LEU B 395 3.10 24.98 15.43
C LEU B 395 4.22 25.58 14.59
N GLY B 396 4.03 25.56 13.27
CA GLY B 396 5.01 26.01 12.30
C GLY B 396 6.24 25.13 12.30
N TYR B 397 7.08 25.37 11.30
CA TYR B 397 8.40 24.76 11.24
C TYR B 397 9.33 25.67 10.47
N GLU B 398 10.55 25.85 10.95
CA GLU B 398 11.58 26.69 10.32
C GLU B 398 12.90 25.95 10.35
N THR B 399 13.75 26.21 9.37
CA THR B 399 15.17 25.84 9.41
C THR B 399 15.99 27.11 9.29
N PHE B 400 17.23 27.07 9.78
CA PHE B 400 18.23 28.15 9.61
C PHE B 400 19.60 27.62 9.94
N LYS B 401 20.61 28.36 9.55
CA LYS B 401 21.99 28.12 10.00
C LYS B 401 22.30 29.08 11.15
N VAL B 402 22.93 28.60 12.22
CA VAL B 402 23.45 29.50 13.30
C VAL B 402 24.94 29.56 13.13
N ILE B 403 25.46 30.76 12.93
CA ILE B 403 26.92 31.00 12.70
C ILE B 403 27.67 30.70 14.00
N GLU B 404 28.72 29.89 13.94
CA GLU B 404 29.47 29.34 15.10
C GLU B 404 28.57 28.52 16.04
N GLY B 405 27.34 28.18 15.66
CA GLY B 405 26.37 27.56 16.59
C GLY B 405 26.69 26.11 16.93
N TRP B 406 27.63 25.44 16.28
CA TRP B 406 28.07 24.12 16.74
C TRP B 406 29.14 24.23 17.84
N SER B 407 29.89 25.33 17.91
CA SER B 407 31.07 25.46 18.80
C SER B 407 30.85 26.47 19.94
N ASN B 408 30.07 27.54 19.71
CA ASN B 408 29.99 28.71 20.60
C ASN B 408 28.60 28.76 21.23
N PRO B 409 28.43 28.57 22.55
CA PRO B 409 27.12 28.56 23.17
C PRO B 409 26.46 29.94 23.36
N LYS B 410 27.22 31.02 23.16
CA LYS B 410 26.69 32.40 23.25
C LYS B 410 26.10 32.85 21.90
N SER B 411 26.38 32.15 20.81
CA SER B 411 25.99 32.57 19.44
C SER B 411 24.47 32.51 19.23
N LYS B 412 23.89 33.61 18.76
CA LYS B 412 22.49 33.69 18.29
C LYS B 412 22.39 34.31 16.90
N LEU B 413 23.47 34.25 16.15
CA LEU B 413 23.58 34.88 14.83
C LEU B 413 23.03 33.90 13.80
N GLN B 414 21.71 33.94 13.52
CA GLN B 414 21.16 33.06 12.47
C GLN B 414 21.16 33.74 11.10
N ILE B 415 21.24 32.90 10.06
CA ILE B 415 21.14 33.30 8.63
C ILE B 415 20.48 32.16 7.86
N ASN B 416 19.96 32.43 6.67
CA ASN B 416 19.38 31.42 5.75
C ASN B 416 18.14 30.78 6.39
N ARG B 417 17.32 31.58 7.03
CA ARG B 417 16.03 31.07 7.52
C ARG B 417 15.10 30.69 6.37
N GLN B 418 14.41 29.57 6.53
CA GLN B 418 13.30 29.15 5.65
C GLN B 418 12.14 28.72 6.50
N VAL B 419 10.97 29.27 6.23
CA VAL B 419 9.69 28.71 6.72
C VAL B 419 9.39 27.47 5.89
N ILE B 420 9.12 26.36 6.56
CA ILE B 420 8.70 25.10 5.90
C ILE B 420 7.19 25.00 6.09
N VAL B 421 6.73 25.22 7.30
CA VAL B 421 5.30 25.26 7.66
C VAL B 421 5.11 26.59 8.37
N ASP B 422 4.18 27.42 7.92
CA ASP B 422 3.93 28.72 8.57
C ASP B 422 3.40 28.52 10.00
N ARG B 423 3.57 29.53 10.85
CA ARG B 423 3.37 29.43 12.31
C ARG B 423 1.92 29.10 12.70
N GLY B 424 0.93 29.27 11.83
CA GLY B 424 -0.47 28.94 12.13
C GLY B 424 -0.82 27.49 11.86
N ASN B 425 0.10 26.70 11.30
CA ASN B 425 -0.18 25.31 10.86
C ASN B 425 0.61 24.32 11.73
N ARG B 426 0.00 23.17 12.03
CA ARG B 426 0.58 22.15 12.93
C ARG B 426 1.78 21.47 12.29
N SER B 427 2.84 21.31 13.06
CA SER B 427 3.95 20.41 12.72
C SER B 427 3.89 19.18 13.64
N GLY B 428 5.02 18.71 14.14
CA GLY B 428 5.13 17.42 14.82
C GLY B 428 6.58 17.03 14.88
N TYR B 429 6.87 15.74 14.85
CA TYR B 429 8.26 15.24 14.82
C TYR B 429 8.94 15.70 13.54
N SER B 430 10.25 15.70 13.58
CA SER B 430 11.06 15.89 12.37
C SER B 430 12.35 15.14 12.58
N GLY B 431 12.97 14.76 11.49
CA GLY B 431 14.19 13.97 11.57
C GLY B 431 14.99 14.18 10.33
N ILE B 432 16.24 13.85 10.43
CA ILE B 432 17.19 13.91 9.31
C ILE B 432 17.14 12.58 8.57
N PHE B 433 17.46 12.60 7.28
CA PHE B 433 17.94 11.40 6.55
C PHE B 433 18.99 11.86 5.57
N SER B 434 19.86 10.95 5.22
CA SER B 434 21.05 11.27 4.41
C SER B 434 20.91 10.54 3.07
N VAL B 435 21.31 11.20 2.01
CA VAL B 435 21.16 10.68 0.64
C VAL B 435 22.52 10.77 -0.01
N GLU B 436 23.00 9.67 -0.53
CA GLU B 436 24.32 9.67 -1.20
C GLU B 436 24.15 10.21 -2.62
N GLY B 437 24.89 11.27 -2.94
CA GLY B 437 24.93 11.88 -4.27
C GLY B 437 26.16 11.46 -5.04
N LYS B 438 26.43 12.11 -6.17
CA LYS B 438 27.50 11.72 -7.08
C LYS B 438 28.87 11.86 -6.38
N SER B 439 29.09 12.97 -5.67
CA SER B 439 30.39 13.30 -5.04
C SER B 439 30.26 13.70 -3.58
N CYS B 440 29.06 13.78 -3.00
CA CYS B 440 28.89 14.26 -1.61
C CYS B 440 27.66 13.64 -0.95
N ILE B 441 27.58 13.70 0.38
CA ILE B 441 26.42 13.18 1.14
C ILE B 441 25.51 14.37 1.44
N ASN B 442 24.29 14.30 0.95
CA ASN B 442 23.32 15.37 1.17
C ASN B 442 22.56 15.09 2.47
N ARG B 443 22.07 16.14 3.11
CA ARG B 443 21.20 16.04 4.29
C ARG B 443 19.82 16.50 3.90
N CYS B 444 18.81 15.78 4.33
CA CYS B 444 17.40 16.04 4.02
C CYS B 444 16.66 15.89 5.34
N PHE B 445 15.45 16.41 5.42
CA PHE B 445 14.64 16.22 6.63
C PHE B 445 13.19 16.07 6.22
N TYR B 446 12.42 15.51 7.13
CA TYR B 446 10.96 15.38 7.00
C TYR B 446 10.35 16.10 8.20
N VAL B 447 9.15 16.60 8.01
CA VAL B 447 8.34 17.15 9.12
C VAL B 447 7.05 16.34 9.13
N GLU B 448 6.74 15.76 10.28
CA GLU B 448 5.41 15.18 10.56
C GLU B 448 4.41 16.33 10.72
N LEU B 449 3.28 16.26 10.05
CA LEU B 449 2.24 17.30 10.15
C LEU B 449 1.06 16.64 10.87
N ILE B 450 1.03 16.75 12.20
CA ILE B 450 0.01 16.03 13.02
C ILE B 450 -1.32 16.75 12.88
N ARG B 451 -2.40 15.99 12.67
CA ARG B 451 -3.77 16.53 12.64
C ARG B 451 -4.68 15.75 13.59
N GLY B 452 -5.72 16.39 14.07
CA GLY B 452 -6.74 15.78 14.93
C GLY B 452 -6.43 15.85 16.41
N ARG B 453 -6.93 14.87 17.16
CA ARG B 453 -6.91 14.83 18.64
C ARG B 453 -5.47 14.80 19.17
N LYS B 454 -5.19 15.39 20.35
CA LYS B 454 -6.16 16.05 21.22
C LYS B 454 -6.42 17.50 20.85
N GLU B 455 -5.52 18.15 20.12
CA GLU B 455 -5.54 19.63 19.90
C GLU B 455 -6.68 20.08 18.98
N GLU B 456 -7.08 19.25 18.03
CA GLU B 456 -8.21 19.53 17.13
C GLU B 456 -9.35 18.57 17.47
N THR B 457 -10.49 19.09 17.87
CA THR B 457 -11.64 18.29 18.37
C THR B 457 -12.76 18.17 17.33
N GLU B 458 -12.53 18.65 16.11
CA GLU B 458 -13.49 18.49 14.98
C GLU B 458 -13.59 17.00 14.62
N VAL B 459 -12.56 16.21 14.91
CA VAL B 459 -12.44 14.78 14.51
C VAL B 459 -12.16 13.90 15.73
N LEU B 460 -12.35 12.58 15.62
CA LEU B 460 -12.09 11.62 16.73
C LEU B 460 -10.70 11.01 16.60
N TRP B 461 -10.08 11.12 15.46
CA TRP B 461 -8.80 10.43 15.15
C TRP B 461 -7.61 11.38 15.34
N THR B 462 -6.42 10.81 15.39
CA THR B 462 -5.14 11.52 15.34
C THR B 462 -4.36 10.89 14.20
N SER B 463 -3.84 11.68 13.28
CA SER B 463 -3.03 11.12 12.18
C SER B 463 -2.04 12.17 11.69
N ASN B 464 -1.24 11.85 10.69
CA ASN B 464 -0.25 12.83 10.19
C ASN B 464 -0.19 12.79 8.67
N SER B 465 0.23 13.88 8.06
CA SER B 465 0.89 13.84 6.73
C SER B 465 2.38 14.09 6.90
N ILE B 466 3.11 14.09 5.79
CA ILE B 466 4.53 14.51 5.81
C ILE B 466 4.79 15.57 4.75
N VAL B 467 5.82 16.36 5.01
CA VAL B 467 6.50 17.17 3.98
C VAL B 467 7.99 16.91 4.14
N VAL B 468 8.69 16.88 3.03
CA VAL B 468 10.11 16.47 2.98
C VAL B 468 10.88 17.51 2.17
N PHE B 469 12.04 17.89 2.68
CA PHE B 469 12.92 18.90 2.08
C PHE B 469 14.33 18.34 2.03
N CYS B 470 15.08 18.67 1.00
CA CYS B 470 16.46 18.20 0.85
C CYS B 470 17.42 19.38 0.75
N GLY B 471 18.61 19.24 1.30
CA GLY B 471 19.68 20.24 1.19
C GLY B 471 19.98 20.55 -0.26
N THR B 472 20.20 21.82 -0.55
CA THR B 472 20.59 22.30 -1.90
C THR B 472 21.84 23.15 -1.77
N SER B 473 22.74 23.04 -2.71
CA SER B 473 23.85 23.99 -2.95
C SER B 473 23.41 25.12 -3.89
N GLY B 474 22.23 24.99 -4.51
CA GLY B 474 21.68 25.97 -5.45
C GLY B 474 20.91 27.04 -4.74
N THR B 475 19.86 27.58 -5.39
CA THR B 475 19.07 28.69 -4.83
C THR B 475 17.60 28.28 -4.71
N TYR B 476 16.84 29.02 -3.93
CA TYR B 476 15.50 28.60 -3.52
C TYR B 476 14.74 29.85 -3.12
N GLY B 477 13.43 29.74 -3.04
CA GLY B 477 12.60 30.90 -2.72
C GLY B 477 11.90 30.72 -1.40
N THR B 478 10.62 31.01 -1.37
CA THR B 478 9.81 30.91 -0.15
C THR B 478 8.50 30.18 -0.45
N GLY B 479 7.85 29.75 0.61
CA GLY B 479 6.56 29.08 0.60
C GLY B 479 6.21 28.62 1.98
N SER B 480 5.04 28.02 2.11
CA SER B 480 4.64 27.20 3.26
C SER B 480 3.96 25.96 2.70
N TRP B 481 4.30 24.79 3.19
CA TRP B 481 3.70 23.52 2.72
C TRP B 481 3.08 22.77 3.89
N PRO B 482 1.93 23.24 4.40
CA PRO B 482 1.26 22.60 5.53
C PRO B 482 0.49 21.37 5.08
N ASP B 483 -0.21 20.74 6.02
CA ASP B 483 -1.01 19.51 5.77
C ASP B 483 -2.09 19.81 4.72
N GLY B 484 -2.92 20.81 4.97
CA GLY B 484 -3.90 21.31 3.99
C GLY B 484 -5.27 20.65 4.07
N ALA B 485 -5.52 19.72 4.99
CA ALA B 485 -6.87 19.12 5.16
C ALA B 485 -7.79 20.05 5.95
N ASP B 486 -9.07 20.04 5.61
CA ASP B 486 -10.12 20.82 6.31
C ASP B 486 -10.90 19.88 7.22
N LEU B 487 -10.56 19.85 8.51
CA LEU B 487 -11.12 18.84 9.44
C LEU B 487 -12.58 19.16 9.72
N ASN B 488 -13.05 20.36 9.42
CA ASN B 488 -14.49 20.72 9.54
C ASN B 488 -15.34 19.91 8.55
N LEU B 489 -14.76 19.51 7.42
CA LEU B 489 -15.53 18.96 6.27
C LEU B 489 -15.46 17.43 6.23
N MET B 490 -14.40 16.83 6.75
CA MET B 490 -14.06 15.43 6.44
C MET B 490 -14.48 14.45 7.55
N PRO B 491 -14.33 13.11 7.35
CA PRO B 491 -14.82 12.10 8.30
C PRO B 491 -14.37 12.27 9.76
N ILE B 492 -15.36 12.23 10.65
CA ILE B 492 -15.19 12.49 12.11
C ILE B 492 -14.65 11.19 12.73
N ILE C 2 6.86 24.24 36.96
CA ILE C 2 5.78 25.29 37.00
C ILE C 2 5.45 25.61 38.47
N VAL C 3 5.27 26.91 38.78
CA VAL C 3 4.90 27.41 40.13
C VAL C 3 3.45 27.91 40.10
N MET C 4 2.65 27.49 41.08
CA MET C 4 1.24 27.94 41.21
C MET C 4 1.16 28.93 42.38
N THR C 5 0.68 30.15 42.11
CA THR C 5 0.53 31.24 43.09
C THR C 5 -0.96 31.44 43.33
N GLN C 6 -1.41 31.53 44.57
CA GLN C 6 -2.85 31.55 44.88
C GLN C 6 -3.18 32.71 45.82
N SER C 7 -4.28 33.43 45.57
CA SER C 7 -4.61 34.67 46.31
C SER C 7 -6.12 34.91 46.45
N PRO C 8 -6.57 35.55 47.57
CA PRO C 8 -5.73 35.86 48.73
C PRO C 8 -5.41 34.60 49.55
N ALA C 9 -4.43 34.66 50.44
CA ALA C 9 -4.02 33.53 51.31
C ALA C 9 -5.16 33.16 52.26
N THR C 10 -5.92 34.16 52.74
CA THR C 10 -7.26 33.95 53.35
C THR C 10 -8.24 34.99 52.80
N LEU C 11 -9.44 34.52 52.49
CA LEU C 11 -10.59 35.36 52.07
C LEU C 11 -11.66 35.29 53.17
N SER C 12 -12.12 36.45 53.65
CA SER C 12 -13.28 36.53 54.58
C SER C 12 -14.54 36.89 53.81
N VAL C 13 -15.63 36.15 54.03
CA VAL C 13 -16.92 36.26 53.27
C VAL C 13 -18.09 36.05 54.24
N SER C 14 -19.20 36.78 54.12
CA SER C 14 -20.37 36.53 55.01
C SER C 14 -21.17 35.33 54.52
N PRO C 15 -21.98 34.67 55.38
CA PRO C 15 -22.93 33.65 54.90
C PRO C 15 -23.97 34.27 53.95
N GLY C 16 -24.22 33.60 52.83
CA GLY C 16 -25.14 34.06 51.78
C GLY C 16 -24.54 35.15 50.89
N GLU C 17 -23.24 35.08 50.60
CA GLU C 17 -22.48 36.11 49.82
C GLU C 17 -21.54 35.46 48.79
N ARG C 18 -21.26 36.17 47.70
CA ARG C 18 -20.40 35.68 46.59
C ARG C 18 -18.92 35.71 46.99
N ALA C 19 -18.26 34.55 46.92
CA ALA C 19 -16.79 34.43 47.07
C ALA C 19 -16.11 34.43 45.69
N THR C 20 -14.89 34.97 45.60
CA THR C 20 -14.02 34.85 44.41
C THR C 20 -12.58 34.53 44.83
N LEU C 21 -12.00 33.50 44.23
CA LEU C 21 -10.65 32.98 44.56
C LEU C 21 -9.81 33.05 43.28
N SER C 22 -8.52 33.34 43.38
CA SER C 22 -7.62 33.47 42.21
C SER C 22 -6.47 32.46 42.28
N CYS C 23 -6.14 31.86 41.15
CA CYS C 23 -4.90 31.08 40.97
C CYS C 23 -4.17 31.59 39.73
N ARG C 24 -2.85 31.70 39.82
CA ARG C 24 -1.97 32.12 38.70
C ARG C 24 -0.87 31.08 38.54
N ALA C 25 -0.60 30.67 37.32
CA ALA C 25 0.54 29.77 36.99
C ALA C 25 1.79 30.61 36.65
N SER C 26 2.96 30.00 36.58
CA SER C 26 4.21 30.67 36.12
C SER C 26 4.39 30.55 34.60
N GLN C 27 3.62 29.67 33.94
CA GLN C 27 3.64 29.45 32.48
C GLN C 27 2.20 29.28 31.99
N SER C 28 1.98 29.17 30.68
CA SER C 28 0.67 28.71 30.16
C SER C 28 0.47 27.25 30.58
N VAL C 29 -0.56 27.00 31.39
CA VAL C 29 -1.06 25.61 31.64
C VAL C 29 -2.29 25.36 30.75
N GLY C 30 -2.50 26.15 29.69
CA GLY C 30 -3.67 26.03 28.82
C GLY C 30 -4.95 26.10 29.62
N SER C 31 -5.85 25.12 29.47
CA SER C 31 -7.08 25.01 30.28
C SER C 31 -6.94 23.90 31.34
N SER C 32 -5.73 23.43 31.66
CA SER C 32 -5.50 22.25 32.54
C SER C 32 -5.30 22.68 34.00
N LEU C 33 -6.37 22.99 34.71
CA LEU C 33 -6.29 23.57 36.08
C LEU C 33 -7.48 23.08 36.91
N VAL C 34 -7.25 22.18 37.87
CA VAL C 34 -8.33 21.75 38.80
C VAL C 34 -8.41 22.66 40.02
N TRP C 35 -9.59 22.74 40.59
CA TRP C 35 -9.84 23.30 41.94
C TRP C 35 -10.29 22.18 42.87
N TYR C 36 -9.63 22.06 44.02
CA TYR C 36 -10.05 21.14 45.12
C TYR C 36 -10.55 21.95 46.32
N GLN C 37 -11.53 21.40 47.03
CA GLN C 37 -12.04 21.89 48.33
C GLN C 37 -11.56 20.96 49.44
N GLN C 38 -10.90 21.47 50.47
CA GLN C 38 -10.55 20.64 51.66
C GLN C 38 -11.17 21.25 52.92
N LYS C 39 -12.05 20.49 53.58
CA LYS C 39 -12.44 20.76 54.99
C LYS C 39 -11.32 20.20 55.88
N PRO C 40 -10.92 20.88 57.00
CA PRO C 40 -9.68 20.51 57.71
C PRO C 40 -9.59 19.06 58.25
N GLY C 41 -10.72 18.41 58.52
CA GLY C 41 -10.74 17.02 59.04
C GLY C 41 -10.68 15.97 57.95
N GLN C 42 -10.44 16.34 56.67
CA GLN C 42 -10.71 15.44 55.52
C GLN C 42 -9.65 15.54 54.41
N ALA C 43 -9.67 14.57 53.51
CA ALA C 43 -8.93 14.63 52.22
C ALA C 43 -9.61 15.63 51.28
N PRO C 44 -8.89 16.23 50.30
CA PRO C 44 -9.52 17.14 49.34
C PRO C 44 -10.64 16.50 48.49
N ARG C 45 -11.58 17.34 48.04
CA ARG C 45 -12.65 16.96 47.08
C ARG C 45 -12.48 17.76 45.79
N LEU C 46 -12.45 17.10 44.64
CA LEU C 46 -12.40 17.79 43.33
C LEU C 46 -13.69 18.59 43.13
N LEU C 47 -13.58 19.88 42.79
CA LEU C 47 -14.75 20.70 42.37
C LEU C 47 -14.76 20.93 40.87
N ILE C 48 -13.64 21.36 40.29
CA ILE C 48 -13.57 21.88 38.89
C ILE C 48 -12.46 21.13 38.16
N TYR C 49 -12.68 20.77 36.90
CA TYR C 49 -11.62 20.30 35.98
C TYR C 49 -11.83 20.94 34.59
N GLY C 50 -10.88 20.72 33.68
CA GLY C 50 -10.63 21.73 32.63
C GLY C 50 -10.26 23.00 33.34
N ALA C 51 -11.00 24.08 33.16
CA ALA C 51 -10.99 25.20 34.15
C ALA C 51 -12.41 25.67 34.47
N SER C 52 -13.46 24.93 34.05
CA SER C 52 -14.86 25.40 34.18
C SER C 52 -15.87 24.30 34.48
N THR C 53 -15.64 23.04 34.09
CA THR C 53 -16.63 21.96 34.32
C THR C 53 -16.59 21.49 35.77
N ARG C 54 -17.73 21.61 36.45
CA ARG C 54 -17.96 20.97 37.76
C ARG C 54 -17.78 19.45 37.66
N ALA C 55 -17.23 18.84 38.72
CA ALA C 55 -17.22 17.38 38.92
C ALA C 55 -18.63 16.88 39.30
N THR C 56 -18.83 15.56 39.28
CA THR C 56 -20.17 14.93 39.54
C THR C 56 -20.66 15.30 40.95
N GLY C 57 -21.92 15.72 41.05
CA GLY C 57 -22.58 16.05 42.32
C GLY C 57 -22.19 17.41 42.89
N VAL C 58 -21.19 18.11 42.33
CA VAL C 58 -20.78 19.46 42.82
C VAL C 58 -21.93 20.44 42.58
N PRO C 59 -22.40 21.18 43.60
CA PRO C 59 -23.49 22.15 43.42
C PRO C 59 -23.20 23.23 42.38
N ALA C 60 -24.22 23.62 41.62
CA ALA C 60 -24.14 24.58 40.50
C ALA C 60 -23.58 25.95 40.95
N ARG C 61 -23.71 26.31 42.24
CA ARG C 61 -23.19 27.60 42.80
C ARG C 61 -21.66 27.68 42.70
N PHE C 62 -20.94 26.57 42.64
CA PHE C 62 -19.47 26.56 42.37
C PHE C 62 -19.25 26.75 40.86
N SER C 63 -18.55 27.81 40.46
CA SER C 63 -18.34 28.15 39.03
C SER C 63 -16.87 28.54 38.79
N GLY C 64 -16.24 27.96 37.77
CA GLY C 64 -14.81 28.20 37.47
C GLY C 64 -14.62 28.88 36.13
N SER C 65 -13.60 29.74 36.01
CA SER C 65 -13.24 30.32 34.69
C SER C 65 -11.76 30.71 34.60
N GLY C 66 -11.27 30.86 33.37
CA GLY C 66 -9.88 31.26 33.07
C GLY C 66 -9.20 30.29 32.14
N SER C 67 -8.03 30.71 31.64
CA SER C 67 -7.21 29.95 30.67
C SER C 67 -5.82 30.55 30.58
N GLY C 68 -4.87 29.79 30.06
CA GLY C 68 -3.47 30.23 29.92
C GLY C 68 -2.80 30.29 31.27
N THR C 69 -2.90 31.42 31.97
CA THR C 69 -2.06 31.67 33.18
C THR C 69 -2.88 32.24 34.35
N GLU C 70 -4.09 32.76 34.17
CA GLU C 70 -4.90 33.24 35.33
C GLU C 70 -6.29 32.57 35.35
N PHE C 71 -6.68 32.13 36.53
CA PHE C 71 -7.87 31.28 36.75
C PHE C 71 -8.59 31.77 38.01
N THR C 72 -9.88 31.49 38.08
CA THR C 72 -10.69 31.87 39.26
C THR C 72 -11.76 30.82 39.54
N LEU C 73 -12.06 30.64 40.82
CA LEU C 73 -13.26 29.93 41.31
C LEU C 73 -14.16 30.98 41.97
N THR C 74 -15.38 31.09 41.48
CA THR C 74 -16.44 31.95 42.06
C THR C 74 -17.52 31.06 42.67
N ILE C 75 -17.84 31.29 43.93
CA ILE C 75 -18.97 30.58 44.60
C ILE C 75 -20.11 31.59 44.76
N SER C 76 -21.28 31.30 44.19
CA SER C 76 -22.37 32.29 43.98
C SER C 76 -22.90 32.86 45.32
N SER C 77 -23.04 32.02 46.35
CA SER C 77 -23.60 32.42 47.66
C SER C 77 -23.22 31.38 48.72
N LEU C 78 -22.20 31.65 49.54
CA LEU C 78 -21.64 30.64 50.48
C LEU C 78 -22.70 30.19 51.50
N GLN C 79 -22.98 28.89 51.54
CA GLN C 79 -23.63 28.24 52.70
C GLN C 79 -22.57 27.84 53.74
N SER C 80 -22.99 27.42 54.94
CA SER C 80 -22.10 26.87 55.99
C SER C 80 -21.27 25.69 55.45
N GLU C 81 -21.80 24.99 54.44
CA GLU C 81 -21.13 23.88 53.70
C GLU C 81 -19.82 24.33 53.04
N ASP C 82 -19.66 25.62 52.72
CA ASP C 82 -18.69 26.09 51.68
C ASP C 82 -17.44 26.76 52.31
N PHE C 83 -17.40 26.97 53.62
CA PHE C 83 -16.23 27.58 54.30
C PHE C 83 -15.17 26.49 54.49
N ALA C 84 -14.09 26.58 53.72
CA ALA C 84 -13.10 25.51 53.53
C ALA C 84 -11.78 26.08 52.99
N VAL C 85 -10.71 25.30 52.96
CA VAL C 85 -9.51 25.67 52.17
C VAL C 85 -9.75 25.20 50.73
N TYR C 86 -9.23 25.96 49.75
CA TYR C 86 -9.35 25.63 48.32
C TYR C 86 -7.95 25.62 47.71
N TYR C 87 -7.67 24.65 46.85
CA TYR C 87 -6.35 24.49 46.21
C TYR C 87 -6.55 24.47 44.70
N CYS C 88 -5.74 25.23 43.97
CA CYS C 88 -5.56 24.98 42.52
C CYS C 88 -4.42 23.96 42.33
N GLN C 89 -4.50 23.19 41.25
CA GLN C 89 -3.37 22.34 40.79
C GLN C 89 -3.38 22.38 39.27
N HIS C 90 -2.22 22.55 38.64
CA HIS C 90 -2.13 22.37 37.18
C HIS C 90 -2.04 20.88 36.87
N TYR C 91 -2.61 20.48 35.75
CA TYR C 91 -2.40 19.13 35.20
C TYR C 91 -1.89 19.26 33.76
N ASN C 92 -0.90 20.14 33.58
CA ASN C 92 -0.05 20.20 32.36
C ASN C 92 0.43 18.78 32.06
N ASN C 93 0.77 18.47 30.82
CA ASN C 93 0.97 17.08 30.38
C ASN C 93 2.21 16.44 31.01
N TRP C 94 3.05 17.18 31.71
CA TRP C 94 4.41 16.69 32.09
C TRP C 94 4.67 16.95 33.58
N PRO C 95 5.27 16.00 34.34
CA PRO C 95 5.54 16.21 35.78
C PRO C 95 6.61 17.25 36.09
N PRO C 96 6.65 17.83 37.32
CA PRO C 96 5.72 17.52 38.41
C PRO C 96 4.42 18.34 38.41
N TRP C 97 3.43 17.83 39.13
CA TRP C 97 2.08 18.46 39.22
C TRP C 97 1.97 19.29 40.50
N THR C 98 2.41 20.54 40.40
CA THR C 98 2.46 21.52 41.52
C THR C 98 1.06 21.98 41.91
N PHE C 99 0.85 22.21 43.20
CA PHE C 99 -0.37 22.83 43.76
C PHE C 99 -0.11 24.31 44.13
N GLY C 100 -1.16 25.12 44.12
CA GLY C 100 -1.15 26.43 44.82
C GLY C 100 -1.03 26.23 46.33
N GLN C 101 -0.51 27.23 47.05
CA GLN C 101 -0.33 27.14 48.53
C GLN C 101 -1.68 27.17 49.26
N GLY C 102 -2.79 27.48 48.57
CA GLY C 102 -4.16 27.36 49.09
C GLY C 102 -4.76 28.67 49.56
N THR C 103 -6.07 28.82 49.39
CA THR C 103 -6.87 29.97 49.91
C THR C 103 -7.83 29.43 50.95
N LYS C 104 -7.71 29.88 52.19
CA LYS C 104 -8.74 29.62 53.22
C LYS C 104 -9.95 30.54 52.95
N VAL C 105 -11.16 29.99 52.94
CA VAL C 105 -12.41 30.81 52.85
C VAL C 105 -13.08 30.74 54.21
N GLU C 106 -13.23 31.89 54.86
CA GLU C 106 -13.61 31.94 56.29
C GLU C 106 -14.73 32.95 56.53
N ILE C 107 -15.51 32.74 57.59
CA ILE C 107 -16.82 33.42 57.79
C ILE C 107 -16.59 34.86 58.23
N LYS C 108 -17.44 35.80 57.77
CA LYS C 108 -17.43 37.19 58.29
C LYS C 108 -18.63 37.45 59.21
N ARG C 109 -18.34 38.00 60.39
CA ARG C 109 -19.31 38.24 61.49
C ARG C 109 -19.02 39.60 62.14
N THR C 110 -19.92 40.05 63.01
CA THR C 110 -19.78 41.35 63.75
C THR C 110 -18.49 41.31 64.58
N VAL D 2 -16.15 4.09 43.64
CA VAL D 2 -14.85 3.57 44.18
C VAL D 2 -14.46 4.41 45.40
N GLN D 3 -14.55 3.84 46.61
CA GLN D 3 -13.86 4.40 47.80
C GLN D 3 -12.41 3.93 47.81
N LEU D 4 -11.53 4.71 48.45
CA LEU D 4 -10.13 4.33 48.74
C LEU D 4 -9.91 4.29 50.25
N VAL D 5 -9.14 3.30 50.71
CA VAL D 5 -8.88 3.03 52.16
C VAL D 5 -7.38 2.87 52.36
N GLN D 6 -6.84 3.51 53.39
CA GLN D 6 -5.38 3.52 53.67
C GLN D 6 -5.06 2.82 54.99
N SER D 7 -3.81 2.36 55.13
CA SER D 7 -3.26 1.83 56.40
C SER D 7 -3.23 2.91 57.50
N GLY D 8 -3.24 2.46 58.76
CA GLY D 8 -3.27 3.32 59.97
C GLY D 8 -2.04 4.19 60.16
N ALA D 9 -2.13 5.14 61.09
CA ALA D 9 -1.09 6.16 61.39
C ALA D 9 0.22 5.51 61.87
N GLU D 10 1.33 6.23 61.67
CA GLU D 10 2.71 5.71 61.93
C GLU D 10 3.56 6.71 62.71
N VAL D 11 4.56 6.19 63.44
CA VAL D 11 5.49 7.02 64.24
C VAL D 11 6.88 6.39 64.23
N LYS D 12 7.88 7.18 63.82
CA LYS D 12 9.18 6.65 63.34
C LYS D 12 10.34 7.51 63.84
N ARG D 13 11.50 6.87 64.06
CA ARG D 13 12.80 7.56 64.30
C ARG D 13 13.37 8.07 62.97
N PRO D 14 14.13 9.19 62.96
CA PRO D 14 14.92 9.57 61.79
C PRO D 14 15.86 8.45 61.29
N GLY D 15 16.10 8.43 59.99
CA GLY D 15 16.96 7.41 59.33
C GLY D 15 16.26 6.08 59.09
N SER D 16 15.03 5.87 59.60
CA SER D 16 14.27 4.61 59.42
C SER D 16 13.48 4.61 58.09
N SER D 17 12.62 3.60 57.89
CA SER D 17 11.72 3.46 56.71
C SER D 17 10.26 3.23 57.16
N VAL D 18 9.30 3.71 56.36
CA VAL D 18 7.83 3.63 56.66
C VAL D 18 7.09 3.04 55.45
N LYS D 19 6.06 2.24 55.73
CA LYS D 19 5.18 1.62 54.70
C LYS D 19 3.77 2.17 54.91
N VAL D 20 3.19 2.74 53.86
CA VAL D 20 1.74 3.10 53.79
C VAL D 20 1.12 2.28 52.66
N SER D 21 -0.15 1.90 52.78
CA SER D 21 -0.81 1.09 51.73
C SER D 21 -2.21 1.64 51.44
N CYS D 22 -2.73 1.34 50.24
CA CYS D 22 -4.05 1.79 49.77
C CYS D 22 -4.80 0.66 49.04
N LYS D 23 -6.09 0.52 49.32
CA LYS D 23 -6.98 -0.50 48.72
C LYS D 23 -8.26 0.17 48.22
N PRO D 24 -8.89 -0.35 47.15
CA PRO D 24 -10.23 0.09 46.75
C PRO D 24 -11.32 -0.63 47.57
N SER D 25 -12.55 -0.13 47.52
CA SER D 25 -13.75 -0.85 48.03
C SER D 25 -14.22 -1.91 47.02
N GLY D 26 -14.12 -1.62 45.72
CA GLY D 26 -14.59 -2.50 44.63
C GLY D 26 -13.57 -3.55 44.21
N GLY D 27 -13.60 -3.92 42.92
CA GLY D 27 -12.70 -4.92 42.32
C GLY D 27 -11.25 -4.48 42.29
N THR D 28 -10.33 -5.43 42.08
CA THR D 28 -8.85 -5.20 42.08
C THR D 28 -8.46 -4.21 40.97
N PHE D 29 -7.36 -3.48 41.20
CA PHE D 29 -7.11 -2.12 40.65
C PHE D 29 -7.16 -2.05 39.11
N SER D 30 -7.81 -0.98 38.65
CA SER D 30 -8.00 -0.55 37.23
C SER D 30 -6.73 0.11 36.66
N ASN D 31 -6.81 0.62 35.41
CA ASN D 31 -5.71 1.34 34.73
C ASN D 31 -5.55 2.77 35.24
N ASN D 32 -6.54 3.37 35.90
CA ASN D 32 -6.43 4.73 36.45
C ASN D 32 -5.23 4.84 37.41
N VAL D 33 -4.41 5.85 37.24
CA VAL D 33 -3.17 6.04 38.05
C VAL D 33 -3.54 6.16 39.52
N ILE D 34 -2.85 5.42 40.38
CA ILE D 34 -2.89 5.67 41.84
C ILE D 34 -1.64 6.50 42.18
N SER D 35 -1.81 7.54 42.96
CA SER D 35 -0.75 8.53 43.22
C SER D 35 -0.70 8.86 44.70
N TRP D 36 0.46 9.32 45.15
CA TRP D 36 0.73 9.68 46.55
C TRP D 36 1.04 11.18 46.62
N VAL D 37 0.23 11.86 47.40
CA VAL D 37 0.34 13.32 47.67
C VAL D 37 0.52 13.46 49.18
N ARG D 38 1.38 14.36 49.67
CA ARG D 38 1.44 14.63 51.12
C ARG D 38 1.13 16.08 51.43
N GLN D 39 0.59 16.29 52.62
CA GLN D 39 0.36 17.61 53.21
C GLN D 39 1.29 17.73 54.41
N ALA D 40 2.32 18.55 54.32
CA ALA D 40 3.18 18.88 55.48
C ALA D 40 2.33 19.65 56.49
N PRO D 41 2.58 19.51 57.82
CA PRO D 41 1.71 20.11 58.84
C PRO D 41 1.45 21.62 58.64
N GLY D 42 0.16 21.99 58.57
CA GLY D 42 -0.33 23.36 58.36
C GLY D 42 0.16 24.00 57.06
N GLN D 43 0.48 23.19 56.03
CA GLN D 43 1.12 23.69 54.77
C GLN D 43 0.50 22.99 53.55
N GLY D 44 0.82 23.49 52.35
CA GLY D 44 0.24 23.06 51.07
C GLY D 44 0.46 21.60 50.70
N LEU D 45 -0.35 21.12 49.76
CA LEU D 45 -0.24 19.76 49.17
C LEU D 45 1.01 19.63 48.29
N GLU D 46 1.48 18.40 48.13
CA GLU D 46 2.71 18.10 47.37
C GLU D 46 2.59 16.70 46.77
N TRP D 47 2.54 16.59 45.45
CA TRP D 47 2.58 15.30 44.74
C TRP D 47 3.99 14.72 44.88
N MET D 48 4.12 13.44 45.18
CA MET D 48 5.46 12.81 45.31
C MET D 48 5.66 11.63 44.33
N GLY D 49 4.59 10.99 43.86
CA GLY D 49 4.70 9.99 42.77
C GLY D 49 3.37 9.32 42.45
N GLY D 50 3.37 8.40 41.49
CA GLY D 50 2.19 7.55 41.20
C GLY D 50 2.52 6.38 40.31
N ILE D 51 1.60 5.42 40.23
CA ILE D 51 1.78 4.14 39.48
C ILE D 51 0.56 3.92 38.59
N ILE D 52 0.77 3.41 37.37
CA ILE D 52 -0.34 2.80 36.58
C ILE D 52 -0.49 1.38 37.11
N PRO D 53 -1.56 1.00 37.84
CA PRO D 53 -1.56 -0.28 38.56
C PRO D 53 -1.46 -1.53 37.67
N THR D 54 -2.04 -1.50 36.47
CA THR D 54 -2.02 -2.59 35.47
C THR D 54 -0.62 -2.82 34.91
N SER D 55 0.06 -1.78 34.44
CA SER D 55 1.40 -1.88 33.79
C SER D 55 2.52 -1.81 34.84
N GLY D 56 2.23 -1.39 36.08
CA GLY D 56 3.19 -1.38 37.20
C GLY D 56 4.31 -0.33 37.08
N ILE D 57 4.28 0.52 36.06
CA ILE D 57 5.26 1.64 35.93
C ILE D 57 4.86 2.76 36.88
N ALA D 58 5.82 3.22 37.69
CA ALA D 58 5.64 4.38 38.58
C ALA D 58 6.67 5.48 38.30
N ASN D 59 6.28 6.71 38.60
CA ASN D 59 7.14 7.91 38.46
C ASN D 59 7.02 8.77 39.71
N TYR D 60 8.02 9.62 39.93
CA TYR D 60 8.25 10.31 41.24
C TYR D 60 8.72 11.73 41.00
N ALA D 61 8.45 12.60 41.97
CA ALA D 61 9.03 13.96 42.04
C ALA D 61 10.53 13.86 42.35
N GLN D 62 11.35 14.78 41.82
CA GLN D 62 12.81 14.77 42.09
C GLN D 62 13.10 14.88 43.59
N LYS D 63 12.27 15.61 44.35
CA LYS D 63 12.40 15.77 45.82
C LYS D 63 12.39 14.40 46.56
N PHE D 64 11.80 13.35 45.99
CA PHE D 64 11.62 12.03 46.64
C PHE D 64 12.36 10.92 45.89
N GLN D 65 13.13 11.26 44.87
CA GLN D 65 13.70 10.27 43.93
C GLN D 65 14.78 9.45 44.64
N GLY D 66 14.70 8.11 44.53
CA GLY D 66 15.52 7.19 45.34
C GLY D 66 14.86 6.81 46.66
N ARG D 67 14.50 7.77 47.53
CA ARG D 67 14.01 7.44 48.90
C ARG D 67 12.52 7.02 48.90
N VAL D 68 11.77 7.14 47.80
CA VAL D 68 10.35 6.65 47.71
C VAL D 68 10.24 5.55 46.66
N ALA D 69 9.33 4.60 46.91
CA ALA D 69 8.94 3.55 45.94
C ALA D 69 7.42 3.32 46.00
N ILE D 70 6.76 3.28 44.85
CA ILE D 70 5.33 2.87 44.72
C ILE D 70 5.32 1.45 44.14
N ILE D 71 4.55 0.54 44.73
CA ILE D 71 4.48 -0.89 44.29
C ILE D 71 3.00 -1.27 44.18
N ALA D 72 2.63 -1.99 43.12
CA ALA D 72 1.24 -2.47 42.92
C ALA D 72 1.21 -4.00 42.92
N ASP D 73 0.15 -4.58 43.48
CA ASP D 73 -0.08 -6.04 43.50
C ASP D 73 -1.57 -6.32 43.31
N LYS D 74 -1.93 -6.92 42.17
CA LYS D 74 -3.31 -7.30 41.81
C LYS D 74 -3.90 -8.29 42.82
N SER D 75 -3.07 -9.19 43.38
CA SER D 75 -3.54 -10.28 44.28
C SER D 75 -4.03 -9.70 45.62
N THR D 76 -3.20 -8.98 46.36
CA THR D 76 -3.63 -8.25 47.60
C THR D 76 -4.48 -7.02 47.21
N SER D 77 -4.65 -6.71 45.92
CA SER D 77 -5.47 -5.57 45.39
C SER D 77 -4.99 -4.25 46.00
N THR D 78 -3.68 -4.09 46.17
CA THR D 78 -3.12 -3.02 47.01
C THR D 78 -2.03 -2.27 46.25
N VAL D 79 -1.97 -0.96 46.45
CA VAL D 79 -0.76 -0.16 46.12
C VAL D 79 -0.07 0.20 47.43
N TYR D 80 1.24 0.03 47.48
CA TYR D 80 2.08 0.28 48.67
C TYR D 80 3.03 1.42 48.35
N MET D 81 3.13 2.38 49.27
CA MET D 81 4.13 3.46 49.17
C MET D 81 5.12 3.30 50.32
N ALA D 82 6.37 3.09 49.95
CA ALA D 82 7.51 2.96 50.89
C ALA D 82 8.31 4.26 50.85
N LEU D 83 8.65 4.80 52.01
CA LEU D 83 9.52 5.98 52.15
C LEU D 83 10.65 5.65 53.14
N SER D 84 11.87 6.09 52.85
CA SER D 84 13.10 5.70 53.59
C SER D 84 13.96 6.91 53.94
N SER D 85 14.85 6.74 54.91
CA SER D 85 15.69 7.81 55.53
C SER D 85 14.81 9.02 55.91
N LEU D 86 13.76 8.74 56.69
CA LEU D 86 12.83 9.76 57.27
C LEU D 86 13.58 10.78 58.13
N ARG D 87 12.95 11.94 58.32
CA ARG D 87 13.42 13.04 59.20
C ARG D 87 12.23 13.95 59.54
N SER D 88 12.43 14.95 60.41
CA SER D 88 11.38 15.91 60.86
C SER D 88 10.61 16.45 59.65
N GLU D 89 11.30 16.76 58.55
CA GLU D 89 10.72 17.26 57.28
C GLU D 89 9.61 16.33 56.77
N ASP D 90 9.80 15.02 56.89
CA ASP D 90 8.86 13.99 56.35
C ASP D 90 7.68 13.73 57.30
N SER D 91 7.63 14.35 58.47
CA SER D 91 6.42 14.28 59.32
C SER D 91 5.31 15.05 58.59
N ALA D 92 4.22 14.37 58.22
CA ALA D 92 3.19 14.86 57.28
C ALA D 92 2.00 13.90 57.22
N VAL D 93 0.91 14.30 56.55
CA VAL D 93 -0.21 13.38 56.20
C VAL D 93 -0.01 12.92 54.75
N TYR D 94 -0.11 11.62 54.52
CA TYR D 94 0.12 10.97 53.20
C TYR D 94 -1.24 10.52 52.67
N PHE D 95 -1.60 11.00 51.48
CA PHE D 95 -2.88 10.64 50.81
C PHE D 95 -2.61 9.73 49.62
N CYS D 96 -3.37 8.65 49.57
CA CYS D 96 -3.61 7.84 48.36
C CYS D 96 -4.62 8.60 47.49
N ALA D 97 -4.41 8.69 46.17
CA ALA D 97 -5.43 9.31 45.28
C ALA D 97 -5.47 8.68 43.88
N ARG D 98 -6.67 8.53 43.34
CA ARG D 98 -6.95 7.96 42.00
C ARG D 98 -7.10 9.10 40.98
N ALA D 99 -6.23 9.13 39.97
CA ALA D 99 -6.27 10.16 38.91
C ALA D 99 -7.32 9.79 37.84
N ARG D 100 -7.90 10.78 37.16
CA ARG D 100 -8.67 10.56 35.89
C ARG D 100 -7.73 9.94 34.84
N SER D 101 -6.46 10.34 34.83
CA SER D 101 -5.38 9.79 33.98
C SER D 101 -5.27 8.27 34.10
N ASP D 102 -5.11 7.58 32.97
CA ASP D 102 -5.02 6.09 32.94
C ASP D 102 -3.96 5.59 31.96
N TYR D 103 -3.13 6.46 31.39
CA TYR D 103 -2.14 6.07 30.36
C TYR D 103 -1.02 7.11 30.33
N PHE D 104 0.19 6.67 30.08
CA PHE D 104 1.35 7.54 29.83
C PHE D 104 1.78 7.37 28.37
N ASN D 105 1.81 8.47 27.64
CA ASN D 105 2.27 8.53 26.24
C ASN D 105 3.75 8.89 26.22
N ARG D 106 4.62 8.06 25.62
CA ARG D 106 6.08 8.32 25.45
C ARG D 106 6.34 9.78 25.08
N ASP D 107 5.60 10.23 24.10
CA ASP D 107 5.78 11.54 23.44
C ASP D 107 5.04 12.60 24.24
N LEU D 108 3.76 12.42 24.45
CA LEU D 108 2.85 13.52 24.89
C LEU D 108 2.69 13.58 26.42
N GLY D 109 3.17 12.62 27.20
CA GLY D 109 2.98 12.60 28.66
C GLY D 109 1.60 12.13 29.11
N TRP D 110 1.05 12.79 30.12
CA TRP D 110 -0.15 12.33 30.85
C TRP D 110 -1.33 13.25 30.57
N GLU D 111 -2.48 12.69 30.22
CA GLU D 111 -3.74 13.48 30.12
C GLU D 111 -4.53 13.35 31.42
N ASP D 112 -5.13 14.43 31.88
CA ASP D 112 -6.09 14.45 33.03
C ASP D 112 -5.42 13.94 34.33
N TYR D 113 -4.19 14.32 34.60
CA TYR D 113 -3.52 13.93 35.88
C TYR D 113 -4.01 14.84 37.00
N TYR D 114 -5.25 14.60 37.40
CA TYR D 114 -5.91 15.26 38.55
C TYR D 114 -6.71 14.21 39.29
N PHE D 115 -6.99 14.46 40.56
CA PHE D 115 -7.38 13.39 41.52
C PHE D 115 -8.88 13.41 41.73
N GLU D 116 -9.53 12.31 41.39
CA GLU D 116 -11.00 12.19 41.48
C GLU D 116 -11.41 11.65 42.84
N ASN D 117 -10.62 10.74 43.40
CA ASN D 117 -10.90 10.06 44.69
C ASN D 117 -9.64 10.10 45.54
N TRP D 118 -9.79 10.34 46.84
CA TRP D 118 -8.67 10.34 47.82
C TRP D 118 -8.97 9.33 48.94
N GLY D 119 -7.93 8.72 49.50
CA GLY D 119 -8.03 7.95 50.76
C GLY D 119 -8.25 8.84 51.97
N GLN D 120 -8.42 8.26 53.16
CA GLN D 120 -8.71 9.04 54.40
C GLN D 120 -7.44 9.74 54.93
N GLY D 121 -6.27 9.57 54.29
CA GLY D 121 -4.97 10.06 54.79
C GLY D 121 -4.33 9.14 55.81
N THR D 122 -3.00 9.13 55.86
CA THR D 122 -2.18 8.41 56.87
C THR D 122 -1.23 9.41 57.50
N LEU D 123 -1.37 9.69 58.79
CA LEU D 123 -0.38 10.52 59.51
C LEU D 123 0.93 9.72 59.65
N VAL D 124 2.05 10.35 59.32
CA VAL D 124 3.39 9.83 59.66
C VAL D 124 4.06 10.88 60.55
N THR D 125 4.38 10.47 61.79
CA THR D 125 4.99 11.35 62.82
C THR D 125 6.48 11.02 62.93
N VAL D 126 7.35 12.04 62.94
CA VAL D 126 8.82 11.84 63.05
C VAL D 126 9.39 12.85 64.05
N SER D 127 10.14 12.35 65.04
CA SER D 127 10.93 13.16 66.00
C SER D 127 12.20 12.37 66.39
N SER D 128 13.28 13.07 66.73
CA SER D 128 14.50 12.46 67.31
C SER D 128 14.17 11.83 68.68
N ALA D 129 13.24 12.44 69.42
CA ALA D 129 12.80 11.98 70.76
C ALA D 129 12.01 10.66 70.64
N SER D 130 12.16 9.79 71.65
CA SER D 130 11.40 8.53 71.81
C SER D 130 9.94 8.79 72.26
N ALA E 105 16.45 -13.18 -24.44
CA ALA E 105 15.16 -13.95 -24.61
C ALA E 105 14.91 -14.27 -26.09
N GLU E 106 14.48 -15.49 -26.39
CA GLU E 106 14.27 -15.98 -27.77
C GLU E 106 12.80 -15.80 -28.17
N TYR E 107 12.50 -15.89 -29.46
CA TYR E 107 11.11 -16.03 -29.93
C TYR E 107 10.55 -17.41 -29.55
N ARG E 108 9.27 -17.44 -29.18
CA ARG E 108 8.46 -18.67 -29.10
C ARG E 108 8.40 -19.39 -30.46
N ASN E 109 8.57 -20.71 -30.45
CA ASN E 109 8.31 -21.53 -31.65
C ASN E 109 7.21 -22.59 -31.41
N TRP E 110 6.78 -22.87 -30.18
CA TRP E 110 5.73 -23.88 -29.83
C TRP E 110 5.99 -25.28 -30.44
N SER E 111 7.23 -25.65 -30.74
CA SER E 111 7.54 -26.88 -31.52
C SER E 111 7.50 -28.18 -30.70
N LYS E 112 7.15 -28.14 -29.43
CA LYS E 112 6.87 -29.35 -28.60
C LYS E 112 5.58 -30.02 -29.06
N PRO E 113 5.42 -31.36 -28.88
CA PRO E 113 4.14 -32.03 -29.15
C PRO E 113 3.03 -31.56 -28.21
N GLN E 114 1.78 -31.70 -28.65
CA GLN E 114 0.60 -31.39 -27.80
C GLN E 114 0.55 -32.41 -26.66
N CYS E 115 0.28 -31.96 -25.45
CA CYS E 115 0.16 -32.81 -24.24
C CYS E 115 -0.96 -33.84 -24.40
N ASP E 116 -0.80 -35.00 -23.76
CA ASP E 116 -1.92 -35.96 -23.56
C ASP E 116 -2.98 -35.30 -22.68
N ILE E 117 -4.23 -35.37 -23.11
CA ILE E 117 -5.35 -34.72 -22.38
C ILE E 117 -6.38 -35.81 -22.11
N THR E 118 -6.73 -35.98 -20.84
CA THR E 118 -7.82 -36.86 -20.37
C THR E 118 -9.04 -36.00 -20.06
N GLY E 119 -8.88 -34.69 -20.08
CA GLY E 119 -9.89 -33.71 -19.68
C GLY E 119 -9.20 -32.49 -19.13
N PHE E 120 -9.89 -31.71 -18.33
CA PHE E 120 -9.40 -30.38 -17.89
C PHE E 120 -9.55 -30.27 -16.38
N ALA E 121 -8.56 -29.65 -15.75
CA ALA E 121 -8.54 -29.42 -14.28
C ALA E 121 -8.77 -27.93 -14.03
N PRO E 122 -9.43 -27.54 -12.92
CA PRO E 122 -9.62 -26.12 -12.61
C PRO E 122 -8.28 -25.39 -12.45
N PHE E 123 -8.19 -24.16 -12.99
CA PHE E 123 -6.95 -23.37 -12.99
C PHE E 123 -7.15 -22.00 -12.34
N SER E 124 -8.20 -21.25 -12.66
CA SER E 124 -8.35 -19.86 -12.15
C SER E 124 -9.79 -19.43 -12.19
N LYS E 125 -10.19 -18.57 -11.28
CA LYS E 125 -11.52 -17.91 -11.31
C LYS E 125 -11.33 -16.51 -10.72
N ASP E 126 -12.00 -15.49 -11.25
CA ASP E 126 -11.74 -14.09 -10.83
C ASP E 126 -12.75 -13.61 -9.79
N ASN E 127 -13.96 -14.15 -9.77
CA ASN E 127 -15.05 -13.75 -8.83
C ASN E 127 -15.37 -12.26 -8.96
N SER E 128 -15.15 -11.66 -10.12
CA SER E 128 -15.15 -10.18 -10.24
C SER E 128 -16.54 -9.58 -10.05
N ILE E 129 -17.64 -10.24 -10.42
CA ILE E 129 -18.99 -9.65 -10.17
C ILE E 129 -19.27 -9.70 -8.66
N ARG E 130 -18.89 -10.78 -7.96
CA ARG E 130 -19.08 -10.88 -6.48
C ARG E 130 -18.25 -9.79 -5.78
N LEU E 131 -17.00 -9.58 -6.23
CA LEU E 131 -16.12 -8.51 -5.69
C LEU E 131 -16.67 -7.11 -6.01
N SER E 132 -17.30 -6.89 -7.17
CA SER E 132 -17.90 -5.59 -7.60
C SER E 132 -18.95 -5.09 -6.60
N ALA E 133 -19.60 -5.97 -5.86
CA ALA E 133 -20.66 -5.61 -4.91
C ALA E 133 -20.10 -4.91 -3.66
N GLY E 134 -18.78 -4.88 -3.48
CA GLY E 134 -18.13 -4.20 -2.35
C GLY E 134 -16.69 -3.92 -2.70
N GLY E 135 -16.48 -3.10 -3.72
CA GLY E 135 -15.16 -2.90 -4.35
C GLY E 135 -15.25 -2.17 -5.66
N ASP E 136 -14.19 -1.48 -6.06
CA ASP E 136 -14.14 -0.74 -7.35
C ASP E 136 -13.61 -1.66 -8.43
N ILE E 137 -14.52 -2.31 -9.15
CA ILE E 137 -14.13 -3.31 -10.19
C ILE E 137 -14.64 -2.80 -11.54
N TRP E 138 -13.81 -2.89 -12.56
CA TRP E 138 -14.15 -2.54 -13.97
C TRP E 138 -15.34 -3.35 -14.51
N VAL E 139 -16.25 -2.67 -15.21
CA VAL E 139 -17.23 -3.33 -16.12
C VAL E 139 -16.48 -3.82 -17.35
N THR E 140 -16.67 -5.08 -17.71
CA THR E 140 -15.95 -5.72 -18.83
C THR E 140 -16.88 -6.60 -19.66
N ARG E 141 -16.43 -6.98 -20.84
CA ARG E 141 -16.92 -8.16 -21.59
C ARG E 141 -15.79 -8.62 -22.50
N GLU E 142 -16.00 -9.74 -23.18
CA GLU E 142 -15.06 -10.34 -24.15
C GLU E 142 -13.70 -10.53 -23.48
N PRO E 143 -13.61 -11.27 -22.36
CA PRO E 143 -12.33 -11.57 -21.75
C PRO E 143 -11.57 -12.60 -22.56
N TYR E 144 -10.28 -12.69 -22.30
CA TYR E 144 -9.47 -13.83 -22.75
C TYR E 144 -8.21 -13.96 -21.91
N VAL E 145 -7.52 -15.07 -22.09
CA VAL E 145 -6.26 -15.35 -21.35
C VAL E 145 -5.17 -15.52 -22.38
N SER E 146 -4.02 -14.96 -22.08
CA SER E 146 -2.79 -15.20 -22.85
C SER E 146 -1.62 -15.17 -21.89
N CYS E 147 -0.57 -15.91 -22.15
CA CYS E 147 0.54 -16.05 -21.19
C CYS E 147 1.83 -15.55 -21.85
N ASP E 148 2.66 -14.83 -21.10
CA ASP E 148 4.09 -14.70 -21.48
C ASP E 148 4.81 -15.98 -21.07
N PRO E 149 6.11 -16.15 -21.33
CA PRO E 149 6.81 -17.38 -20.95
C PRO E 149 6.81 -17.73 -19.46
N ASP E 150 6.51 -16.77 -18.57
CA ASP E 150 6.52 -16.97 -17.10
C ASP E 150 5.10 -17.07 -16.54
N LYS E 151 4.21 -16.13 -16.90
CA LYS E 151 2.91 -15.92 -16.22
C LYS E 151 1.76 -15.87 -17.23
N CYS E 152 0.57 -16.21 -16.80
CA CYS E 152 -0.67 -15.96 -17.57
C CYS E 152 -1.28 -14.61 -17.19
N TYR E 153 -1.94 -13.99 -18.15
CA TYR E 153 -2.59 -12.68 -18.00
C TYR E 153 -4.05 -12.80 -18.40
N GLN E 154 -4.91 -12.12 -17.69
CA GLN E 154 -6.31 -11.98 -18.09
C GLN E 154 -6.43 -10.64 -18.79
N PHE E 155 -7.18 -10.64 -19.86
CA PHE E 155 -7.49 -9.48 -20.70
C PHE E 155 -8.98 -9.33 -20.73
N ALA E 156 -9.46 -8.11 -20.84
CA ALA E 156 -10.88 -7.90 -21.19
C ALA E 156 -11.03 -6.55 -21.84
N LEU E 157 -12.14 -6.35 -22.51
CA LEU E 157 -12.48 -5.01 -23.01
C LEU E 157 -13.28 -4.31 -21.92
N GLY E 158 -12.69 -3.29 -21.31
CA GLY E 158 -13.38 -2.43 -20.34
C GLY E 158 -14.49 -1.66 -21.00
N GLN E 159 -15.39 -1.11 -20.20
CA GLN E 159 -16.44 -0.19 -20.70
C GLN E 159 -16.15 1.25 -20.21
N GLY E 160 -14.89 1.58 -19.89
CA GLY E 160 -14.48 2.90 -19.35
C GLY E 160 -15.22 3.27 -18.08
N THR E 161 -15.54 2.30 -17.23
CA THR E 161 -16.35 2.51 -15.99
C THR E 161 -16.11 1.36 -15.03
N THR E 162 -16.31 1.60 -13.74
CA THR E 162 -16.43 0.54 -12.72
C THR E 162 -17.90 0.16 -12.62
N LEU E 163 -18.21 -0.93 -11.93
CA LEU E 163 -19.59 -1.46 -11.89
C LEU E 163 -20.45 -0.62 -10.96
N ASN E 164 -20.00 -0.30 -9.76
CA ASN E 164 -20.81 0.55 -8.84
C ASN E 164 -20.52 2.02 -9.19
N ASN E 165 -21.17 2.52 -10.25
CA ASN E 165 -20.79 3.76 -10.97
C ASN E 165 -21.98 4.15 -11.85
N VAL E 166 -22.27 5.44 -11.99
CA VAL E 166 -23.38 5.90 -12.88
C VAL E 166 -23.06 5.52 -14.33
N HIS E 167 -21.80 5.48 -14.74
CA HIS E 167 -21.41 5.18 -16.13
C HIS E 167 -21.59 3.68 -16.48
N SER E 168 -21.96 2.82 -15.54
CA SER E 168 -22.18 1.37 -15.78
C SER E 168 -23.54 1.15 -16.46
N ASN E 169 -24.44 2.11 -16.45
CA ASN E 169 -25.71 2.05 -17.21
C ASN E 169 -25.45 1.87 -18.72
N ASN E 170 -26.30 1.11 -19.42
CA ASN E 170 -26.24 0.91 -20.90
C ASN E 170 -24.93 0.28 -21.37
N THR E 171 -24.23 -0.48 -20.54
CA THR E 171 -22.96 -1.16 -20.91
C THR E 171 -23.21 -2.46 -21.70
N VAL E 172 -24.46 -2.70 -22.14
CA VAL E 172 -24.81 -3.73 -23.15
C VAL E 172 -24.26 -3.35 -24.52
N ARG E 173 -24.08 -2.05 -24.83
CA ARG E 173 -23.45 -1.56 -26.09
C ARG E 173 -22.04 -2.13 -26.23
N ASP E 174 -21.72 -2.68 -27.39
CA ASP E 174 -20.42 -3.36 -27.56
C ASP E 174 -19.34 -2.42 -28.10
N ARG E 175 -19.71 -1.34 -28.80
CA ARG E 175 -18.70 -0.41 -29.39
C ARG E 175 -18.96 1.01 -28.91
N THR E 176 -17.99 1.58 -28.18
CA THR E 176 -18.01 2.96 -27.67
C THR E 176 -16.59 3.51 -27.69
N PRO E 177 -16.38 4.85 -27.67
CA PRO E 177 -15.02 5.40 -27.65
C PRO E 177 -14.27 5.14 -26.33
N TYR E 178 -14.99 4.72 -25.28
CA TYR E 178 -14.47 4.59 -23.89
C TYR E 178 -13.93 3.18 -23.63
N ARG E 179 -14.13 2.23 -24.54
CA ARG E 179 -13.66 0.83 -24.35
C ARG E 179 -12.15 0.80 -24.51
N THR E 180 -11.49 0.08 -23.63
CA THR E 180 -10.02 -0.05 -23.57
C THR E 180 -9.70 -1.51 -23.26
N LEU E 181 -8.54 -1.97 -23.69
CA LEU E 181 -8.10 -3.34 -23.33
C LEU E 181 -7.47 -3.31 -21.94
N LEU E 182 -8.08 -4.00 -20.98
CA LEU E 182 -7.53 -4.17 -19.61
C LEU E 182 -6.58 -5.37 -19.59
N MET E 183 -5.49 -5.28 -18.87
CA MET E 183 -4.48 -6.39 -18.78
C MET E 183 -4.00 -6.51 -17.33
N ASN E 184 -4.16 -7.70 -16.75
CA ASN E 184 -3.66 -8.05 -15.39
C ASN E 184 -3.00 -9.43 -15.46
N GLU E 185 -2.15 -9.76 -14.52
CA GLU E 185 -1.83 -11.17 -14.22
C GLU E 185 -3.14 -11.94 -13.95
N LEU E 186 -3.22 -13.17 -14.42
CA LEU E 186 -4.44 -14.00 -14.26
C LEU E 186 -4.72 -14.20 -12.76
N GLY E 187 -5.92 -13.92 -12.32
CA GLY E 187 -6.30 -14.06 -10.91
C GLY E 187 -6.29 -12.75 -10.17
N VAL E 188 -5.60 -11.72 -10.67
CA VAL E 188 -5.79 -10.34 -10.14
C VAL E 188 -7.03 -9.75 -10.79
N PRO E 189 -8.10 -9.46 -10.04
CA PRO E 189 -9.32 -8.94 -10.65
C PRO E 189 -9.09 -7.54 -11.22
N PHE E 190 -9.99 -7.05 -12.08
CA PHE E 190 -9.80 -5.73 -12.73
C PHE E 190 -10.27 -4.63 -11.74
N HIS E 191 -9.38 -4.27 -10.83
CA HIS E 191 -9.50 -3.14 -9.85
C HIS E 191 -8.94 -1.85 -10.49
N LEU E 192 -9.03 -0.70 -9.82
CA LEU E 192 -8.62 0.62 -10.39
C LEU E 192 -7.11 0.73 -10.69
N GLY E 193 -6.24 -0.11 -10.15
CA GLY E 193 -4.82 -0.11 -10.51
C GLY E 193 -4.52 -0.85 -11.81
N THR E 194 -5.53 -1.41 -12.47
CA THR E 194 -5.42 -2.15 -13.76
C THR E 194 -4.90 -1.24 -14.89
N LYS E 195 -3.94 -1.73 -15.66
CA LYS E 195 -3.44 -1.02 -16.87
C LYS E 195 -4.42 -1.18 -18.04
N GLN E 196 -4.93 -0.05 -18.54
CA GLN E 196 -5.55 0.03 -19.89
C GLN E 196 -4.42 0.05 -20.91
N VAL E 197 -4.25 -0.99 -21.73
CA VAL E 197 -3.06 -1.07 -22.61
C VAL E 197 -3.31 -0.37 -23.95
N CYS E 198 -4.57 -0.17 -24.34
CA CYS E 198 -4.90 0.50 -25.63
C CYS E 198 -6.38 0.85 -25.71
N ILE E 199 -6.76 1.71 -26.63
CA ILE E 199 -8.19 2.00 -26.92
C ILE E 199 -8.71 0.86 -27.83
N ALA E 200 -9.79 0.20 -27.44
CA ALA E 200 -10.25 -1.02 -28.15
C ALA E 200 -11.69 -1.35 -27.81
N TRP E 201 -12.53 -1.52 -28.84
CA TRP E 201 -13.79 -2.27 -28.67
C TRP E 201 -13.70 -3.67 -29.31
N SER E 202 -12.57 -4.03 -29.88
CA SER E 202 -12.27 -5.41 -30.31
C SER E 202 -10.76 -5.60 -30.19
N SER E 203 -10.29 -6.74 -29.74
CA SER E 203 -8.84 -6.93 -29.57
C SER E 203 -8.35 -8.37 -29.70
N SER E 204 -7.06 -8.47 -29.80
CA SER E 204 -6.33 -9.73 -29.66
C SER E 204 -4.95 -9.38 -29.10
N SER E 205 -4.36 -10.25 -28.30
CA SER E 205 -3.02 -10.02 -27.71
C SER E 205 -2.26 -11.31 -27.75
N CYS E 206 -0.96 -11.22 -27.84
CA CYS E 206 -0.10 -12.39 -27.69
C CYS E 206 1.33 -11.94 -27.40
N HIS E 207 2.10 -12.84 -26.83
CA HIS E 207 3.51 -12.59 -26.50
C HIS E 207 4.32 -13.45 -27.43
N ASP E 208 5.31 -12.88 -28.10
CA ASP E 208 6.08 -13.61 -29.12
C ASP E 208 7.29 -14.30 -28.48
N GLY E 209 7.43 -14.25 -27.16
CA GLY E 209 8.64 -14.71 -26.45
C GLY E 209 9.58 -13.59 -26.07
N LYS E 210 9.54 -12.45 -26.77
CA LYS E 210 10.30 -11.22 -26.41
C LYS E 210 9.36 -10.15 -25.84
N ALA E 211 8.20 -9.92 -26.43
CA ALA E 211 7.31 -8.82 -26.00
C ALA E 211 5.84 -9.08 -26.36
N TRP E 212 4.96 -8.31 -25.74
CA TRP E 212 3.52 -8.30 -26.07
C TRP E 212 3.24 -7.57 -27.39
N LEU E 213 2.37 -8.17 -28.20
CA LEU E 213 1.62 -7.53 -29.30
C LEU E 213 0.18 -7.38 -28.84
N HIS E 214 -0.36 -6.17 -28.93
CA HIS E 214 -1.81 -5.94 -28.81
C HIS E 214 -2.32 -5.43 -30.16
N VAL E 215 -3.40 -6.04 -30.63
CA VAL E 215 -4.13 -5.59 -31.84
C VAL E 215 -5.40 -4.97 -31.31
N CYS E 216 -5.56 -3.68 -31.54
CA CYS E 216 -6.57 -2.87 -30.85
C CYS E 216 -7.43 -2.16 -31.89
N ILE E 217 -8.74 -2.41 -31.91
CA ILE E 217 -9.62 -1.79 -32.93
C ILE E 217 -10.52 -0.80 -32.23
N THR E 218 -10.61 0.41 -32.76
CA THR E 218 -11.57 1.43 -32.26
C THR E 218 -11.95 2.38 -33.37
N GLY E 219 -12.84 3.32 -33.06
CA GLY E 219 -13.29 4.33 -34.03
C GLY E 219 -14.68 4.05 -34.52
N ASP E 220 -15.05 4.67 -35.63
CA ASP E 220 -16.43 4.56 -36.21
C ASP E 220 -16.67 3.15 -36.70
N ASP E 221 -17.91 2.64 -36.60
CA ASP E 221 -18.31 1.33 -37.17
C ASP E 221 -17.92 1.26 -38.65
N LYS E 222 -18.23 2.30 -39.41
CA LYS E 222 -18.00 2.29 -40.88
C LYS E 222 -16.57 2.68 -41.21
N ASN E 223 -15.71 3.01 -40.26
CA ASN E 223 -14.34 3.47 -40.60
C ASN E 223 -13.40 3.24 -39.43
N ALA E 224 -13.31 2.02 -38.92
CA ALA E 224 -12.51 1.71 -37.70
C ALA E 224 -11.03 1.63 -38.05
N THR E 225 -10.18 1.85 -37.05
CA THR E 225 -8.71 1.69 -37.15
C THR E 225 -8.30 0.50 -36.29
N ALA E 226 -7.47 -0.39 -36.82
CA ALA E 226 -6.71 -1.34 -35.98
C ALA E 226 -5.31 -0.75 -35.73
N SER E 227 -4.96 -0.53 -34.46
CA SER E 227 -3.59 -0.18 -34.01
C SER E 227 -2.83 -1.45 -33.62
N PHE E 228 -1.57 -1.54 -34.01
CA PHE E 228 -0.67 -2.67 -33.65
C PHE E 228 0.35 -2.10 -32.66
N ILE E 229 0.23 -2.49 -31.40
CA ILE E 229 1.13 -2.01 -30.32
C ILE E 229 2.06 -3.15 -29.91
N TYR E 230 3.35 -2.95 -30.04
CA TYR E 230 4.35 -3.98 -29.73
C TYR E 230 5.45 -3.39 -28.87
N ASN E 231 5.81 -4.13 -27.82
CA ASN E 231 6.80 -3.70 -26.80
C ASN E 231 6.49 -2.27 -26.34
N GLY E 232 5.23 -2.02 -26.02
CA GLY E 232 4.81 -0.75 -25.41
C GLY E 232 4.63 0.40 -26.38
N ARG E 233 4.85 0.25 -27.69
CA ARG E 233 4.70 1.39 -28.65
C ARG E 233 3.91 1.03 -29.90
N LEU E 234 3.17 2.00 -30.44
CA LEU E 234 2.40 1.84 -31.70
C LEU E 234 3.36 1.68 -32.87
N VAL E 235 3.31 0.55 -33.57
CA VAL E 235 4.25 0.23 -34.67
C VAL E 235 3.52 0.31 -36.01
N ASP E 236 2.22 0.04 -36.04
CA ASP E 236 1.48 -0.01 -37.33
C ASP E 236 0.01 0.24 -37.11
N SER E 237 -0.71 0.49 -38.19
CA SER E 237 -2.18 0.57 -38.16
C SER E 237 -2.75 0.26 -39.54
N VAL E 238 -4.02 -0.15 -39.55
CA VAL E 238 -4.74 -0.41 -40.83
C VAL E 238 -6.16 0.08 -40.68
N VAL E 239 -6.71 0.65 -41.74
CA VAL E 239 -8.15 1.04 -41.71
C VAL E 239 -9.04 -0.14 -42.10
N SER E 240 -10.27 -0.16 -41.57
CA SER E 240 -11.42 -0.95 -42.07
C SER E 240 -11.44 -1.01 -43.60
N TRP E 241 -11.31 -2.21 -44.19
CA TRP E 241 -11.26 -2.42 -45.65
C TRP E 241 -12.66 -2.53 -46.26
N SER E 242 -13.66 -2.99 -45.52
CA SER E 242 -15.04 -3.18 -46.02
C SER E 242 -16.02 -2.18 -45.42
N LYS E 243 -15.54 -1.33 -44.50
CA LYS E 243 -16.31 -0.20 -43.93
C LYS E 243 -17.55 -0.70 -43.19
N GLU E 244 -17.43 -1.82 -42.47
CA GLU E 244 -18.59 -2.41 -41.76
C GLU E 244 -18.11 -3.23 -40.57
N ILE E 245 -17.65 -2.52 -39.54
CA ILE E 245 -17.15 -3.04 -38.24
C ILE E 245 -15.98 -4.01 -38.48
N LEU E 246 -14.80 -3.46 -38.67
CA LEU E 246 -13.55 -4.25 -38.60
C LEU E 246 -13.52 -4.90 -37.21
N ARG E 247 -13.22 -6.19 -37.13
CA ARG E 247 -13.25 -6.90 -35.83
C ARG E 247 -12.22 -8.03 -35.85
N THR E 248 -11.82 -8.46 -34.67
CA THR E 248 -10.78 -9.50 -34.55
C THR E 248 -11.21 -10.56 -33.52
N GLN E 249 -10.24 -11.30 -32.99
CA GLN E 249 -10.52 -12.62 -32.37
C GLN E 249 -11.26 -12.54 -31.03
N GLU E 250 -11.05 -11.50 -30.21
CA GLU E 250 -11.44 -11.43 -28.77
C GLU E 250 -10.77 -12.58 -27.98
N SER E 251 -9.60 -13.03 -28.41
CA SER E 251 -8.76 -14.05 -27.73
C SER E 251 -7.32 -13.94 -28.22
N GLU E 252 -6.44 -14.78 -27.71
CA GLU E 252 -5.01 -14.64 -28.01
C GLU E 252 -4.71 -14.90 -29.50
N CYS E 253 -3.79 -14.11 -30.03
CA CYS E 253 -3.12 -14.35 -31.32
C CYS E 253 -2.00 -15.36 -31.06
N VAL E 254 -1.32 -15.80 -32.10
CA VAL E 254 -0.31 -16.88 -31.97
C VAL E 254 0.92 -16.43 -32.74
N CYS E 255 2.09 -16.55 -32.11
CA CYS E 255 3.36 -16.15 -32.73
C CYS E 255 4.26 -17.37 -32.85
N ILE E 256 4.85 -17.60 -34.02
CA ILE E 256 5.88 -18.64 -34.22
C ILE E 256 7.09 -17.95 -34.86
N ASN E 257 8.28 -18.11 -34.28
CA ASN E 257 9.53 -17.51 -34.80
C ASN E 257 9.37 -16.00 -35.03
N GLY E 258 8.64 -15.28 -34.18
CA GLY E 258 8.55 -13.82 -34.23
C GLY E 258 7.51 -13.31 -35.19
N THR E 259 6.83 -14.18 -35.94
CA THR E 259 5.66 -13.79 -36.79
C THR E 259 4.39 -14.12 -36.01
N CYS E 260 3.60 -13.11 -35.70
CA CYS E 260 2.28 -13.29 -35.07
C CYS E 260 1.19 -13.25 -36.14
N THR E 261 0.20 -14.12 -36.02
CA THR E 261 -0.95 -14.12 -36.94
C THR E 261 -2.20 -13.76 -36.18
N VAL E 262 -3.01 -12.92 -36.80
CA VAL E 262 -4.31 -12.53 -36.24
C VAL E 262 -5.33 -12.61 -37.38
N VAL E 263 -6.52 -13.06 -37.06
CA VAL E 263 -7.63 -13.14 -38.03
C VAL E 263 -8.52 -11.91 -37.80
N MET E 264 -8.79 -11.19 -38.88
CA MET E 264 -9.65 -9.98 -38.84
C MET E 264 -10.73 -10.09 -39.91
N THR E 265 -11.90 -9.63 -39.58
CA THR E 265 -13.06 -9.68 -40.50
C THR E 265 -13.69 -8.29 -40.57
N ASP E 266 -14.19 -7.94 -41.73
CA ASP E 266 -14.94 -6.69 -41.95
C ASP E 266 -16.11 -7.04 -42.87
N GLY E 267 -17.27 -6.43 -42.70
CA GLY E 267 -18.43 -6.81 -43.52
C GLY E 267 -19.57 -7.38 -42.70
N ASN E 268 -20.50 -8.05 -43.36
CA ASN E 268 -21.82 -8.41 -42.77
C ASN E 268 -21.71 -9.28 -41.52
N ALA E 269 -22.53 -8.99 -40.52
CA ALA E 269 -22.76 -9.82 -39.32
C ALA E 269 -23.49 -11.12 -39.71
N THR E 270 -24.45 -11.09 -40.64
CA THR E 270 -25.30 -12.26 -41.01
C THR E 270 -25.40 -12.35 -42.53
N GLY E 271 -24.25 -12.42 -43.18
CA GLY E 271 -24.11 -12.46 -44.65
C GLY E 271 -22.65 -12.52 -45.03
N LYS E 272 -22.32 -12.37 -46.31
CA LYS E 272 -20.92 -12.42 -46.80
C LYS E 272 -20.06 -11.30 -46.18
N ALA E 273 -18.84 -11.64 -45.74
CA ALA E 273 -17.88 -10.71 -45.11
C ALA E 273 -16.48 -10.96 -45.62
N ASP E 274 -15.57 -10.00 -45.47
CA ASP E 274 -14.18 -10.07 -45.95
C ASP E 274 -13.26 -10.38 -44.78
N THR E 275 -12.73 -11.60 -44.74
CA THR E 275 -11.80 -12.05 -43.67
C THR E 275 -10.39 -12.05 -44.21
N LYS E 276 -9.47 -11.47 -43.46
CA LYS E 276 -8.03 -11.50 -43.80
C LYS E 276 -7.23 -12.01 -42.60
N ILE E 277 -6.09 -12.60 -42.90
CA ILE E 277 -5.13 -13.06 -41.89
C ILE E 277 -3.90 -12.16 -42.03
N LEU E 278 -3.55 -11.45 -40.97
CA LEU E 278 -2.40 -10.52 -40.97
C LEU E 278 -1.21 -11.22 -40.33
N PHE E 279 -0.05 -11.08 -40.94
CA PHE E 279 1.23 -11.60 -40.44
C PHE E 279 2.04 -10.41 -39.94
N ILE E 280 2.42 -10.44 -38.66
CA ILE E 280 2.91 -9.23 -37.94
C ILE E 280 4.23 -9.56 -37.27
N GLU E 281 5.26 -8.77 -37.54
CA GLU E 281 6.63 -9.00 -37.01
C GLU E 281 7.07 -7.77 -36.23
N GLU E 282 7.26 -7.92 -34.93
CA GLU E 282 7.56 -6.83 -33.97
C GLU E 282 6.60 -5.66 -34.15
N GLY E 283 5.31 -5.95 -34.36
CA GLY E 283 4.24 -4.96 -34.51
C GLY E 283 4.04 -4.45 -35.94
N LYS E 284 4.91 -4.74 -36.89
CA LYS E 284 4.81 -4.29 -38.31
C LYS E 284 4.02 -5.32 -39.11
N ILE E 285 2.99 -4.90 -39.84
CA ILE E 285 2.24 -5.82 -40.74
C ILE E 285 3.14 -6.14 -41.92
N VAL E 286 3.60 -7.38 -42.05
CA VAL E 286 4.53 -7.78 -43.15
C VAL E 286 3.76 -8.46 -44.29
N HIS E 287 2.61 -9.06 -44.03
CA HIS E 287 1.81 -9.75 -45.07
C HIS E 287 0.33 -9.77 -44.68
N THR E 288 -0.53 -9.88 -45.68
CA THR E 288 -1.99 -9.97 -45.49
C THR E 288 -2.55 -10.97 -46.51
N SER E 289 -3.08 -12.08 -46.01
CA SER E 289 -3.68 -13.15 -46.83
C SER E 289 -5.20 -13.05 -46.72
N THR E 290 -5.90 -13.14 -47.85
CA THR E 290 -7.36 -13.26 -47.85
C THR E 290 -7.75 -14.68 -47.42
N LEU E 291 -8.87 -14.84 -46.72
CA LEU E 291 -9.42 -16.18 -46.38
C LEU E 291 -9.72 -16.97 -47.66
N SER E 292 -9.14 -18.17 -47.72
CA SER E 292 -9.32 -19.19 -48.81
C SER E 292 -9.80 -20.51 -48.21
N GLY E 293 -10.28 -21.42 -49.05
CA GLY E 293 -10.97 -22.65 -48.60
C GLY E 293 -12.48 -22.47 -48.50
N SER E 294 -13.17 -23.38 -47.82
CA SER E 294 -14.64 -23.51 -47.90
C SER E 294 -15.38 -22.91 -46.69
N ALA E 295 -14.69 -22.31 -45.72
CA ALA E 295 -15.39 -21.60 -44.61
C ALA E 295 -16.10 -20.36 -45.18
N GLN E 296 -17.41 -20.25 -44.99
CA GLN E 296 -18.23 -19.21 -45.64
C GLN E 296 -18.41 -17.97 -44.74
N HIS E 297 -18.40 -18.11 -43.43
CA HIS E 297 -18.43 -16.95 -42.50
C HIS E 297 -17.50 -17.22 -41.33
N VAL E 298 -16.58 -16.30 -41.05
CA VAL E 298 -15.49 -16.52 -40.05
C VAL E 298 -15.38 -15.32 -39.12
N GLU E 299 -15.84 -15.45 -37.88
CA GLU E 299 -15.76 -14.44 -36.80
C GLU E 299 -14.96 -15.02 -35.62
N GLU E 300 -14.36 -14.16 -34.80
CA GLU E 300 -13.95 -14.42 -33.39
C GLU E 300 -13.16 -15.73 -33.24
N CYS E 301 -12.18 -15.92 -34.09
CA CYS E 301 -11.39 -17.15 -34.11
C CYS E 301 -10.72 -17.42 -32.77
N SER E 302 -10.71 -18.67 -32.35
CA SER E 302 -9.92 -19.17 -31.20
C SER E 302 -8.75 -19.94 -31.79
N CYS E 303 -7.55 -19.40 -31.71
CA CYS E 303 -6.41 -19.97 -32.46
C CYS E 303 -5.41 -20.62 -31.51
N TYR E 304 -4.71 -21.63 -32.00
CA TYR E 304 -3.69 -22.32 -31.21
C TYR E 304 -2.50 -22.64 -32.10
N PRO E 305 -1.28 -22.62 -31.54
CA PRO E 305 -0.13 -23.11 -32.27
C PRO E 305 -0.24 -24.63 -32.44
N ARG E 306 0.09 -25.06 -33.65
CA ARG E 306 0.01 -26.46 -34.09
C ARG E 306 1.15 -26.62 -35.06
N TYR E 307 2.34 -26.54 -34.50
CA TYR E 307 3.61 -26.31 -35.23
C TYR E 307 3.72 -27.31 -36.38
N PRO E 308 4.12 -26.90 -37.61
CA PRO E 308 4.63 -25.55 -37.93
C PRO E 308 3.60 -24.44 -38.10
N GLY E 309 2.30 -24.74 -38.07
CA GLY E 309 1.26 -23.76 -38.39
C GLY E 309 0.48 -23.26 -37.20
N VAL E 310 -0.56 -22.51 -37.49
CA VAL E 310 -1.58 -22.06 -36.51
C VAL E 310 -2.91 -22.61 -37.00
N ARG E 311 -3.71 -23.14 -36.09
CA ARG E 311 -5.07 -23.63 -36.39
C ARG E 311 -6.05 -22.78 -35.59
N CYS E 312 -7.16 -22.42 -36.21
CA CYS E 312 -8.17 -21.54 -35.59
C CYS E 312 -9.53 -22.20 -35.72
N VAL E 313 -10.28 -22.26 -34.64
CA VAL E 313 -11.70 -22.70 -34.68
C VAL E 313 -12.53 -21.48 -34.38
N CYS E 314 -13.50 -21.19 -35.22
CA CYS E 314 -14.09 -19.83 -35.30
C CYS E 314 -15.61 -19.91 -35.15
N ARG E 315 -16.26 -18.78 -35.33
CA ARG E 315 -17.72 -18.66 -35.27
C ARG E 315 -18.24 -18.40 -36.69
N ASP E 316 -19.24 -19.15 -37.12
CA ASP E 316 -19.99 -18.86 -38.37
C ASP E 316 -21.29 -18.22 -37.94
N ASN E 317 -21.49 -16.97 -38.33
CA ASN E 317 -22.63 -16.19 -37.82
C ASN E 317 -23.79 -16.21 -38.82
N TRP E 318 -23.69 -17.00 -39.89
CA TRP E 318 -24.61 -16.89 -41.05
C TRP E 318 -25.28 -18.23 -41.36
N LYS E 319 -24.49 -19.28 -41.58
CA LYS E 319 -24.95 -20.54 -42.21
C LYS E 319 -24.67 -21.77 -41.31
N GLY E 320 -23.57 -21.79 -40.56
CA GLY E 320 -23.14 -22.94 -39.77
C GLY E 320 -23.54 -22.84 -38.31
N SER E 321 -24.06 -23.91 -37.73
CA SER E 321 -23.91 -24.19 -36.28
C SER E 321 -22.75 -25.15 -36.03
N ASN E 322 -22.21 -25.76 -37.08
CA ASN E 322 -20.83 -26.31 -37.06
C ASN E 322 -19.85 -25.14 -37.11
N ARG E 323 -18.63 -25.31 -36.60
CA ARG E 323 -17.67 -24.20 -36.45
C ARG E 323 -16.70 -24.24 -37.61
N PRO E 324 -16.35 -23.08 -38.23
CA PRO E 324 -15.27 -23.03 -39.20
C PRO E 324 -13.90 -23.35 -38.58
N ILE E 325 -13.07 -23.99 -39.38
CA ILE E 325 -11.62 -24.14 -39.11
C ILE E 325 -10.91 -23.24 -40.12
N VAL E 326 -9.91 -22.49 -39.67
CA VAL E 326 -8.92 -21.82 -40.55
C VAL E 326 -7.55 -22.39 -40.20
N ASP E 327 -6.84 -22.88 -41.19
CA ASP E 327 -5.45 -23.35 -41.06
C ASP E 327 -4.54 -22.32 -41.72
N ILE E 328 -3.56 -21.86 -40.97
CA ILE E 328 -2.70 -20.72 -41.37
C ILE E 328 -1.28 -21.26 -41.47
N ASN E 329 -0.72 -21.20 -42.66
CA ASN E 329 0.71 -21.52 -42.88
C ASN E 329 1.55 -20.29 -42.55
N ILE E 330 2.49 -20.39 -41.61
CA ILE E 330 3.31 -19.24 -41.12
C ILE E 330 4.45 -18.95 -42.12
N LYS E 331 4.93 -19.94 -42.84
CA LYS E 331 6.11 -19.78 -43.74
C LYS E 331 5.70 -19.15 -45.07
N ASP E 332 4.65 -19.64 -45.72
CA ASP E 332 4.29 -19.22 -47.10
C ASP E 332 2.98 -18.42 -47.10
N HIS E 333 2.45 -18.12 -45.93
CA HIS E 333 1.25 -17.28 -45.69
C HIS E 333 -0.02 -17.89 -46.29
N SER E 334 0.00 -19.16 -46.73
CA SER E 334 -1.18 -19.78 -47.37
C SER E 334 -2.24 -20.12 -46.32
N ILE E 335 -3.49 -20.03 -46.75
CA ILE E 335 -4.69 -20.20 -45.89
C ILE E 335 -5.52 -21.34 -46.47
N VAL E 336 -6.04 -22.19 -45.60
CA VAL E 336 -7.02 -23.26 -45.92
C VAL E 336 -8.16 -23.10 -44.90
N SER E 337 -9.37 -23.48 -45.27
CA SER E 337 -10.48 -23.43 -44.31
C SER E 337 -11.54 -24.47 -44.66
N SER E 338 -12.33 -24.83 -43.66
CA SER E 338 -13.30 -25.95 -43.68
C SER E 338 -14.14 -25.86 -42.41
N TYR E 339 -14.83 -26.92 -42.01
CA TYR E 339 -15.64 -26.93 -40.77
C TYR E 339 -15.25 -28.12 -39.90
N VAL E 340 -15.46 -27.97 -38.58
CA VAL E 340 -15.26 -29.05 -37.59
C VAL E 340 -16.29 -30.14 -37.94
N CYS E 341 -15.80 -31.35 -38.21
CA CYS E 341 -16.62 -32.45 -38.76
C CYS E 341 -17.70 -32.90 -37.77
N SER E 342 -17.41 -33.04 -36.47
CA SER E 342 -18.28 -33.78 -35.51
C SER E 342 -19.77 -33.44 -35.65
N GLY E 343 -20.62 -34.47 -35.63
CA GLY E 343 -22.10 -34.33 -35.62
C GLY E 343 -22.59 -33.66 -34.36
N LEU E 344 -21.81 -33.73 -33.28
CA LEU E 344 -22.01 -32.88 -32.08
C LEU E 344 -21.36 -31.53 -32.36
N VAL E 345 -22.15 -30.48 -32.61
CA VAL E 345 -21.62 -29.19 -33.12
C VAL E 345 -21.42 -28.22 -31.94
N GLY E 346 -20.47 -27.30 -32.12
CA GLY E 346 -19.99 -26.44 -31.03
C GLY E 346 -20.65 -25.08 -30.90
N ASP E 347 -21.45 -24.63 -31.87
CA ASP E 347 -22.00 -23.25 -31.84
C ASP E 347 -23.30 -23.17 -31.04
N THR E 348 -23.71 -21.96 -30.70
CA THR E 348 -25.05 -21.66 -30.13
C THR E 348 -25.60 -20.48 -30.90
N PRO E 349 -26.78 -20.53 -31.53
CA PRO E 349 -27.69 -21.68 -31.45
C PRO E 349 -27.22 -22.89 -32.26
N ARG E 350 -27.88 -24.03 -32.01
CA ARG E 350 -27.65 -25.30 -32.77
C ARG E 350 -28.88 -26.19 -32.62
N LYS E 351 -28.96 -27.25 -33.41
CA LYS E 351 -29.95 -28.34 -33.15
C LYS E 351 -29.48 -29.20 -31.96
N ASN E 352 -30.42 -29.90 -31.32
CA ASN E 352 -30.09 -30.91 -30.26
C ASN E 352 -29.26 -32.06 -30.85
N ASP E 353 -28.59 -32.81 -29.98
CA ASP E 353 -27.61 -33.85 -30.41
C ASP E 353 -28.30 -34.96 -31.22
N SER E 354 -29.54 -35.31 -30.92
CA SER E 354 -30.28 -36.38 -31.63
C SER E 354 -30.65 -35.98 -33.06
N SER E 355 -30.75 -34.69 -33.39
CA SER E 355 -31.18 -34.19 -34.72
C SER E 355 -30.08 -33.37 -35.44
N SER E 356 -29.05 -32.90 -34.75
CA SER E 356 -27.95 -32.09 -35.36
C SER E 356 -27.15 -32.92 -36.35
N SER E 357 -26.52 -32.26 -37.29
CA SER E 357 -25.59 -32.89 -38.24
C SER E 357 -24.55 -31.89 -38.67
N SER E 358 -23.56 -32.34 -39.40
CA SER E 358 -22.41 -31.49 -39.77
C SER E 358 -21.83 -31.94 -41.10
N HIS E 359 -20.93 -31.14 -41.62
CA HIS E 359 -20.26 -31.35 -42.92
C HIS E 359 -18.81 -30.95 -42.70
N CYS E 360 -17.87 -31.64 -43.33
CA CYS E 360 -16.43 -31.32 -43.15
C CYS E 360 -16.06 -30.09 -43.99
N LEU E 361 -16.80 -29.79 -45.06
CA LEU E 361 -16.47 -28.66 -45.98
C LEU E 361 -17.44 -27.48 -45.83
N ASP E 362 -18.71 -27.73 -45.54
CA ASP E 362 -19.78 -26.71 -45.68
C ASP E 362 -20.40 -26.37 -44.33
N PRO E 363 -21.01 -25.18 -44.21
CA PRO E 363 -21.89 -24.93 -43.08
C PRO E 363 -23.12 -25.85 -43.15
N ASN E 364 -23.60 -26.29 -42.00
CA ASN E 364 -24.62 -27.35 -41.90
C ASN E 364 -26.01 -26.84 -42.23
N ASN E 365 -26.24 -25.51 -42.23
CA ASN E 365 -27.56 -24.85 -42.46
C ASN E 365 -28.58 -25.26 -41.39
N GLU E 366 -28.15 -25.62 -40.19
CA GLU E 366 -29.04 -25.92 -39.05
C GLU E 366 -28.86 -24.84 -38.00
N GLU E 367 -29.85 -23.99 -37.73
CA GLU E 367 -29.73 -22.86 -36.78
C GLU E 367 -28.43 -22.08 -37.09
N GLY E 368 -28.14 -21.85 -38.36
CA GLY E 368 -26.82 -21.37 -38.78
C GLY E 368 -26.55 -19.94 -38.36
N GLY E 369 -27.57 -19.10 -38.42
CA GLY E 369 -27.43 -17.66 -38.13
C GLY E 369 -27.18 -17.40 -36.66
N HIS E 370 -26.42 -16.35 -36.38
CA HIS E 370 -25.90 -16.01 -35.03
C HIS E 370 -24.92 -17.09 -34.57
N GLY E 371 -24.37 -16.94 -33.37
CA GLY E 371 -23.32 -17.82 -32.90
C GLY E 371 -22.80 -17.39 -31.56
N VAL E 372 -21.77 -18.08 -31.10
CA VAL E 372 -21.01 -17.64 -29.91
C VAL E 372 -19.54 -17.93 -30.20
N LYS E 373 -18.64 -17.14 -29.68
CA LYS E 373 -17.21 -17.50 -29.72
C LYS E 373 -17.00 -18.77 -28.88
N GLY E 374 -16.31 -19.72 -29.44
CA GLY E 374 -15.99 -20.98 -28.76
C GLY E 374 -14.71 -21.55 -29.30
N TRP E 375 -14.44 -22.81 -29.01
CA TRP E 375 -13.13 -23.43 -29.35
C TRP E 375 -13.31 -24.93 -29.56
N ALA E 376 -12.33 -25.51 -30.24
CA ALA E 376 -12.16 -26.97 -30.37
C ALA E 376 -10.69 -27.21 -30.71
N PHE E 377 -10.19 -28.39 -30.45
CA PHE E 377 -8.85 -28.77 -30.94
C PHE E 377 -8.82 -30.26 -31.28
N ASP E 378 -7.99 -30.61 -32.25
CA ASP E 378 -7.82 -32.02 -32.67
C ASP E 378 -6.95 -32.79 -31.68
N ASP E 379 -7.25 -34.08 -31.56
CA ASP E 379 -6.42 -35.06 -30.81
C ASP E 379 -6.37 -36.32 -31.66
N GLY E 380 -5.50 -36.33 -32.68
CA GLY E 380 -5.60 -37.26 -33.81
C GLY E 380 -6.91 -37.08 -34.56
N ASN E 381 -7.71 -38.13 -34.71
CA ASN E 381 -9.02 -38.06 -35.39
C ASN E 381 -10.09 -37.58 -34.41
N ASP E 382 -9.82 -37.55 -33.11
CA ASP E 382 -10.83 -37.09 -32.13
C ASP E 382 -10.80 -35.57 -32.02
N VAL E 383 -11.86 -34.99 -31.48
CA VAL E 383 -11.86 -33.54 -31.20
C VAL E 383 -12.21 -33.32 -29.73
N TRP E 384 -11.47 -32.45 -29.06
CA TRP E 384 -11.88 -31.86 -27.77
C TRP E 384 -12.55 -30.55 -28.05
N MET E 385 -13.71 -30.33 -27.48
CA MET E 385 -14.43 -29.07 -27.72
C MET E 385 -15.24 -28.69 -26.49
N GLY E 386 -15.46 -27.39 -26.34
CA GLY E 386 -16.38 -26.84 -25.36
C GLY E 386 -17.60 -26.27 -26.06
N ARG E 387 -18.70 -26.16 -25.33
CA ARG E 387 -19.92 -25.52 -25.84
C ARG E 387 -20.86 -25.17 -24.67
N THR E 388 -21.85 -24.35 -24.92
CA THR E 388 -22.92 -24.09 -23.94
C THR E 388 -23.74 -25.38 -23.78
N ILE E 389 -24.32 -25.63 -22.61
CA ILE E 389 -25.10 -26.88 -22.40
C ILE E 389 -26.46 -26.72 -23.09
N ASN E 390 -27.04 -25.54 -22.98
CA ASN E 390 -28.30 -25.18 -23.69
C ASN E 390 -28.00 -25.00 -25.19
N GLU E 391 -28.90 -25.45 -26.06
CA GLU E 391 -28.72 -25.34 -27.53
C GLU E 391 -29.12 -23.94 -28.03
N THR E 392 -29.99 -23.20 -27.33
CA THR E 392 -30.62 -21.97 -27.89
C THR E 392 -30.14 -20.71 -27.18
N SER E 393 -29.56 -20.80 -25.98
CA SER E 393 -29.01 -19.63 -25.26
C SER E 393 -27.70 -19.98 -24.55
N ARG E 394 -26.95 -18.97 -24.12
CA ARG E 394 -25.58 -19.19 -23.57
C ARG E 394 -25.71 -19.54 -22.08
N LEU E 395 -26.32 -20.69 -21.80
CA LEU E 395 -26.50 -21.22 -20.44
C LEU E 395 -25.72 -22.52 -20.30
N GLY E 396 -25.03 -22.64 -19.16
CA GLY E 396 -24.15 -23.78 -18.87
C GLY E 396 -22.93 -23.78 -19.77
N TYR E 397 -22.00 -24.64 -19.43
CA TYR E 397 -20.83 -24.89 -20.28
C TYR E 397 -20.35 -26.32 -20.02
N GLU E 398 -20.01 -27.03 -21.09
CA GLU E 398 -19.51 -28.42 -21.02
C GLU E 398 -18.34 -28.56 -21.97
N THR E 399 -17.42 -29.45 -21.62
CA THR E 399 -16.39 -29.96 -22.56
C THR E 399 -16.57 -31.46 -22.68
N PHE E 400 -16.13 -32.01 -23.80
CA PHE E 400 -16.08 -33.47 -24.03
C PHE E 400 -15.14 -33.73 -25.20
N LYS E 401 -14.74 -34.98 -25.32
CA LYS E 401 -14.07 -35.47 -26.53
C LYS E 401 -15.11 -36.17 -27.42
N VAL E 402 -15.10 -35.92 -28.72
CA VAL E 402 -15.91 -36.71 -29.68
C VAL E 402 -14.98 -37.65 -30.41
N ILE E 403 -15.25 -38.95 -30.35
CA ILE E 403 -14.41 -40.00 -31.00
C ILE E 403 -14.57 -39.87 -32.51
N GLU E 404 -13.47 -39.82 -33.25
CA GLU E 404 -13.43 -39.52 -34.73
C GLU E 404 -14.06 -38.16 -35.07
N GLY E 405 -14.33 -37.29 -34.10
CA GLY E 405 -15.08 -36.05 -34.36
C GLY E 405 -14.29 -35.00 -35.15
N TRP E 406 -12.99 -35.16 -35.33
CA TRP E 406 -12.24 -34.26 -36.24
C TRP E 406 -12.33 -34.74 -37.70
N SER E 407 -12.56 -36.03 -37.97
CA SER E 407 -12.45 -36.62 -39.34
C SER E 407 -13.80 -37.08 -39.89
N ASN E 408 -14.74 -37.50 -39.05
CA ASN E 408 -16.00 -38.18 -39.44
C ASN E 408 -17.18 -37.29 -39.11
N PRO E 409 -17.94 -36.76 -40.12
CA PRO E 409 -19.07 -35.87 -39.83
C PRO E 409 -20.33 -36.55 -39.27
N LYS E 410 -20.38 -37.88 -39.32
CA LYS E 410 -21.54 -38.66 -38.79
C LYS E 410 -21.32 -39.02 -37.32
N SER E 411 -20.13 -38.84 -36.78
CA SER E 411 -19.77 -39.26 -35.40
C SER E 411 -20.49 -38.41 -34.34
N LYS E 412 -21.17 -39.08 -33.41
CA LYS E 412 -21.76 -38.46 -32.20
C LYS E 412 -21.36 -39.20 -30.94
N LEU E 413 -20.25 -39.90 -30.99
CA LEU E 413 -19.76 -40.75 -29.88
C LEU E 413 -18.94 -39.87 -28.95
N GLN E 414 -19.56 -39.23 -27.96
CA GLN E 414 -18.77 -38.45 -26.97
C GLN E 414 -18.33 -39.30 -25.77
N ILE E 415 -17.23 -38.88 -25.16
CA ILE E 415 -16.69 -39.42 -23.90
C ILE E 415 -16.00 -38.29 -23.13
N ASN E 416 -15.76 -38.46 -21.83
CA ASN E 416 -14.97 -37.52 -20.99
C ASN E 416 -15.70 -36.18 -20.91
N ARG E 417 -17.02 -36.22 -20.76
CA ARG E 417 -17.77 -34.99 -20.51
C ARG E 417 -17.42 -34.41 -19.12
N GLN E 418 -17.26 -33.10 -19.07
CA GLN E 418 -17.17 -32.32 -17.82
C GLN E 418 -18.14 -31.17 -17.92
N VAL E 419 -18.96 -31.01 -16.90
CA VAL E 419 -19.65 -29.72 -16.67
C VAL E 419 -18.63 -28.74 -16.11
N ILE E 420 -18.55 -27.56 -16.71
CA ILE E 420 -17.72 -26.45 -16.21
C ILE E 420 -18.65 -25.49 -15.49
N VAL E 421 -19.76 -25.16 -16.13
CA VAL E 421 -20.83 -24.30 -15.56
C VAL E 421 -22.10 -25.11 -15.72
N ASP E 422 -22.85 -25.34 -14.67
CA ASP E 422 -24.11 -26.11 -14.75
C ASP E 422 -25.15 -25.35 -15.59
N ARG E 423 -26.11 -26.08 -16.14
CA ARG E 423 -27.02 -25.57 -17.21
C ARG E 423 -27.94 -24.44 -16.71
N GLY E 424 -28.09 -24.21 -15.41
CA GLY E 424 -28.90 -23.09 -14.89
C GLY E 424 -28.13 -21.79 -14.77
N ASN E 425 -26.84 -21.78 -15.05
CA ASN E 425 -25.96 -20.60 -14.85
C ASN E 425 -25.47 -20.06 -16.19
N ARG E 426 -25.32 -18.75 -16.31
CA ARG E 426 -24.91 -18.08 -17.57
C ARG E 426 -23.44 -18.39 -17.88
N SER E 427 -23.19 -18.71 -19.14
CA SER E 427 -21.83 -18.66 -19.71
C SER E 427 -21.74 -17.45 -20.64
N GLY E 428 -21.10 -17.60 -21.79
CA GLY E 428 -20.72 -16.48 -22.65
C GLY E 428 -19.70 -16.95 -23.63
N TYR E 429 -18.79 -16.08 -24.03
CA TYR E 429 -17.68 -16.47 -24.94
C TYR E 429 -16.78 -17.47 -24.23
N SER E 430 -16.03 -18.18 -25.03
CA SER E 430 -14.96 -19.05 -24.51
C SER E 430 -13.89 -19.13 -25.59
N GLY E 431 -12.68 -19.41 -25.17
CA GLY E 431 -11.57 -19.42 -26.11
C GLY E 431 -10.49 -20.30 -25.57
N ILE E 432 -9.64 -20.74 -26.46
CA ILE E 432 -8.46 -21.55 -26.13
C ILE E 432 -7.30 -20.60 -25.82
N PHE E 433 -6.38 -21.05 -24.99
CA PHE E 433 -5.01 -20.50 -24.94
C PHE E 433 -4.08 -21.64 -24.68
N SER E 434 -2.84 -21.48 -25.10
CA SER E 434 -1.85 -22.56 -25.09
C SER E 434 -0.75 -22.19 -24.13
N VAL E 435 -0.29 -23.18 -23.39
CA VAL E 435 0.73 -22.97 -22.33
C VAL E 435 1.85 -23.94 -22.61
N GLU E 436 3.07 -23.45 -22.69
CA GLU E 436 4.22 -24.33 -22.88
C GLU E 436 4.60 -24.97 -21.54
N GLY E 437 4.65 -26.30 -21.53
CA GLY E 437 5.14 -27.09 -20.40
C GLY E 437 6.55 -27.58 -20.62
N LYS E 438 7.01 -28.48 -19.77
CA LYS E 438 8.41 -28.97 -19.78
C LYS E 438 8.69 -29.71 -21.11
N SER E 439 7.78 -30.55 -21.55
CA SER E 439 7.96 -31.45 -22.72
C SER E 439 6.82 -31.35 -23.74
N CYS E 440 5.74 -30.62 -23.47
CA CYS E 440 4.55 -30.62 -24.36
C CYS E 440 3.79 -29.29 -24.28
N ILE E 441 2.94 -29.02 -25.27
CA ILE E 441 2.11 -27.79 -25.29
C ILE E 441 0.72 -28.18 -24.76
N ASN E 442 0.31 -27.53 -23.69
CA ASN E 442 -0.98 -27.81 -23.07
C ASN E 442 -2.04 -26.89 -23.68
N ARG E 443 -3.28 -27.35 -23.70
CA ARG E 443 -4.44 -26.54 -24.12
C ARG E 443 -5.24 -26.21 -22.87
N CYS E 444 -5.61 -24.95 -22.77
CA CYS E 444 -6.42 -24.43 -21.67
C CYS E 444 -7.54 -23.63 -22.29
N PHE E 445 -8.59 -23.39 -21.55
CA PHE E 445 -9.66 -22.52 -22.05
C PHE E 445 -10.19 -21.68 -20.91
N TYR E 446 -10.85 -20.60 -21.29
CA TYR E 446 -11.56 -19.72 -20.36
C TYR E 446 -13.02 -19.71 -20.79
N VAL E 447 -13.91 -19.47 -19.84
CA VAL E 447 -15.34 -19.23 -20.11
C VAL E 447 -15.67 -17.85 -19.53
N GLU E 448 -16.21 -16.99 -20.36
CA GLU E 448 -16.81 -15.72 -19.92
C GLU E 448 -18.14 -16.05 -19.23
N LEU E 449 -18.37 -15.49 -18.05
CA LEU E 449 -19.62 -15.72 -17.30
C LEU E 449 -20.39 -14.40 -17.31
N ILE E 450 -21.23 -14.19 -18.32
CA ILE E 450 -21.87 -12.86 -18.54
C ILE E 450 -23.00 -12.70 -17.52
N ARG E 451 -23.08 -11.54 -16.88
CA ARG E 451 -24.18 -11.19 -15.96
C ARG E 451 -24.82 -9.86 -16.37
N GLY E 452 -26.09 -9.70 -16.02
CA GLY E 452 -26.84 -8.46 -16.24
C GLY E 452 -27.54 -8.40 -17.59
N ARG E 453 -27.75 -7.18 -18.10
CA ARG E 453 -28.55 -6.88 -19.32
C ARG E 453 -27.93 -7.56 -20.55
N LYS E 454 -28.71 -7.98 -21.56
CA LYS E 454 -30.16 -7.86 -21.73
C LYS E 454 -30.96 -8.85 -20.84
N GLU E 455 -30.40 -10.03 -20.55
CA GLU E 455 -31.14 -11.23 -20.07
C GLU E 455 -31.57 -11.06 -18.61
N GLU E 456 -30.78 -10.38 -17.79
CA GLU E 456 -31.07 -10.16 -16.35
C GLU E 456 -31.38 -8.68 -16.15
N THR E 457 -32.56 -8.36 -15.64
CA THR E 457 -33.07 -6.95 -15.57
C THR E 457 -33.14 -6.43 -14.12
N GLU E 458 -32.62 -7.18 -13.17
CA GLU E 458 -32.39 -6.74 -11.76
C GLU E 458 -31.41 -5.55 -11.74
N VAL E 459 -30.53 -5.44 -12.74
CA VAL E 459 -29.41 -4.46 -12.80
C VAL E 459 -29.47 -3.63 -14.09
N LEU E 460 -28.74 -2.52 -14.17
CA LEU E 460 -28.66 -1.68 -15.39
C LEU E 460 -27.45 -2.05 -16.25
N TRP E 461 -26.48 -2.74 -15.67
CA TRP E 461 -25.16 -2.98 -16.30
C TRP E 461 -25.11 -4.36 -16.96
N THR E 462 -24.10 -4.55 -17.80
CA THR E 462 -23.71 -5.87 -18.34
C THR E 462 -22.24 -6.04 -18.00
N SER E 463 -21.84 -7.15 -17.44
CA SER E 463 -20.41 -7.40 -17.13
C SER E 463 -20.14 -8.89 -17.11
N ASN E 464 -18.93 -9.32 -16.81
CA ASN E 464 -18.64 -10.76 -16.78
C ASN E 464 -17.67 -11.09 -15.65
N SER E 465 -17.71 -12.33 -15.17
CA SER E 465 -16.56 -13.00 -14.51
C SER E 465 -15.87 -13.91 -15.51
N ILE E 466 -14.79 -14.54 -15.09
CA ILE E 466 -14.09 -15.59 -15.88
C ILE E 466 -13.90 -16.83 -15.00
N VAL E 467 -13.91 -18.00 -15.63
CA VAL E 467 -13.38 -19.25 -15.04
C VAL E 467 -12.47 -19.87 -16.08
N VAL E 468 -11.38 -20.46 -15.61
CA VAL E 468 -10.29 -20.94 -16.49
C VAL E 468 -9.96 -22.37 -16.10
N PHE E 469 -9.80 -23.21 -17.10
CA PHE E 469 -9.51 -24.66 -16.95
C PHE E 469 -8.35 -25.01 -17.85
N CYS E 470 -7.50 -25.91 -17.40
CA CYS E 470 -6.34 -26.34 -18.21
C CYS E 470 -6.38 -27.85 -18.42
N GLY E 471 -5.94 -28.30 -19.58
CA GLY E 471 -5.81 -29.72 -19.92
C GLY E 471 -4.95 -30.44 -18.90
N THR E 472 -5.36 -31.65 -18.54
CA THR E 472 -4.62 -32.51 -17.61
C THR E 472 -4.46 -33.88 -18.25
N SER E 473 -3.30 -34.49 -18.07
CA SER E 473 -3.08 -35.93 -18.33
C SER E 473 -3.42 -36.76 -17.08
N GLY E 474 -3.64 -36.11 -15.93
CA GLY E 474 -3.99 -36.76 -14.66
C GLY E 474 -5.48 -37.01 -14.56
N THR E 475 -5.95 -37.26 -13.37
CA THR E 475 -7.39 -37.49 -13.11
C THR E 475 -8.01 -36.25 -12.47
N TYR E 476 -9.33 -36.22 -12.46
CA TYR E 476 -10.09 -35.02 -12.07
C TYR E 476 -11.47 -35.51 -11.66
N GLY E 477 -12.21 -34.66 -10.97
CA GLY E 477 -13.52 -35.05 -10.48
C GLY E 477 -14.61 -34.26 -11.16
N THR E 478 -15.58 -33.79 -10.39
CA THR E 478 -16.72 -33.03 -10.90
C THR E 478 -16.94 -31.78 -10.05
N GLY E 479 -17.71 -30.85 -10.60
CA GLY E 479 -18.07 -29.60 -9.95
C GLY E 479 -18.84 -28.72 -10.93
N SER E 480 -19.25 -27.56 -10.46
CA SER E 480 -19.70 -26.44 -11.31
C SER E 480 -19.08 -25.18 -10.73
N TRP E 481 -18.50 -24.33 -11.55
CA TRP E 481 -17.85 -23.07 -11.10
C TRP E 481 -18.47 -21.88 -11.81
N PRO E 482 -19.73 -21.51 -11.45
CA PRO E 482 -20.41 -20.39 -12.08
C PRO E 482 -19.91 -19.04 -11.56
N ASP E 483 -20.52 -17.97 -12.01
CA ASP E 483 -20.19 -16.59 -11.60
C ASP E 483 -20.38 -16.44 -10.09
N GLY E 484 -21.58 -16.73 -9.59
CA GLY E 484 -21.85 -16.77 -8.15
C GLY E 484 -22.37 -15.46 -7.55
N ALA E 485 -22.52 -14.39 -8.31
CA ALA E 485 -23.08 -13.12 -7.77
C ALA E 485 -24.61 -13.18 -7.65
N ASP E 486 -25.15 -12.52 -6.64
CA ASP E 486 -26.61 -12.40 -6.43
C ASP E 486 -27.09 -11.02 -6.91
N LEU E 487 -27.59 -10.93 -8.14
CA LEU E 487 -27.88 -9.61 -8.76
C LEU E 487 -29.10 -8.99 -8.08
N ASN E 488 -29.89 -9.75 -7.33
CA ASN E 488 -31.01 -9.20 -6.53
C ASN E 488 -30.49 -8.28 -5.41
N LEU E 489 -29.28 -8.52 -4.93
CA LEU E 489 -28.76 -7.90 -3.68
C LEU E 489 -27.81 -6.75 -3.97
N MET E 490 -27.14 -6.76 -5.12
CA MET E 490 -25.96 -5.88 -5.35
C MET E 490 -26.31 -4.64 -6.17
N PRO E 491 -25.35 -3.69 -6.36
CA PRO E 491 -25.62 -2.40 -7.03
C PRO E 491 -26.30 -2.50 -8.41
N ILE E 492 -27.38 -1.73 -8.56
CA ILE E 492 -28.34 -1.83 -9.68
C ILE E 492 -27.73 -1.20 -10.95
N ALA F 105 22.87 0.36 -19.13
CA ALA F 105 22.13 1.50 -19.75
C ALA F 105 23.11 2.48 -20.40
N GLU F 106 22.71 3.06 -21.52
CA GLU F 106 23.42 4.20 -22.18
C GLU F 106 22.51 5.42 -22.23
N TYR F 107 23.07 6.61 -22.43
CA TYR F 107 22.25 7.81 -22.67
C TYR F 107 21.54 7.74 -24.02
N ARG F 108 20.28 8.22 -24.04
CA ARG F 108 19.53 8.52 -25.28
C ARG F 108 20.27 9.57 -26.11
N ASN F 109 20.33 9.35 -27.42
CA ASN F 109 20.84 10.36 -28.37
C ASN F 109 19.78 10.73 -29.43
N TRP F 110 18.69 9.96 -29.61
CA TRP F 110 17.61 10.22 -30.61
C TRP F 110 18.15 10.39 -32.03
N SER F 111 19.33 9.87 -32.40
CA SER F 111 19.96 10.02 -33.73
C SER F 111 19.40 8.87 -34.63
N LYS F 112 18.11 8.89 -34.83
CA LYS F 112 17.39 8.19 -35.93
C LYS F 112 16.57 9.23 -36.69
N PRO F 113 16.28 9.04 -38.00
CA PRO F 113 15.38 9.94 -38.72
C PRO F 113 13.96 9.91 -38.16
N GLN F 114 13.22 10.99 -38.36
CA GLN F 114 11.79 11.04 -38.00
C GLN F 114 11.04 10.04 -38.88
N CYS F 115 10.11 9.29 -38.29
CA CYS F 115 9.27 8.29 -39.01
C CYS F 115 8.44 8.98 -40.10
N ASP F 116 8.12 8.24 -41.15
CA ASP F 116 7.05 8.65 -42.10
C ASP F 116 5.71 8.70 -41.35
N ILE F 117 5.00 9.80 -41.49
CA ILE F 117 3.71 9.99 -40.80
C ILE F 117 2.68 10.30 -41.89
N THR F 118 1.62 9.50 -41.93
CA THR F 118 0.42 9.72 -42.78
C THR F 118 -0.68 10.32 -41.93
N GLY F 119 -0.47 10.36 -40.62
CA GLY F 119 -1.48 10.76 -39.63
C GLY F 119 -1.21 10.02 -38.34
N PHE F 120 -2.20 9.89 -37.50
CA PHE F 120 -2.04 9.38 -36.12
C PHE F 120 -3.07 8.29 -35.86
N ALA F 121 -2.65 7.25 -35.15
CA ALA F 121 -3.52 6.11 -34.76
C ALA F 121 -3.78 6.20 -33.26
N PRO F 122 -4.95 5.77 -32.75
CA PRO F 122 -5.22 5.79 -31.31
C PRO F 122 -4.21 4.90 -30.55
N PHE F 123 -3.74 5.39 -29.41
CA PHE F 123 -2.71 4.71 -28.60
C PHE F 123 -3.19 4.45 -27.17
N SER F 124 -3.79 5.42 -26.48
CA SER F 124 -4.15 5.25 -25.05
C SER F 124 -5.23 6.21 -24.64
N LYS F 125 -6.05 5.84 -23.68
CA LYS F 125 -7.09 6.70 -23.09
C LYS F 125 -7.28 6.27 -21.63
N ASP F 126 -7.46 7.19 -20.71
CA ASP F 126 -7.41 6.86 -19.25
C ASP F 126 -8.82 6.71 -18.67
N ASN F 127 -9.82 7.39 -19.25
CA ASN F 127 -11.23 7.35 -18.78
C ASN F 127 -11.34 7.80 -17.32
N SER F 128 -10.43 8.64 -16.84
CA SER F 128 -10.28 8.86 -15.38
C SER F 128 -11.46 9.61 -14.79
N ILE F 129 -12.13 10.52 -15.50
CA ILE F 129 -13.33 11.19 -14.90
C ILE F 129 -14.47 10.16 -14.79
N ARG F 130 -14.65 9.29 -15.78
CA ARG F 130 -15.71 8.24 -15.72
C ARG F 130 -15.42 7.28 -14.56
N LEU F 131 -14.15 6.88 -14.37
CA LEU F 131 -13.73 6.03 -13.23
C LEU F 131 -13.90 6.76 -11.89
N SER F 132 -13.67 8.07 -11.80
CA SER F 132 -13.82 8.91 -10.58
C SER F 132 -15.23 8.82 -9.99
N ALA F 133 -16.25 8.56 -10.80
CA ALA F 133 -17.64 8.50 -10.34
C ALA F 133 -17.93 7.25 -9.51
N GLY F 134 -16.99 6.30 -9.44
CA GLY F 134 -17.13 5.08 -8.63
C GLY F 134 -15.77 4.51 -8.32
N GLY F 135 -14.95 5.28 -7.62
CA GLY F 135 -13.53 4.95 -7.42
C GLY F 135 -12.72 6.14 -6.93
N ASP F 136 -11.65 5.90 -6.19
CA ASP F 136 -10.80 6.98 -5.62
C ASP F 136 -9.74 7.36 -6.66
N ILE F 137 -10.04 8.39 -7.43
CA ILE F 137 -9.13 8.86 -8.52
C ILE F 137 -8.71 10.30 -8.16
N TRP F 138 -7.42 10.60 -8.36
CA TRP F 138 -6.83 11.94 -8.17
C TRP F 138 -7.49 13.01 -9.05
N VAL F 139 -7.77 14.18 -8.49
CA VAL F 139 -8.02 15.42 -9.27
C VAL F 139 -6.69 15.88 -9.88
N THR F 140 -6.67 16.16 -11.16
CA THR F 140 -5.45 16.55 -11.90
C THR F 140 -5.74 17.67 -12.88
N ARG F 141 -4.68 18.30 -13.36
CA ARG F 141 -4.67 19.08 -14.63
C ARG F 141 -3.25 19.07 -15.15
N GLU F 142 -3.06 19.62 -16.34
CA GLU F 142 -1.75 19.75 -17.02
C GLU F 142 -1.09 18.38 -17.10
N PRO F 143 -1.73 17.37 -17.73
CA PRO F 143 -1.11 16.08 -17.93
C PRO F 143 -0.06 16.16 -19.02
N TYR F 144 0.80 15.15 -19.05
CA TYR F 144 1.66 14.90 -20.22
C TYR F 144 2.14 13.46 -20.22
N VAL F 145 2.75 13.06 -21.32
CA VAL F 145 3.28 11.67 -21.47
C VAL F 145 4.75 11.79 -21.72
N SER F 146 5.52 10.89 -21.13
CA SER F 146 6.95 10.74 -21.44
C SER F 146 7.30 9.26 -21.27
N CYS F 147 8.25 8.76 -22.02
CA CYS F 147 8.56 7.32 -22.04
C CYS F 147 10.01 7.12 -21.58
N ASP F 148 10.25 6.10 -20.77
CA ASP F 148 11.62 5.54 -20.62
C ASP F 148 11.86 4.65 -21.85
N PRO F 149 13.05 4.05 -22.03
CA PRO F 149 13.31 3.20 -23.21
C PRO F 149 12.37 2.00 -23.39
N ASP F 150 11.64 1.58 -22.35
CA ASP F 150 10.75 0.40 -22.39
C ASP F 150 9.28 0.82 -22.44
N LYS F 151 8.85 1.74 -21.57
CA LYS F 151 7.42 2.01 -21.29
C LYS F 151 7.13 3.51 -21.36
N CYS F 152 5.91 3.87 -21.70
CA CYS F 152 5.41 5.25 -21.55
C CYS F 152 4.74 5.45 -20.18
N TYR F 153 4.82 6.67 -19.67
CA TYR F 153 4.27 7.08 -18.38
C TYR F 153 3.36 8.27 -18.60
N GLN F 154 2.26 8.29 -17.88
CA GLN F 154 1.41 9.49 -17.80
C GLN F 154 1.82 10.26 -16.54
N PHE F 155 1.85 11.56 -16.69
CA PHE F 155 2.19 12.52 -15.63
C PHE F 155 1.02 13.46 -15.53
N ALA F 156 0.77 13.95 -14.34
CA ALA F 156 -0.12 15.12 -14.18
C ALA F 156 0.24 15.86 -12.91
N LEU F 157 -0.23 17.08 -12.81
CA LEU F 157 -0.14 17.82 -11.54
C LEU F 157 -1.41 17.50 -10.75
N GLY F 158 -1.26 16.76 -9.65
CA GLY F 158 -2.36 16.50 -8.72
C GLY F 158 -2.80 17.77 -8.04
N GLN F 159 -3.98 17.75 -7.44
CA GLN F 159 -4.48 18.88 -6.63
C GLN F 159 -4.50 18.46 -5.15
N GLY F 160 -3.66 17.49 -4.72
CA GLY F 160 -3.61 16.98 -3.35
C GLY F 160 -4.96 16.45 -2.86
N THR F 161 -5.77 15.87 -3.75
CA THR F 161 -7.14 15.42 -3.44
C THR F 161 -7.59 14.37 -4.47
N THR F 162 -8.51 13.50 -4.09
CA THR F 162 -9.26 12.66 -5.03
C THR F 162 -10.51 13.44 -5.44
N LEU F 163 -11.24 12.96 -6.46
CA LEU F 163 -12.37 13.74 -7.02
C LEU F 163 -13.57 13.65 -6.08
N ASN F 164 -13.94 12.45 -5.65
CA ASN F 164 -15.06 12.28 -4.69
C ASN F 164 -14.48 12.47 -3.28
N ASN F 165 -14.35 13.73 -2.89
CA ASN F 165 -13.58 14.20 -1.72
C ASN F 165 -14.02 15.63 -1.42
N VAL F 166 -14.07 16.07 -0.17
CA VAL F 166 -14.41 17.50 0.15
C VAL F 166 -13.32 18.42 -0.43
N HIS F 167 -12.07 17.99 -0.49
CA HIS F 167 -10.94 18.85 -0.92
C HIS F 167 -10.95 19.11 -2.44
N SER F 168 -11.83 18.50 -3.22
CA SER F 168 -11.91 18.71 -4.70
C SER F 168 -12.62 20.02 -5.02
N ASN F 169 -13.31 20.64 -4.08
CA ASN F 169 -13.86 22.02 -4.24
C ASN F 169 -12.74 23.03 -4.56
N ASN F 170 -13.03 24.03 -5.40
CA ASN F 170 -12.09 25.14 -5.76
C ASN F 170 -10.81 24.64 -6.45
N THR F 171 -10.79 23.48 -7.08
CA THR F 171 -9.58 22.95 -7.76
C THR F 171 -9.37 23.57 -9.15
N VAL F 172 -10.10 24.63 -9.49
CA VAL F 172 -9.80 25.52 -10.64
C VAL F 172 -8.50 26.31 -10.39
N ARG F 173 -8.13 26.59 -9.13
CA ARG F 173 -6.85 27.25 -8.75
C ARG F 173 -5.66 26.44 -9.26
N ASP F 174 -4.72 27.08 -9.92
CA ASP F 174 -3.62 26.35 -10.60
C ASP F 174 -2.40 26.23 -9.70
N ARG F 175 -2.20 27.11 -8.71
CA ARG F 175 -0.98 27.06 -7.85
C ARG F 175 -1.41 26.97 -6.38
N THR F 176 -1.05 25.87 -5.72
CA THR F 176 -1.35 25.62 -4.28
C THR F 176 -0.19 24.82 -3.71
N PRO F 177 0.03 24.83 -2.36
CA PRO F 177 1.12 24.06 -1.77
C PRO F 177 0.92 22.55 -1.86
N TYR F 178 -0.30 22.10 -2.18
CA TYR F 178 -0.70 20.67 -2.15
C TYR F 178 -0.46 19.99 -3.49
N ARG F 179 -0.14 20.72 -4.56
CA ARG F 179 0.03 20.16 -5.92
C ARG F 179 1.33 19.37 -5.95
N THR F 180 1.28 18.20 -6.56
CA THR F 180 2.41 17.25 -6.65
C THR F 180 2.41 16.68 -8.05
N LEU F 181 3.56 16.27 -8.54
CA LEU F 181 3.63 15.58 -9.84
C LEU F 181 3.28 14.10 -9.63
N LEU F 182 2.18 13.65 -10.22
CA LEU F 182 1.78 12.22 -10.23
C LEU F 182 2.46 11.51 -11.40
N MET F 183 2.92 10.28 -11.19
CA MET F 183 3.54 9.47 -12.26
C MET F 183 3.01 8.03 -12.22
N ASN F 184 2.48 7.56 -13.34
CA ASN F 184 2.01 6.16 -13.53
C ASN F 184 2.51 5.67 -14.88
N GLU F 185 2.60 4.37 -15.08
CA GLU F 185 2.65 3.80 -16.45
C GLU F 185 1.40 4.29 -17.22
N LEU F 186 1.58 4.57 -18.50
CA LEU F 186 0.48 5.10 -19.34
C LEU F 186 -0.67 4.08 -19.39
N GLY F 187 -1.87 4.52 -19.11
CA GLY F 187 -3.05 3.64 -19.11
C GLY F 187 -3.44 3.17 -17.73
N VAL F 188 -2.54 3.23 -16.75
CA VAL F 188 -2.94 3.05 -15.33
C VAL F 188 -3.48 4.39 -14.86
N PRO F 189 -4.77 4.50 -14.49
CA PRO F 189 -5.32 5.78 -14.07
C PRO F 189 -4.71 6.23 -12.74
N PHE F 190 -4.89 7.49 -12.36
CA PHE F 190 -4.31 8.01 -11.10
C PHE F 190 -5.21 7.61 -9.93
N HIS F 191 -5.03 6.38 -9.45
CA HIS F 191 -5.66 5.78 -8.24
C HIS F 191 -4.78 6.09 -7.00
N LEU F 192 -5.22 5.72 -5.80
CA LEU F 192 -4.50 6.05 -4.53
C LEU F 192 -3.12 5.39 -4.39
N GLY F 193 -2.77 4.38 -5.16
CA GLY F 193 -1.42 3.82 -5.14
C GLY F 193 -0.43 4.59 -6.00
N THR F 194 -0.85 5.67 -6.66
CA THR F 194 0.01 6.51 -7.55
C THR F 194 1.14 7.19 -6.75
N LYS F 195 2.35 7.16 -7.26
CA LYS F 195 3.51 7.90 -6.69
C LYS F 195 3.43 9.39 -7.01
N GLN F 196 3.39 10.22 -5.97
CA GLN F 196 3.72 11.67 -6.05
C GLN F 196 5.24 11.79 -6.13
N VAL F 197 5.82 12.21 -7.24
CA VAL F 197 7.31 12.18 -7.39
C VAL F 197 7.95 13.46 -6.84
N CYS F 198 7.20 14.55 -6.69
CA CYS F 198 7.76 15.83 -6.17
C CYS F 198 6.63 16.82 -5.86
N ILE F 199 6.94 17.87 -5.12
CA ILE F 199 5.99 19.00 -4.91
C ILE F 199 6.09 19.90 -6.15
N ALA F 200 4.95 20.19 -6.79
CA ALA F 200 4.97 20.90 -8.10
C ALA F 200 3.62 21.46 -8.45
N TRP F 201 3.57 22.77 -8.77
CA TRP F 201 2.42 23.32 -9.51
C TRP F 201 2.79 23.64 -10.96
N SER F 202 4.02 23.36 -11.36
CA SER F 202 4.46 23.39 -12.77
C SER F 202 5.56 22.36 -12.90
N SER F 203 5.61 21.59 -13.99
CA SER F 203 6.68 20.57 -14.12
C SER F 203 7.06 20.22 -15.55
N SER F 204 8.15 19.50 -15.62
CA SER F 204 8.58 18.81 -16.85
C SER F 204 9.32 17.56 -16.40
N SER F 205 9.26 16.48 -17.16
CA SER F 205 9.97 15.22 -16.82
C SER F 205 10.53 14.67 -18.10
N CYS F 206 11.62 13.97 -17.99
CA CYS F 206 12.17 13.20 -19.12
C CYS F 206 13.13 12.15 -18.60
N HIS F 207 13.35 11.14 -19.40
CA HIS F 207 14.29 10.06 -19.09
C HIS F 207 15.47 10.23 -20.02
N ASP F 208 16.68 10.22 -19.50
CA ASP F 208 17.89 10.49 -20.31
C ASP F 208 18.43 9.18 -20.91
N GLY F 209 17.75 8.04 -20.71
CA GLY F 209 18.27 6.71 -21.07
C GLY F 209 18.85 5.96 -19.88
N LYS F 210 19.25 6.64 -18.81
CA LYS F 210 19.69 6.02 -17.53
C LYS F 210 18.65 6.24 -16.43
N ALA F 211 18.09 7.44 -16.30
CA ALA F 211 17.17 7.75 -15.19
C ALA F 211 16.22 8.90 -15.53
N TRP F 212 15.19 9.02 -14.72
CA TRP F 212 14.24 10.15 -14.78
C TRP F 212 14.84 11.44 -14.20
N LEU F 213 14.63 12.54 -14.91
CA LEU F 213 14.75 13.93 -14.41
C LEU F 213 13.35 14.47 -14.25
N HIS F 214 13.02 14.97 -13.07
CA HIS F 214 11.81 15.78 -12.86
C HIS F 214 12.26 17.20 -12.52
N VAL F 215 11.65 18.17 -13.19
CA VAL F 215 11.84 19.61 -12.90
C VAL F 215 10.54 20.06 -12.25
N CYS F 216 10.62 20.47 -11.01
CA CYS F 216 9.44 20.61 -10.14
C CYS F 216 9.41 22.03 -9.57
N ILE F 217 8.39 22.80 -9.90
CA ILE F 217 8.33 24.22 -9.42
C ILE F 217 7.22 24.32 -8.39
N THR F 218 7.54 24.91 -7.24
CA THR F 218 6.52 25.19 -6.19
C THR F 218 6.93 26.41 -5.39
N GLY F 219 6.10 26.81 -4.44
CA GLY F 219 6.37 27.94 -3.54
C GLY F 219 5.54 29.13 -3.88
N ASP F 220 5.95 30.29 -3.40
CA ASP F 220 5.20 31.57 -3.61
C ASP F 220 5.26 31.96 -5.08
N ASP F 221 4.19 32.59 -5.59
CA ASP F 221 4.17 33.15 -6.97
C ASP F 221 5.36 34.07 -7.19
N LYS F 222 5.62 34.96 -6.24
CA LYS F 222 6.69 35.98 -6.40
C LYS F 222 8.06 35.41 -6.02
N ASN F 223 8.17 34.16 -5.60
CA ASN F 223 9.49 33.65 -5.15
C ASN F 223 9.52 32.12 -5.21
N ALA F 224 9.23 31.56 -6.38
CA ALA F 224 9.11 30.08 -6.56
C ALA F 224 10.49 29.43 -6.60
N THR F 225 10.54 28.15 -6.28
CA THR F 225 11.76 27.31 -6.38
C THR F 225 11.52 26.27 -7.46
N ALA F 226 12.46 26.09 -8.37
CA ALA F 226 12.52 24.89 -9.21
C ALA F 226 13.49 23.89 -8.57
N SER F 227 13.03 22.70 -8.21
CA SER F 227 13.86 21.56 -7.74
C SER F 227 14.15 20.66 -8.93
N PHE F 228 15.37 20.19 -9.06
CA PHE F 228 15.81 19.23 -10.11
C PHE F 228 16.05 17.90 -9.41
N ILE F 229 15.16 16.94 -9.66
CA ILE F 229 15.24 15.58 -9.04
C ILE F 229 15.68 14.59 -10.11
N TYR F 230 16.78 13.93 -9.89
CA TYR F 230 17.34 12.97 -10.84
C TYR F 230 17.71 11.68 -10.13
N ASN F 231 17.32 10.57 -10.73
CA ASN F 231 17.51 9.21 -10.18
C ASN F 231 17.04 9.18 -8.72
N GLY F 232 15.88 9.71 -8.45
CA GLY F 232 15.23 9.62 -7.13
C GLY F 232 15.75 10.62 -6.10
N ARG F 233 16.70 11.50 -6.40
CA ARG F 233 17.23 12.46 -5.38
C ARG F 233 17.32 13.89 -5.91
N LEU F 234 17.11 14.87 -5.03
CA LEU F 234 17.26 16.31 -5.33
C LEU F 234 18.73 16.61 -5.60
N VAL F 235 19.06 17.08 -6.80
CA VAL F 235 20.46 17.35 -7.21
C VAL F 235 20.70 18.85 -7.27
N ASP F 236 19.68 19.65 -7.56
CA ASP F 236 19.87 21.09 -7.79
C ASP F 236 18.57 21.84 -7.59
N SER F 237 18.68 23.15 -7.47
CA SER F 237 17.50 24.04 -7.39
C SER F 237 17.86 25.45 -7.81
N VAL F 238 16.85 26.19 -8.26
CA VAL F 238 17.05 27.60 -8.68
C VAL F 238 15.84 28.39 -8.24
N VAL F 239 16.06 29.62 -7.81
CA VAL F 239 14.94 30.52 -7.45
C VAL F 239 14.43 31.25 -8.72
N SER F 240 13.15 31.59 -8.71
CA SER F 240 12.51 32.61 -9.59
C SER F 240 13.45 33.81 -9.83
N TRP F 241 13.84 34.06 -11.08
CA TRP F 241 14.74 35.17 -11.47
C TRP F 241 13.99 36.48 -11.69
N SER F 242 12.71 36.46 -12.06
CA SER F 242 11.92 37.68 -12.34
C SER F 242 10.81 37.89 -11.32
N LYS F 243 10.67 36.98 -10.36
CA LYS F 243 9.77 37.10 -9.18
C LYS F 243 8.33 37.19 -9.63
N GLU F 244 7.94 36.44 -10.67
CA GLU F 244 6.56 36.53 -11.20
C GLU F 244 6.20 35.21 -11.88
N ILE F 245 5.96 34.20 -11.05
CA ILE F 245 5.54 32.82 -11.41
C ILE F 245 6.59 32.20 -12.35
N LEU F 246 7.67 31.68 -11.78
CA LEU F 246 8.56 30.79 -12.52
C LEU F 246 7.71 29.61 -13.02
N ARG F 247 7.83 29.23 -14.28
CA ARG F 247 6.94 28.18 -14.86
C ARG F 247 7.70 27.46 -15.97
N THR F 248 7.29 26.23 -16.25
CA THR F 248 8.01 25.40 -17.25
C THR F 248 6.98 24.74 -18.18
N GLN F 249 7.40 23.68 -18.85
CA GLN F 249 6.76 23.20 -20.09
C GLN F 249 5.36 22.61 -19.89
N GLU F 250 5.07 21.94 -18.76
CA GLU F 250 3.89 21.06 -18.55
C GLU F 250 3.89 19.92 -19.59
N SER F 251 5.07 19.48 -20.04
CA SER F 251 5.26 18.35 -20.98
C SER F 251 6.70 17.86 -20.90
N GLU F 252 7.05 16.84 -21.66
CA GLU F 252 8.37 16.22 -21.52
C GLU F 252 9.51 17.16 -21.93
N CYS F 253 10.59 17.11 -21.17
CA CYS F 253 11.89 17.70 -21.54
C CYS F 253 12.59 16.73 -22.48
N VAL F 254 13.75 17.09 -23.01
CA VAL F 254 14.42 16.27 -24.04
C VAL F 254 15.87 16.17 -23.65
N CYS F 255 16.43 14.98 -23.69
CA CYS F 255 17.83 14.72 -23.31
C CYS F 255 18.57 14.14 -24.50
N ILE F 256 19.74 14.68 -24.83
CA ILE F 256 20.64 14.11 -25.87
C ILE F 256 22.01 13.96 -25.23
N ASN F 257 22.60 12.76 -25.31
CA ASN F 257 23.92 12.45 -24.73
C ASN F 257 24.00 12.87 -23.25
N GLY F 258 22.93 12.71 -22.48
CA GLY F 258 22.94 12.95 -21.03
C GLY F 258 22.77 14.40 -20.64
N THR F 259 22.62 15.31 -21.59
CA THR F 259 22.23 16.71 -21.32
C THR F 259 20.75 16.86 -21.61
N CYS F 260 19.97 17.21 -20.60
CA CYS F 260 18.53 17.49 -20.75
C CYS F 260 18.32 19.01 -20.87
N THR F 261 17.42 19.43 -21.73
CA THR F 261 17.06 20.86 -21.86
C THR F 261 15.62 21.04 -21.43
N VAL F 262 15.40 22.11 -20.69
CA VAL F 262 14.04 22.50 -20.28
C VAL F 262 13.93 24.00 -20.51
N VAL F 263 12.77 24.43 -20.99
CA VAL F 263 12.48 25.87 -21.20
C VAL F 263 11.69 26.36 -19.99
N MET F 264 12.17 27.44 -19.40
CA MET F 264 11.55 28.02 -18.18
C MET F 264 11.33 29.50 -18.41
N THR F 265 10.21 30.00 -17.96
CA THR F 265 9.83 31.42 -18.12
C THR F 265 9.46 31.99 -16.76
N ASP F 266 9.78 33.27 -16.57
CA ASP F 266 9.37 34.02 -15.37
C ASP F 266 8.97 35.41 -15.85
N GLY F 267 7.96 36.05 -15.27
CA GLY F 267 7.52 37.36 -15.77
C GLY F 267 6.09 37.37 -16.25
N ASN F 268 5.71 38.41 -16.98
CA ASN F 268 4.30 38.74 -17.29
C ASN F 268 3.58 37.61 -18.04
N ALA F 269 2.32 37.36 -17.68
CA ALA F 269 1.39 36.47 -18.42
C ALA F 269 1.03 37.09 -19.78
N THR F 270 0.75 38.40 -19.84
CA THR F 270 0.28 39.08 -21.07
C THR F 270 1.09 40.36 -21.25
N GLY F 271 2.38 40.17 -21.51
CA GLY F 271 3.41 41.21 -21.57
C GLY F 271 4.79 40.59 -21.65
N LYS F 272 5.85 41.40 -21.64
CA LYS F 272 7.26 40.91 -21.70
C LYS F 272 7.58 39.99 -20.50
N ALA F 273 8.24 38.87 -20.76
CA ALA F 273 8.68 37.88 -19.75
C ALA F 273 10.11 37.44 -20.04
N ASP F 274 10.80 36.89 -19.05
CA ASP F 274 12.20 36.40 -19.18
C ASP F 274 12.20 34.89 -19.35
N THR F 275 12.60 34.41 -20.52
CA THR F 275 12.66 32.96 -20.83
C THR F 275 14.12 32.52 -20.84
N LYS F 276 14.41 31.43 -20.15
CA LYS F 276 15.75 30.81 -20.16
C LYS F 276 15.64 29.33 -20.52
N ILE F 277 16.69 28.82 -21.11
CA ILE F 277 16.82 27.39 -21.45
C ILE F 277 17.91 26.85 -20.53
N LEU F 278 17.56 25.87 -19.70
CA LEU F 278 18.51 25.28 -18.74
C LEU F 278 19.04 23.97 -19.33
N PHE F 279 20.34 23.76 -19.24
CA PHE F 279 21.03 22.53 -19.66
C PHE F 279 21.41 21.77 -18.40
N ILE F 280 20.93 20.53 -18.29
CA ILE F 280 20.94 19.78 -17.01
C ILE F 280 21.59 18.43 -17.24
N GLU F 281 22.61 18.10 -16.45
CA GLU F 281 23.34 16.82 -16.58
C GLU F 281 23.27 16.07 -15.26
N GLU F 282 22.61 14.91 -15.28
CA GLU F 282 22.33 14.05 -14.10
C GLU F 282 21.73 14.90 -12.96
N GLY F 283 20.83 15.82 -13.30
CA GLY F 283 20.12 16.68 -12.34
C GLY F 283 20.84 17.98 -12.01
N LYS F 284 22.11 18.17 -12.37
CA LYS F 284 22.89 19.41 -12.09
C LYS F 284 22.68 20.42 -13.22
N ILE F 285 22.32 21.66 -12.92
CA ILE F 285 22.26 22.75 -13.93
C ILE F 285 23.69 23.07 -14.35
N VAL F 286 24.08 22.78 -15.58
CA VAL F 286 25.46 23.02 -16.09
C VAL F 286 25.52 24.31 -16.91
N HIS F 287 24.41 24.76 -17.50
CA HIS F 287 24.38 25.99 -18.33
C HIS F 287 22.99 26.59 -18.34
N THR F 288 22.92 27.90 -18.57
CA THR F 288 21.64 28.63 -18.70
C THR F 288 21.77 29.66 -19.82
N SER F 289 21.00 29.47 -20.88
CA SER F 289 20.96 30.38 -22.05
C SER F 289 19.71 31.24 -21.97
N THR F 290 19.83 32.53 -22.22
CA THR F 290 18.66 33.41 -22.41
C THR F 290 18.03 33.13 -23.78
N LEU F 291 16.70 33.24 -23.89
CA LEU F 291 16.00 33.18 -25.20
C LEU F 291 16.50 34.28 -26.14
N SER F 292 17.16 33.94 -27.26
CA SER F 292 17.50 34.83 -28.40
C SER F 292 16.58 34.54 -29.60
N GLY F 293 16.64 35.39 -30.63
CA GLY F 293 15.77 35.28 -31.81
C GLY F 293 14.53 36.16 -31.67
N SER F 294 13.53 35.95 -32.53
CA SER F 294 12.39 36.89 -32.69
C SER F 294 11.12 36.45 -31.98
N ALA F 295 11.10 35.34 -31.24
CA ALA F 295 9.90 34.97 -30.45
C ALA F 295 9.70 35.98 -29.31
N GLN F 296 8.58 36.67 -29.26
CA GLN F 296 8.35 37.79 -28.32
C GLN F 296 7.72 37.32 -27.00
N HIS F 297 7.05 36.17 -26.96
CA HIS F 297 6.49 35.60 -25.71
C HIS F 297 6.49 34.09 -25.82
N VAL F 298 7.09 33.39 -24.85
CA VAL F 298 7.33 31.92 -24.94
C VAL F 298 6.91 31.24 -23.62
N GLU F 299 5.79 30.52 -23.65
CA GLU F 299 5.25 29.71 -22.53
C GLU F 299 5.13 28.25 -22.94
N GLU F 300 5.13 27.33 -21.98
CA GLU F 300 4.60 25.94 -22.09
C GLU F 300 5.07 25.22 -23.34
N CYS F 301 6.36 25.27 -23.61
CA CYS F 301 6.93 24.67 -24.82
C CYS F 301 6.62 23.17 -24.90
N SER F 302 6.32 22.71 -26.10
CA SER F 302 6.21 21.29 -26.46
C SER F 302 7.45 20.96 -27.25
N CYS F 303 8.38 20.21 -26.69
CA CYS F 303 9.71 20.05 -27.29
C CYS F 303 9.89 18.62 -27.81
N TYR F 304 10.68 18.49 -28.84
CA TYR F 304 11.00 17.18 -29.42
C TYR F 304 12.45 17.12 -29.81
N PRO F 305 13.10 15.95 -29.70
CA PRO F 305 14.42 15.77 -30.25
C PRO F 305 14.34 15.86 -31.78
N ARG F 306 15.31 16.58 -32.34
CA ARG F 306 15.45 16.82 -33.78
C ARG F 306 16.94 16.86 -34.00
N TYR F 307 17.55 15.69 -33.82
CA TYR F 307 19.00 15.50 -33.66
C TYR F 307 19.73 16.24 -34.80
N PRO F 308 20.82 17.01 -34.53
CA PRO F 308 21.48 17.09 -33.23
C PRO F 308 20.86 17.97 -32.15
N GLY F 309 19.79 18.70 -32.46
CA GLY F 309 19.22 19.68 -31.52
C GLY F 309 17.90 19.28 -30.91
N VAL F 310 17.29 20.22 -30.23
CA VAL F 310 15.91 20.12 -29.70
C VAL F 310 15.11 21.25 -30.33
N ARG F 311 13.89 20.95 -30.74
CA ARG F 311 12.97 21.97 -31.29
C ARG F 311 11.75 22.03 -30.39
N CYS F 312 11.28 23.22 -30.12
CA CYS F 312 10.13 23.45 -29.22
C CYS F 312 9.11 24.31 -29.95
N VAL F 313 7.85 23.90 -29.91
CA VAL F 313 6.75 24.74 -30.39
C VAL F 313 5.96 25.14 -29.15
N CYS F 314 5.71 26.43 -28.98
CA CYS F 314 5.38 26.98 -27.66
C CYS F 314 4.08 27.78 -27.75
N ARG F 315 3.75 28.45 -26.67
CA ARG F 315 2.55 29.30 -26.57
C ARG F 315 3.03 30.76 -26.50
N ASP F 316 2.47 31.63 -27.32
CA ASP F 316 2.63 33.09 -27.18
C ASP F 316 1.35 33.60 -26.54
N ASN F 317 1.47 34.15 -25.34
CA ASN F 317 0.30 34.51 -24.53
C ASN F 317 -0.03 36.00 -24.69
N TRP F 318 0.67 36.71 -25.57
CA TRP F 318 0.66 38.20 -25.61
C TRP F 318 0.26 38.73 -26.99
N LYS F 319 0.97 38.33 -28.04
CA LYS F 319 0.93 38.97 -29.38
C LYS F 319 0.57 37.98 -30.50
N GLY F 320 0.99 36.71 -30.41
CA GLY F 320 0.77 35.72 -31.46
C GLY F 320 -0.44 34.83 -31.21
N SER F 321 -1.25 34.58 -32.23
CA SER F 321 -2.03 33.32 -32.34
C SER F 321 -1.30 32.31 -33.23
N ASN F 322 -0.27 32.74 -33.93
CA ASN F 322 0.78 31.83 -34.44
C ASN F 322 1.65 31.39 -33.25
N ARG F 323 2.28 30.22 -33.35
CA ARG F 323 3.03 29.64 -32.21
C ARG F 323 4.49 29.96 -32.36
N PRO F 324 5.22 30.34 -31.28
CA PRO F 324 6.66 30.44 -31.31
C PRO F 324 7.34 29.08 -31.55
N ILE F 325 8.47 29.14 -32.22
CA ILE F 325 9.46 28.04 -32.30
C ILE F 325 10.67 28.49 -31.48
N VAL F 326 11.21 27.60 -30.67
CA VAL F 326 12.56 27.75 -30.07
C VAL F 326 13.41 26.60 -30.57
N ASP F 327 14.54 26.91 -31.16
CA ASP F 327 15.55 25.93 -31.61
C ASP F 327 16.72 25.98 -30.64
N ILE F 328 17.08 24.84 -30.09
CA ILE F 328 18.06 24.74 -28.99
C ILE F 328 19.21 23.90 -29.49
N ASN F 329 20.39 24.50 -29.57
CA ASN F 329 21.63 23.78 -29.85
C ASN F 329 22.15 23.13 -28.57
N ILE F 330 22.33 21.81 -28.56
CA ILE F 330 22.74 21.04 -27.34
C ILE F 330 24.25 21.18 -27.10
N LYS F 331 25.05 21.38 -28.14
CA LYS F 331 26.53 21.37 -28.02
C LYS F 331 27.04 22.73 -27.54
N ASP F 332 26.60 23.82 -28.17
CA ASP F 332 27.15 25.17 -27.88
C ASP F 332 26.14 26.05 -27.14
N HIS F 333 25.01 25.46 -26.74
CA HIS F 333 23.95 26.06 -25.91
C HIS F 333 23.27 27.25 -26.61
N SER F 334 23.51 27.47 -27.90
CA SER F 334 22.94 28.63 -28.62
C SER F 334 21.45 28.43 -28.89
N ILE F 335 20.72 29.53 -28.86
CA ILE F 335 19.23 29.55 -28.96
C ILE F 335 18.87 30.42 -30.16
N VAL F 336 17.88 29.96 -30.92
CA VAL F 336 17.25 30.69 -32.05
C VAL F 336 15.75 30.61 -31.79
N SER F 337 15.00 31.62 -32.23
CA SER F 337 13.54 31.56 -32.09
C SER F 337 12.86 32.36 -33.19
N SER F 338 11.62 32.00 -33.48
CA SER F 338 10.82 32.47 -34.64
C SER F 338 9.39 31.99 -34.43
N TYR F 339 8.55 31.99 -35.47
CA TYR F 339 7.15 31.50 -35.37
C TYR F 339 6.90 30.45 -36.45
N VAL F 340 5.95 29.55 -36.17
CA VAL F 340 5.47 28.55 -37.16
C VAL F 340 4.80 29.32 -38.30
N CYS F 341 5.32 29.17 -39.52
CA CYS F 341 4.94 30.00 -40.68
C CYS F 341 3.46 29.84 -41.05
N SER F 342 2.89 28.63 -41.03
CA SER F 342 1.55 28.31 -41.63
C SER F 342 0.48 29.37 -41.35
N GLY F 343 -0.26 29.75 -42.39
CA GLY F 343 -1.41 30.67 -42.30
C GLY F 343 -2.55 30.05 -41.51
N LEU F 344 -2.60 28.72 -41.43
CA LEU F 344 -3.46 28.00 -40.46
C LEU F 344 -2.71 27.96 -39.13
N VAL F 345 -3.18 28.73 -38.15
CA VAL F 345 -2.41 28.96 -36.89
C VAL F 345 -2.91 28.00 -35.80
N GLY F 346 -2.04 27.66 -34.86
CA GLY F 346 -2.27 26.57 -33.91
C GLY F 346 -2.78 27.00 -32.56
N ASP F 347 -2.82 28.29 -32.23
CA ASP F 347 -3.21 28.75 -30.87
C ASP F 347 -4.72 28.93 -30.74
N THR F 348 -5.19 29.04 -29.51
CA THR F 348 -6.58 29.43 -29.18
C THR F 348 -6.47 30.51 -28.10
N PRO F 349 -7.04 31.72 -28.27
CA PRO F 349 -7.85 32.10 -29.42
C PRO F 349 -7.04 32.32 -30.70
N ARG F 350 -7.75 32.42 -31.82
CA ARG F 350 -7.19 32.74 -33.16
C ARG F 350 -8.30 33.28 -34.05
N LYS F 351 -7.94 33.84 -35.20
CA LYS F 351 -8.93 34.15 -36.26
C LYS F 351 -9.31 32.83 -36.99
N ASN F 352 -10.48 32.82 -37.64
CA ASN F 352 -10.90 31.68 -38.50
C ASN F 352 -9.95 31.50 -39.68
N ASP F 353 -9.99 30.34 -40.33
CA ASP F 353 -9.00 29.97 -41.36
C ASP F 353 -9.03 30.92 -42.56
N SER F 354 -10.20 31.43 -42.95
CA SER F 354 -10.31 32.36 -44.11
C SER F 354 -9.62 33.71 -43.82
N SER F 355 -9.63 34.18 -42.58
CA SER F 355 -9.16 35.54 -42.19
C SER F 355 -7.83 35.51 -41.42
N SER F 356 -7.40 34.35 -40.89
CA SER F 356 -6.12 34.24 -40.14
C SER F 356 -4.94 34.45 -41.07
N SER F 357 -3.82 34.88 -40.51
CA SER F 357 -2.55 35.04 -41.24
C SER F 357 -1.40 34.79 -40.27
N SER F 358 -0.20 34.75 -40.79
CA SER F 358 0.98 34.38 -39.99
C SER F 358 2.23 35.01 -40.56
N HIS F 359 3.30 34.95 -39.79
CA HIS F 359 4.60 35.54 -40.12
C HIS F 359 5.64 34.53 -39.67
N CYS F 360 6.74 34.36 -40.39
CA CYS F 360 7.79 33.39 -40.01
C CYS F 360 8.63 33.94 -38.85
N LEU F 361 8.71 35.27 -38.69
CA LEU F 361 9.58 35.88 -37.65
C LEU F 361 8.77 36.47 -36.50
N ASP F 362 7.58 36.99 -36.74
CA ASP F 362 6.88 37.88 -35.77
C ASP F 362 5.57 37.25 -35.29
N PRO F 363 5.07 37.66 -34.11
CA PRO F 363 3.70 37.35 -33.76
C PRO F 363 2.73 38.06 -34.72
N ASN F 364 1.62 37.42 -35.03
CA ASN F 364 0.71 37.85 -36.11
C ASN F 364 -0.17 39.02 -35.66
N ASN F 365 -0.29 39.30 -34.36
CA ASN F 365 -1.16 40.35 -33.76
C ASN F 365 -2.65 40.08 -34.08
N GLU F 366 -3.05 38.84 -34.30
CA GLU F 366 -4.47 38.46 -34.50
C GLU F 366 -4.90 37.63 -33.29
N GLU F 367 -5.81 38.11 -32.45
CA GLU F 367 -6.24 37.40 -31.21
C GLU F 367 -4.98 36.93 -30.44
N GLY F 368 -3.98 37.77 -30.34
CA GLY F 368 -2.65 37.36 -29.86
C GLY F 368 -2.64 36.99 -28.40
N GLY F 369 -3.38 37.73 -27.59
CA GLY F 369 -3.40 37.56 -26.12
C GLY F 369 -4.07 36.27 -25.71
N HIS F 370 -3.60 35.70 -24.62
CA HIS F 370 -3.98 34.35 -24.12
C HIS F 370 -3.53 33.29 -25.13
N GLY F 371 -3.80 32.04 -24.82
CA GLY F 371 -3.30 30.93 -25.64
C GLY F 371 -3.70 29.60 -25.05
N VAL F 372 -3.21 28.55 -25.64
CA VAL F 372 -3.31 27.19 -25.06
C VAL F 372 -1.99 26.50 -25.36
N LYS F 373 -1.54 25.62 -24.49
CA LYS F 373 -0.41 24.74 -24.81
C LYS F 373 -0.82 23.83 -25.97
N GLY F 374 0.04 23.75 -26.97
CA GLY F 374 -0.17 22.90 -28.12
C GLY F 374 1.14 22.50 -28.72
N TRP F 375 1.12 21.97 -29.92
CA TRP F 375 2.32 21.36 -30.53
C TRP F 375 2.25 21.50 -32.05
N ALA F 376 3.40 21.36 -32.69
CA ALA F 376 3.54 21.22 -34.13
C ALA F 376 4.90 20.56 -34.38
N PHE F 377 5.09 19.91 -35.51
CA PHE F 377 6.44 19.49 -35.91
C PHE F 377 6.56 19.61 -37.43
N ASP F 378 7.77 19.85 -37.87
CA ASP F 378 8.11 19.93 -39.32
C ASP F 378 8.16 18.52 -39.94
N ASP F 379 7.79 18.45 -41.20
CA ASP F 379 7.96 17.26 -42.06
C ASP F 379 8.47 17.77 -43.41
N GLY F 380 9.76 18.02 -43.51
CA GLY F 380 10.34 18.86 -44.57
C GLY F 380 9.79 20.27 -44.51
N ASN F 381 9.20 20.76 -45.59
CA ASN F 381 8.58 22.12 -45.63
C ASN F 381 7.17 22.05 -45.07
N ASP F 382 6.57 20.89 -44.89
CA ASP F 382 5.19 20.77 -44.36
C ASP F 382 5.22 20.84 -42.84
N VAL F 383 4.07 21.12 -42.23
CA VAL F 383 3.96 21.04 -40.76
C VAL F 383 2.80 20.12 -40.39
N TRP F 384 3.02 19.23 -39.44
CA TRP F 384 1.94 18.52 -38.72
C TRP F 384 1.64 19.29 -37.46
N MET F 385 0.39 19.56 -37.21
CA MET F 385 0.02 20.31 -36.01
C MET F 385 -1.34 19.88 -35.51
N GLY F 386 -1.55 20.05 -34.21
CA GLY F 386 -2.86 19.87 -33.59
C GLY F 386 -3.38 21.20 -33.12
N ARG F 387 -4.68 21.32 -32.96
CA ARG F 387 -5.31 22.52 -32.41
C ARG F 387 -6.75 22.22 -31.98
N THR F 388 -7.34 23.11 -31.21
CA THR F 388 -8.78 23.00 -30.87
C THR F 388 -9.58 23.25 -32.15
N ILE F 389 -10.76 22.66 -32.28
CA ILE F 389 -11.56 22.86 -33.53
C ILE F 389 -12.21 24.24 -33.48
N ASN F 390 -12.68 24.63 -32.31
CA ASN F 390 -13.20 25.99 -32.03
C ASN F 390 -12.04 26.99 -32.02
N GLU F 391 -12.25 28.18 -32.61
CA GLU F 391 -11.20 29.23 -32.68
C GLU F 391 -11.12 30.03 -31.38
N THR F 392 -12.15 30.07 -30.54
CA THR F 392 -12.20 30.99 -29.38
C THR F 392 -12.08 30.24 -28.04
N SER F 393 -12.45 28.97 -28.00
CA SER F 393 -12.48 28.21 -26.73
C SER F 393 -11.95 26.79 -26.93
N ARG F 394 -11.62 26.11 -25.84
CA ARG F 394 -10.94 24.79 -25.90
C ARG F 394 -12.02 23.71 -26.09
N LEU F 395 -12.62 23.70 -27.28
CA LEU F 395 -13.65 22.73 -27.69
C LEU F 395 -13.17 22.03 -28.95
N GLY F 396 -13.34 20.70 -28.95
CA GLY F 396 -12.84 19.82 -30.01
C GLY F 396 -11.35 19.80 -30.09
N TYR F 397 -10.84 18.87 -30.88
CA TYR F 397 -9.42 18.81 -31.21
C TYR F 397 -9.26 18.16 -32.58
N GLU F 398 -8.37 18.71 -33.39
CA GLU F 398 -8.07 18.22 -34.76
C GLU F 398 -6.58 18.23 -34.96
N THR F 399 -6.09 17.32 -35.79
CA THR F 399 -4.74 17.37 -36.36
C THR F 399 -4.87 17.43 -37.87
N PHE F 400 -3.86 17.98 -38.53
CA PHE F 400 -3.73 17.98 -40.01
C PHE F 400 -2.30 18.31 -40.38
N LYS F 401 -1.97 18.04 -41.64
CA LYS F 401 -0.72 18.52 -42.24
C LYS F 401 -1.03 19.77 -43.05
N VAL F 402 -0.21 20.82 -42.95
CA VAL F 402 -0.32 21.99 -43.85
C VAL F 402 0.82 21.90 -44.85
N ILE F 403 0.50 21.88 -46.14
CA ILE F 403 1.49 21.75 -47.24
C ILE F 403 2.32 23.05 -47.27
N GLU F 404 3.66 22.94 -47.27
CA GLU F 404 4.60 24.09 -47.15
C GLU F 404 4.38 24.90 -45.86
N GLY F 405 3.60 24.42 -44.89
CA GLY F 405 3.22 25.24 -43.72
C GLY F 405 4.37 25.47 -42.74
N TRP F 406 5.51 24.81 -42.87
CA TRP F 406 6.69 25.16 -42.06
C TRP F 406 7.49 26.30 -42.70
N SER F 407 7.43 26.50 -44.03
CA SER F 407 8.32 27.43 -44.75
C SER F 407 7.57 28.65 -45.33
N ASN F 408 6.31 28.50 -45.71
CA ASN F 408 5.53 29.52 -46.45
C ASN F 408 4.43 30.08 -45.55
N PRO F 409 4.47 31.38 -45.16
CA PRO F 409 3.47 31.94 -44.27
C PRO F 409 2.09 32.22 -44.89
N LYS F 410 2.00 32.16 -46.21
CA LYS F 410 0.71 32.39 -46.93
C LYS F 410 -0.06 31.08 -47.11
N SER F 411 0.57 29.93 -46.87
CA SER F 411 -0.03 28.59 -47.13
C SER F 411 -1.18 28.29 -46.17
N LYS F 412 -2.33 27.91 -46.75
CA LYS F 412 -3.51 27.39 -46.00
C LYS F 412 -4.00 26.08 -46.59
N LEU F 413 -3.13 25.37 -47.27
CA LEU F 413 -3.45 24.10 -47.96
C LEU F 413 -3.31 22.98 -46.94
N GLN F 414 -4.38 22.63 -46.22
CA GLN F 414 -4.32 21.44 -45.33
C GLN F 414 -4.74 20.16 -46.05
N ILE F 415 -4.21 19.04 -45.55
CA ILE F 415 -4.58 17.66 -45.93
C ILE F 415 -4.48 16.75 -44.70
N ASN F 416 -5.07 15.56 -44.73
CA ASN F 416 -4.90 14.52 -43.68
C ASN F 416 -5.48 15.02 -42.36
N ARG F 417 -6.60 15.70 -42.40
CA ARG F 417 -7.30 16.09 -41.17
C ARG F 417 -7.82 14.84 -40.44
N GLN F 418 -7.67 14.83 -39.12
CA GLN F 418 -8.32 13.86 -38.22
C GLN F 418 -9.00 14.64 -37.11
N VAL F 419 -10.26 14.37 -36.88
CA VAL F 419 -10.90 14.72 -35.59
C VAL F 419 -10.38 13.77 -34.52
N ILE F 420 -9.91 14.32 -33.41
CA ILE F 420 -9.49 13.53 -32.23
C ILE F 420 -10.63 13.63 -31.23
N VAL F 421 -11.09 14.85 -30.99
CA VAL F 421 -12.24 15.14 -30.11
C VAL F 421 -13.20 15.97 -30.96
N ASP F 422 -14.45 15.56 -31.08
CA ASP F 422 -15.41 16.32 -31.90
C ASP F 422 -15.69 17.70 -31.26
N ARG F 423 -16.15 18.66 -32.06
CA ARG F 423 -16.20 20.09 -31.68
C ARG F 423 -17.17 20.37 -30.52
N GLY F 424 -18.08 19.47 -30.18
CA GLY F 424 -19.00 19.66 -29.03
C GLY F 424 -18.39 19.23 -27.69
N ASN F 425 -17.21 18.63 -27.69
CA ASN F 425 -16.59 18.06 -26.47
C ASN F 425 -15.34 18.87 -26.07
N ARG F 426 -15.10 19.01 -24.78
CA ARG F 426 -13.98 19.80 -24.24
C ARG F 426 -12.64 19.14 -24.51
N SER F 427 -11.68 19.94 -24.95
CA SER F 427 -10.26 19.58 -24.96
C SER F 427 -9.54 20.36 -23.84
N GLY F 428 -8.35 20.88 -24.11
CA GLY F 428 -7.46 21.42 -23.07
C GLY F 428 -6.06 21.51 -23.64
N TYR F 429 -5.05 21.37 -22.80
CA TYR F 429 -3.66 21.36 -23.25
C TYR F 429 -3.42 20.16 -24.15
N SER F 430 -2.38 20.26 -24.93
CA SER F 430 -1.89 19.12 -25.71
C SER F 430 -0.41 19.30 -25.88
N GLY F 431 0.30 18.21 -26.10
CA GLY F 431 1.75 18.28 -26.20
C GLY F 431 2.25 17.11 -26.98
N ILE F 432 3.46 17.23 -27.47
CA ILE F 432 4.14 16.18 -28.22
C ILE F 432 4.92 15.31 -27.22
N PHE F 433 5.13 14.05 -27.57
CA PHE F 433 6.23 13.24 -26.99
C PHE F 433 6.77 12.36 -28.09
N SER F 434 8.00 11.94 -27.93
CA SER F 434 8.73 11.20 -28.97
C SER F 434 9.01 9.81 -28.46
N VAL F 435 8.91 8.84 -29.35
CA VAL F 435 9.10 7.41 -29.00
C VAL F 435 10.11 6.87 -29.99
N GLU F 436 11.16 6.27 -29.47
CA GLU F 436 12.16 5.65 -30.36
C GLU F 436 11.65 4.29 -30.83
N GLY F 437 11.58 4.12 -32.14
CA GLY F 437 11.24 2.83 -32.79
C GLY F 437 12.48 2.11 -33.27
N LYS F 438 12.28 1.05 -34.06
CA LYS F 438 13.40 0.19 -34.54
C LYS F 438 14.35 1.00 -35.42
N SER F 439 13.83 1.84 -36.32
CA SER F 439 14.63 2.56 -37.34
C SER F 439 14.37 4.07 -37.36
N CYS F 440 13.39 4.58 -36.63
CA CYS F 440 12.98 6.01 -36.75
C CYS F 440 12.39 6.53 -35.44
N ILE F 441 12.32 7.85 -35.29
CA ILE F 441 11.71 8.49 -34.09
C ILE F 441 10.27 8.83 -34.45
N ASN F 442 9.33 8.27 -33.70
CA ASN F 442 7.91 8.56 -33.95
C ASN F 442 7.50 9.77 -33.12
N ARG F 443 6.51 10.50 -33.60
CA ARG F 443 5.90 11.63 -32.86
C ARG F 443 4.52 11.18 -32.43
N CYS F 444 4.20 11.46 -31.18
CA CYS F 444 2.92 11.13 -30.57
C CYS F 444 2.45 12.39 -29.88
N PHE F 445 1.18 12.48 -29.57
CA PHE F 445 0.67 13.62 -28.79
C PHE F 445 -0.41 13.12 -27.84
N TYR F 446 -0.65 13.93 -26.83
CA TYR F 446 -1.73 13.72 -25.86
C TYR F 446 -2.63 14.95 -25.93
N VAL F 447 -3.89 14.75 -25.61
CA VAL F 447 -4.85 15.86 -25.42
C VAL F 447 -5.39 15.73 -23.99
N GLU F 448 -5.28 16.81 -23.24
CA GLU F 448 -5.97 16.96 -21.95
C GLU F 448 -7.45 17.19 -22.24
N LEU F 449 -8.33 16.47 -21.56
CA LEU F 449 -9.78 16.62 -21.74
C LEU F 449 -10.32 17.22 -20.44
N ILE F 450 -10.38 18.54 -20.36
CA ILE F 450 -10.71 19.24 -19.09
C ILE F 450 -12.20 19.14 -18.84
N ARG F 451 -12.59 18.79 -17.62
CA ARG F 451 -14.02 18.77 -17.21
C ARG F 451 -14.22 19.63 -15.96
N GLY F 452 -15.41 20.14 -15.80
CA GLY F 452 -15.82 20.90 -14.61
C GLY F 452 -15.55 22.38 -14.70
N ARG F 453 -15.35 23.02 -13.54
CA ARG F 453 -15.21 24.50 -13.40
C ARG F 453 -14.00 25.02 -14.19
N LYS F 454 -14.04 26.25 -14.73
CA LYS F 454 -15.09 27.26 -14.64
C LYS F 454 -16.28 26.95 -15.58
N GLU F 455 -16.04 26.30 -16.71
CA GLU F 455 -16.98 26.26 -17.86
C GLU F 455 -18.22 25.39 -17.57
N GLU F 456 -18.06 24.32 -16.79
CA GLU F 456 -19.17 23.40 -16.44
C GLU F 456 -19.48 23.57 -14.95
N THR F 457 -20.68 24.02 -14.62
CA THR F 457 -21.07 24.38 -13.23
C THR F 457 -21.94 23.30 -12.57
N GLU F 458 -22.11 22.15 -13.21
CA GLU F 458 -22.78 20.96 -12.62
C GLU F 458 -21.98 20.46 -11.40
N VAL F 459 -20.66 20.72 -11.39
CA VAL F 459 -19.71 20.17 -10.37
C VAL F 459 -18.92 21.32 -9.73
N LEU F 460 -18.29 21.07 -8.58
CA LEU F 460 -17.45 22.07 -7.87
C LEU F 460 -15.98 21.93 -8.25
N TRP F 461 -15.60 20.81 -8.86
CA TRP F 461 -14.19 20.48 -9.13
C TRP F 461 -13.82 20.81 -10.57
N THR F 462 -12.52 20.84 -10.84
CA THR F 462 -11.94 20.90 -12.19
C THR F 462 -10.98 19.72 -12.28
N SER F 463 -11.08 18.91 -13.32
CA SER F 463 -10.14 17.78 -13.48
C SER F 463 -9.98 17.44 -14.97
N ASN F 464 -9.21 16.44 -15.32
CA ASN F 464 -9.05 16.09 -16.75
C ASN F 464 -9.00 14.57 -16.93
N SER F 465 -9.39 14.10 -18.11
CA SER F 465 -8.92 12.81 -18.68
C SER F 465 -7.79 13.08 -19.67
N ILE F 466 -7.26 12.02 -20.25
CA ILE F 466 -6.28 12.12 -21.35
C ILE F 466 -6.72 11.19 -22.48
N VAL F 467 -6.38 11.58 -23.71
CA VAL F 467 -6.37 10.66 -24.87
C VAL F 467 -5.04 10.86 -25.56
N VAL F 468 -4.48 9.77 -26.07
CA VAL F 468 -3.12 9.76 -26.62
C VAL F 468 -3.15 9.09 -27.99
N PHE F 469 -2.47 9.70 -28.94
CA PHE F 469 -2.41 9.28 -30.36
C PHE F 469 -0.96 9.25 -30.76
N CYS F 470 -0.60 8.27 -31.58
CA CYS F 470 0.78 8.17 -32.07
C CYS F 470 0.80 8.23 -33.59
N GLY F 471 1.84 8.83 -34.15
CA GLY F 471 2.07 8.86 -35.60
C GLY F 471 2.08 7.46 -36.18
N THR F 472 1.50 7.31 -37.34
CA THR F 472 1.46 6.04 -38.07
C THR F 472 1.92 6.30 -39.49
N SER F 473 2.70 5.38 -40.06
CA SER F 473 2.97 5.31 -41.52
C SER F 473 1.89 4.46 -42.21
N GLY F 474 1.05 3.75 -41.45
CA GLY F 474 -0.03 2.92 -41.98
C GLY F 474 -1.30 3.71 -42.25
N THR F 475 -2.42 3.04 -42.41
CA THR F 475 -3.71 3.71 -42.64
C THR F 475 -4.53 3.71 -41.36
N TYR F 476 -5.57 4.51 -41.34
CA TYR F 476 -6.35 4.79 -40.13
C TYR F 476 -7.73 5.26 -40.58
N GLY F 477 -8.69 5.27 -39.69
CA GLY F 477 -10.05 5.65 -40.06
C GLY F 477 -10.48 6.92 -39.37
N THR F 478 -11.68 6.93 -38.82
CA THR F 478 -12.24 8.11 -38.15
C THR F 478 -12.88 7.69 -36.82
N GLY F 479 -13.13 8.67 -35.98
CA GLY F 479 -13.74 8.53 -34.66
C GLY F 479 -13.70 9.84 -33.93
N SER F 480 -14.23 9.85 -32.73
CA SER F 480 -14.02 10.90 -31.73
C SER F 480 -13.83 10.19 -30.39
N TRP F 481 -12.83 10.58 -29.61
CA TRP F 481 -12.53 9.95 -28.32
C TRP F 481 -12.53 11.00 -27.21
N PRO F 482 -13.72 11.51 -26.82
CA PRO F 482 -13.83 12.53 -25.80
C PRO F 482 -13.69 11.92 -24.39
N ASP F 483 -13.83 12.75 -23.38
CA ASP F 483 -13.75 12.36 -21.96
C ASP F 483 -14.81 11.31 -21.66
N GLY F 484 -16.07 11.62 -21.92
CA GLY F 484 -17.17 10.65 -21.81
C GLY F 484 -17.89 10.62 -20.48
N ALA F 485 -17.51 11.42 -19.48
CA ALA F 485 -18.22 11.46 -18.18
C ALA F 485 -19.50 12.30 -18.26
N ASP F 486 -20.50 11.91 -17.50
CA ASP F 486 -21.79 12.63 -17.38
C ASP F 486 -21.80 13.45 -16.08
N LEU F 487 -21.46 14.73 -16.15
CA LEU F 487 -21.27 15.55 -14.93
C LEU F 487 -22.62 15.82 -14.26
N ASN F 488 -23.73 15.61 -14.96
CA ASN F 488 -25.09 15.71 -14.36
C ASN F 488 -25.29 14.62 -13.29
N LEU F 489 -24.64 13.47 -13.44
CA LEU F 489 -24.96 12.24 -12.67
C LEU F 489 -23.97 12.02 -11.53
N MET F 490 -22.74 12.51 -11.66
CA MET F 490 -21.63 12.06 -10.78
C MET F 490 -21.36 13.04 -9.64
N PRO F 491 -20.43 12.70 -8.68
CA PRO F 491 -20.18 13.52 -7.48
C PRO F 491 -19.85 14.99 -7.78
N ILE F 492 -20.54 15.89 -7.07
CA ILE F 492 -20.55 17.36 -7.37
C ILE F 492 -19.22 17.99 -6.91
#